data_2FN5
#
_entry.id   2FN5
#
_cell.length_a   1.000
_cell.length_b   1.000
_cell.length_c   1.000
_cell.angle_alpha   90.00
_cell.angle_beta   90.00
_cell.angle_gamma   90.00
#
_symmetry.space_group_name_H-M   'P 1'
#
_entity_poly.entity_id   1
_entity_poly.type   'polypeptide(L)'
_entity_poly.pdbx_seq_one_letter_code
;GHMELFPVELEKDEDGLGISIIGMGVGADAGLEKLGIFVKTVTEGGAAQRDGRIQVNDQIVEVDGISLVGVTQNFAATVL
RNTKGNVRFVIGRE
;
_entity_poly.pdbx_strand_id   A
#
# COMPACT_ATOMS: atom_id res chain seq x y z
N GLY A 1 15.39 -13.42 3.44
CA GLY A 1 15.29 -12.69 2.19
C GLY A 1 15.81 -11.30 2.36
N HIS A 2 15.26 -10.37 1.62
CA HIS A 2 15.64 -8.98 1.69
C HIS A 2 14.40 -8.16 1.44
N MET A 3 14.25 -7.06 2.13
CA MET A 3 13.10 -6.21 1.92
C MET A 3 13.29 -5.39 0.66
N GLU A 4 12.53 -5.72 -0.32
CA GLU A 4 12.57 -5.10 -1.61
C GLU A 4 11.65 -3.92 -1.59
N LEU A 5 12.18 -2.74 -1.72
CA LEU A 5 11.34 -1.58 -1.83
C LEU A 5 11.10 -1.36 -3.30
N PHE A 6 9.90 -1.63 -3.73
CA PHE A 6 9.60 -1.64 -5.12
C PHE A 6 8.47 -0.69 -5.51
N PRO A 7 8.61 -0.04 -6.65
CA PRO A 7 7.58 0.80 -7.21
C PRO A 7 6.61 0.01 -8.08
N VAL A 8 5.36 0.21 -7.86
CA VAL A 8 4.35 -0.38 -8.67
C VAL A 8 3.49 0.71 -9.21
N GLU A 9 3.63 1.02 -10.47
CA GLU A 9 2.76 1.99 -11.05
C GLU A 9 1.57 1.26 -11.63
N LEU A 10 0.49 1.33 -10.92
CA LEU A 10 -0.69 0.62 -11.23
C LEU A 10 -1.53 1.53 -12.10
N GLU A 11 -2.22 0.99 -13.06
CA GLU A 11 -3.10 1.79 -13.86
C GLU A 11 -4.55 1.40 -13.58
N LYS A 12 -5.12 2.03 -12.60
CA LYS A 12 -6.47 1.77 -12.17
C LYS A 12 -7.52 2.52 -12.96
N ASP A 13 -8.75 2.28 -12.55
CA ASP A 13 -9.96 2.84 -13.14
C ASP A 13 -10.10 4.31 -12.71
N GLU A 14 -11.17 4.88 -13.13
CA GLU A 14 -11.48 6.26 -12.92
C GLU A 14 -12.07 6.46 -11.53
N ASP A 15 -12.57 5.37 -10.96
CA ASP A 15 -13.04 5.40 -9.58
C ASP A 15 -11.85 5.58 -8.67
N GLY A 16 -10.84 4.78 -8.92
CA GLY A 16 -9.67 4.79 -8.09
C GLY A 16 -9.21 3.40 -7.80
N LEU A 17 -9.00 3.09 -6.55
CA LEU A 17 -8.45 1.81 -6.17
C LEU A 17 -9.52 0.92 -5.64
N GLY A 18 -10.29 1.45 -4.71
CA GLY A 18 -11.29 0.68 -4.05
C GLY A 18 -10.64 -0.31 -3.11
N ILE A 19 -9.50 0.08 -2.56
CA ILE A 19 -8.79 -0.79 -1.66
C ILE A 19 -8.85 -0.26 -0.24
N SER A 20 -8.46 -1.08 0.70
CA SER A 20 -8.51 -0.75 2.10
C SER A 20 -7.17 -1.10 2.73
N ILE A 21 -6.86 -0.44 3.80
CA ILE A 21 -5.60 -0.62 4.52
C ILE A 21 -5.89 -0.98 5.96
N ILE A 22 -4.89 -1.37 6.68
CA ILE A 22 -5.08 -1.65 8.06
C ILE A 22 -3.93 -1.07 8.87
N GLY A 23 -4.27 -0.37 9.92
CA GLY A 23 -3.28 0.24 10.75
C GLY A 23 -2.96 -0.61 11.91
N MET A 24 -1.83 -1.24 11.84
CA MET A 24 -1.38 -2.13 12.88
C MET A 24 0.11 -2.05 13.01
N GLY A 25 0.56 -1.27 13.99
CA GLY A 25 1.98 -1.05 14.25
C GLY A 25 2.72 -2.34 14.36
N VAL A 26 3.55 -2.59 13.39
CA VAL A 26 4.24 -3.83 13.30
C VAL A 26 5.37 -3.94 14.31
N GLY A 27 5.23 -4.89 15.21
CA GLY A 27 6.28 -5.21 16.14
C GLY A 27 7.31 -6.04 15.43
N ALA A 28 8.10 -5.39 14.59
CA ALA A 28 9.09 -6.00 13.72
C ALA A 28 10.13 -6.80 14.47
N ASP A 29 10.31 -6.51 15.77
CA ASP A 29 11.22 -7.22 16.70
C ASP A 29 12.68 -6.83 16.48
N ALA A 30 12.99 -6.52 15.23
CA ALA A 30 14.30 -6.09 14.79
C ALA A 30 14.73 -4.80 15.48
N GLY A 31 13.77 -3.95 15.77
CA GLY A 31 14.10 -2.71 16.43
C GLY A 31 13.62 -1.50 15.67
N LEU A 32 13.53 -1.63 14.34
CA LEU A 32 13.13 -0.52 13.50
C LEU A 32 11.67 -0.26 13.69
N GLU A 33 10.86 -1.28 13.38
CA GLU A 33 9.43 -1.25 13.57
C GLU A 33 8.81 -0.12 12.79
N LYS A 34 8.74 -0.37 11.52
CA LYS A 34 8.27 0.56 10.52
C LYS A 34 6.75 0.76 10.63
N LEU A 35 6.21 1.46 9.64
CA LEU A 35 4.79 1.65 9.50
C LEU A 35 4.07 0.30 9.56
N GLY A 36 2.94 0.30 10.16
CA GLY A 36 2.19 -0.91 10.25
C GLY A 36 0.98 -0.87 9.39
N ILE A 37 1.08 -0.20 8.29
CA ILE A 37 -0.03 -0.10 7.39
C ILE A 37 0.04 -1.17 6.35
N PHE A 38 -0.71 -2.19 6.57
CA PHE A 38 -0.79 -3.28 5.66
C PHE A 38 -1.98 -3.09 4.79
N VAL A 39 -2.06 -3.83 3.73
CA VAL A 39 -3.21 -3.77 2.89
C VAL A 39 -4.29 -4.63 3.55
N LYS A 40 -5.46 -4.10 3.67
CA LYS A 40 -6.55 -4.80 4.30
C LYS A 40 -7.34 -5.53 3.26
N THR A 41 -7.70 -4.83 2.23
CA THR A 41 -8.54 -5.38 1.22
C THR A 41 -8.18 -4.67 -0.07
N VAL A 42 -8.54 -5.27 -1.14
CA VAL A 42 -8.36 -4.72 -2.43
C VAL A 42 -9.70 -4.91 -3.12
N THR A 43 -9.97 -4.16 -4.16
CA THR A 43 -11.14 -4.38 -4.97
C THR A 43 -11.07 -5.81 -5.52
N GLU A 44 -12.22 -6.37 -5.83
CA GLU A 44 -12.37 -7.73 -6.30
C GLU A 44 -11.39 -8.09 -7.42
N GLY A 45 -11.04 -7.11 -8.22
CA GLY A 45 -10.06 -7.31 -9.22
C GLY A 45 -9.54 -6.02 -9.75
N GLY A 46 -10.45 -5.28 -10.33
CA GLY A 46 -10.19 -4.10 -11.08
C GLY A 46 -9.03 -4.29 -11.97
N ALA A 47 -8.04 -3.59 -11.63
CA ALA A 47 -6.76 -3.66 -12.30
C ALA A 47 -5.67 -3.85 -11.27
N ALA A 48 -6.07 -4.07 -10.02
CA ALA A 48 -5.11 -4.19 -8.93
C ALA A 48 -4.82 -5.64 -8.69
N GLN A 49 -5.86 -6.42 -8.40
CA GLN A 49 -5.66 -7.84 -8.20
C GLN A 49 -5.57 -8.53 -9.53
N ARG A 50 -5.95 -7.81 -10.56
CA ARG A 50 -5.79 -8.27 -11.90
C ARG A 50 -4.46 -7.78 -12.48
N ASP A 51 -3.78 -6.88 -11.76
CA ASP A 51 -2.41 -6.50 -12.16
C ASP A 51 -1.48 -7.65 -11.89
N GLY A 52 -1.34 -8.00 -10.63
CA GLY A 52 -0.55 -9.13 -10.27
C GLY A 52 0.68 -8.81 -9.46
N ARG A 53 1.21 -7.61 -9.59
CA ARG A 53 2.42 -7.27 -8.87
C ARG A 53 2.06 -6.91 -7.42
N ILE A 54 0.93 -6.27 -7.23
CA ILE A 54 0.52 -5.87 -5.90
C ILE A 54 -0.38 -6.96 -5.30
N GLN A 55 -0.36 -7.09 -3.99
CA GLN A 55 -1.17 -8.06 -3.31
C GLN A 55 -1.91 -7.42 -2.15
N VAL A 56 -2.88 -8.15 -1.61
CA VAL A 56 -3.67 -7.71 -0.46
C VAL A 56 -2.90 -7.99 0.83
N ASN A 57 -1.82 -8.72 0.73
CA ASN A 57 -1.06 -9.10 1.92
C ASN A 57 0.23 -8.32 2.00
N ASP A 58 0.32 -7.29 1.20
CA ASP A 58 1.49 -6.44 1.18
C ASP A 58 1.33 -5.28 2.14
N GLN A 59 2.28 -4.38 2.13
CA GLN A 59 2.32 -3.26 3.02
C GLN A 59 2.67 -1.98 2.26
N ILE A 60 1.84 -0.97 2.41
CA ILE A 60 2.01 0.30 1.71
C ILE A 60 3.18 1.09 2.32
N VAL A 61 4.23 1.29 1.56
CA VAL A 61 5.38 2.03 2.08
C VAL A 61 5.26 3.51 1.70
N GLU A 62 5.00 3.74 0.45
CA GLU A 62 4.83 5.06 -0.05
C GLU A 62 3.90 5.06 -1.25
N VAL A 63 2.90 5.86 -1.20
CA VAL A 63 2.01 6.02 -2.30
C VAL A 63 2.05 7.45 -2.76
N ASP A 64 2.22 7.63 -4.07
CA ASP A 64 2.18 8.95 -4.75
C ASP A 64 3.31 9.88 -4.25
N GLY A 65 4.30 9.29 -3.61
CA GLY A 65 5.41 10.04 -3.06
C GLY A 65 5.08 10.71 -1.75
N ILE A 66 3.99 10.27 -1.12
CA ILE A 66 3.53 10.89 0.09
C ILE A 66 4.32 10.42 1.35
N SER A 67 5.04 9.30 1.19
CA SER A 67 5.79 8.63 2.26
C SER A 67 5.09 8.61 3.62
N LEU A 68 4.19 7.68 3.75
CA LEU A 68 3.36 7.51 4.90
C LEU A 68 3.99 6.54 5.93
N VAL A 69 5.29 6.61 6.04
CA VAL A 69 6.07 5.74 6.91
C VAL A 69 5.84 6.09 8.40
N GLY A 70 4.88 5.44 8.99
CA GLY A 70 4.62 5.60 10.39
C GLY A 70 3.36 6.38 10.62
N VAL A 71 2.40 6.22 9.76
CA VAL A 71 1.14 6.94 9.91
C VAL A 71 0.05 6.02 10.43
N THR A 72 -1.11 6.59 10.68
CA THR A 72 -2.23 5.83 11.13
C THR A 72 -3.04 5.39 9.95
N GLN A 73 -4.06 4.61 10.23
CA GLN A 73 -4.92 4.13 9.19
C GLN A 73 -5.72 5.27 8.59
N ASN A 74 -5.93 6.34 9.37
CA ASN A 74 -6.70 7.50 8.90
C ASN A 74 -5.95 8.15 7.78
N PHE A 75 -4.66 8.36 8.02
CA PHE A 75 -3.81 9.00 7.08
C PHE A 75 -3.71 8.14 5.84
N ALA A 76 -3.37 6.88 6.04
CA ALA A 76 -3.17 5.94 4.96
C ALA A 76 -4.43 5.75 4.11
N ALA A 77 -5.59 5.59 4.75
CA ALA A 77 -6.86 5.43 4.04
C ALA A 77 -7.14 6.65 3.19
N THR A 78 -6.72 7.79 3.69
CA THR A 78 -6.84 9.04 2.97
C THR A 78 -5.95 9.02 1.71
N VAL A 79 -4.73 8.56 1.86
CA VAL A 79 -3.78 8.48 0.74
C VAL A 79 -4.31 7.58 -0.36
N LEU A 80 -4.70 6.36 0.02
CA LEU A 80 -5.25 5.37 -0.92
C LEU A 80 -6.67 5.75 -1.43
N ARG A 81 -7.16 6.87 -0.95
CA ARG A 81 -8.42 7.46 -1.38
C ARG A 81 -8.14 8.56 -2.38
N ASN A 82 -7.07 9.30 -2.10
CA ASN A 82 -6.67 10.47 -2.87
C ASN A 82 -6.04 10.09 -4.21
N THR A 83 -5.77 8.83 -4.37
CA THR A 83 -5.15 8.31 -5.54
C THR A 83 -6.07 8.31 -6.76
N LYS A 84 -5.46 8.20 -7.91
CA LYS A 84 -6.14 8.17 -9.18
C LYS A 84 -5.84 6.86 -9.87
N GLY A 85 -6.06 6.82 -11.17
CA GLY A 85 -5.75 5.65 -11.96
C GLY A 85 -4.31 5.23 -11.88
N ASN A 86 -3.42 6.07 -12.34
CA ASN A 86 -2.00 5.74 -12.31
C ASN A 86 -1.44 6.03 -10.96
N VAL A 87 -1.14 4.99 -10.23
CA VAL A 87 -0.67 5.13 -8.87
C VAL A 87 0.68 4.54 -8.75
N ARG A 88 1.55 5.21 -8.07
CA ARG A 88 2.84 4.67 -7.78
C ARG A 88 2.89 4.18 -6.37
N PHE A 89 2.68 2.90 -6.22
CA PHE A 89 2.72 2.24 -4.95
C PHE A 89 4.14 1.79 -4.73
N VAL A 90 4.82 2.44 -3.87
CA VAL A 90 6.14 2.03 -3.55
C VAL A 90 6.00 1.20 -2.31
N ILE A 91 5.79 -0.03 -2.52
CA ILE A 91 5.65 -1.00 -1.49
C ILE A 91 6.93 -1.75 -1.36
N GLY A 92 7.21 -2.17 -0.21
CA GLY A 92 8.40 -2.86 0.02
C GLY A 92 8.17 -4.02 0.89
N ARG A 93 8.63 -5.15 0.46
CA ARG A 93 8.39 -6.36 1.16
C ARG A 93 9.46 -7.35 0.75
N GLU A 94 9.62 -8.36 1.52
CA GLU A 94 10.52 -9.42 1.20
C GLU A 94 9.76 -10.53 0.50
N GLY A 1 18.35 -6.90 1.65
CA GLY A 1 17.08 -7.49 2.05
C GLY A 1 16.43 -6.63 3.10
N HIS A 2 15.68 -7.26 4.01
CA HIS A 2 14.94 -6.56 5.06
C HIS A 2 14.01 -5.53 4.47
N MET A 3 13.07 -6.04 3.70
CA MET A 3 12.08 -5.29 3.00
C MET A 3 12.65 -4.47 1.85
N GLU A 4 12.59 -5.10 0.72
CA GLU A 4 13.05 -4.58 -0.54
C GLU A 4 11.95 -3.78 -1.12
N LEU A 5 12.19 -2.50 -1.26
CA LEU A 5 11.17 -1.63 -1.78
C LEU A 5 11.24 -1.61 -3.29
N PHE A 6 10.09 -1.70 -3.89
CA PHE A 6 9.96 -1.72 -5.31
C PHE A 6 8.73 -0.95 -5.75
N PRO A 7 8.81 -0.28 -6.87
CA PRO A 7 7.72 0.50 -7.41
C PRO A 7 6.73 -0.33 -8.21
N VAL A 8 5.49 -0.17 -7.91
CA VAL A 8 4.45 -0.78 -8.65
C VAL A 8 3.64 0.32 -9.26
N GLU A 9 3.76 0.49 -10.54
CA GLU A 9 3.00 1.49 -11.24
C GLU A 9 1.70 0.83 -11.65
N LEU A 10 0.64 1.21 -10.99
CA LEU A 10 -0.62 0.61 -11.23
C LEU A 10 -1.40 1.56 -12.10
N GLU A 11 -2.09 1.04 -13.06
CA GLU A 11 -2.97 1.85 -13.86
C GLU A 11 -4.40 1.49 -13.51
N LYS A 12 -4.89 2.06 -12.42
CA LYS A 12 -6.20 1.87 -11.96
C LYS A 12 -7.24 2.69 -12.74
N ASP A 13 -8.49 2.40 -12.43
CA ASP A 13 -9.67 2.97 -13.02
C ASP A 13 -9.83 4.41 -12.50
N GLU A 14 -10.71 5.20 -13.12
CA GLU A 14 -10.93 6.58 -12.67
C GLU A 14 -11.59 6.61 -11.30
N ASP A 15 -12.24 5.50 -10.98
CA ASP A 15 -12.91 5.29 -9.70
C ASP A 15 -11.90 5.30 -8.56
N GLY A 16 -10.72 4.84 -8.86
CA GLY A 16 -9.68 4.75 -7.87
C GLY A 16 -9.34 3.33 -7.58
N LEU A 17 -8.75 3.07 -6.44
CA LEU A 17 -8.34 1.73 -6.10
C LEU A 17 -9.51 1.00 -5.51
N GLY A 18 -10.15 1.65 -4.57
CA GLY A 18 -11.22 1.05 -3.83
C GLY A 18 -10.70 -0.04 -2.92
N ILE A 19 -9.47 0.13 -2.43
CA ILE A 19 -8.88 -0.88 -1.56
C ILE A 19 -9.02 -0.51 -0.09
N SER A 20 -8.49 -1.34 0.77
CA SER A 20 -8.57 -1.14 2.21
C SER A 20 -7.22 -1.46 2.86
N ILE A 21 -6.92 -0.79 3.95
CA ILE A 21 -5.65 -0.94 4.66
C ILE A 21 -5.91 -1.43 6.07
N ILE A 22 -4.91 -1.95 6.70
CA ILE A 22 -5.02 -2.34 8.08
C ILE A 22 -3.86 -1.75 8.86
N GLY A 23 -4.18 -1.08 9.95
CA GLY A 23 -3.16 -0.40 10.70
C GLY A 23 -2.62 -1.23 11.81
N MET A 24 -1.52 -1.87 11.56
CA MET A 24 -0.89 -2.69 12.57
C MET A 24 0.31 -1.95 13.09
N GLY A 25 0.81 -2.37 14.19
CA GLY A 25 1.98 -1.76 14.72
C GLY A 25 3.08 -2.76 14.88
N VAL A 26 3.65 -3.15 13.77
CA VAL A 26 4.74 -4.08 13.75
C VAL A 26 6.05 -3.31 13.58
N GLY A 27 6.67 -3.02 14.67
CA GLY A 27 7.84 -2.19 14.62
C GLY A 27 8.82 -2.52 15.69
N ALA A 28 8.53 -2.12 16.91
CA ALA A 28 9.43 -2.37 18.06
C ALA A 28 9.52 -3.86 18.33
N ASP A 29 8.42 -4.51 18.07
CA ASP A 29 8.27 -5.96 18.22
C ASP A 29 9.03 -6.71 17.14
N ALA A 30 9.35 -6.03 16.06
CA ALA A 30 10.11 -6.62 14.99
C ALA A 30 11.59 -6.26 15.17
N GLY A 31 11.83 -5.08 15.69
CA GLY A 31 13.17 -4.62 15.94
C GLY A 31 13.59 -3.57 14.94
N LEU A 32 13.08 -3.69 13.73
CA LEU A 32 13.42 -2.79 12.63
C LEU A 32 12.68 -1.46 12.75
N GLU A 33 11.43 -1.57 13.21
CA GLU A 33 10.51 -0.44 13.31
C GLU A 33 10.14 0.17 11.98
N LYS A 34 9.02 -0.24 11.47
CA LYS A 34 8.50 0.37 10.29
C LYS A 34 7.00 0.42 10.44
N LEU A 35 6.32 0.93 9.45
CA LEU A 35 4.89 0.97 9.43
C LEU A 35 4.31 -0.44 9.55
N GLY A 36 3.15 -0.51 10.09
CA GLY A 36 2.45 -1.74 10.16
C GLY A 36 1.22 -1.69 9.33
N ILE A 37 1.18 -0.77 8.39
CA ILE A 37 0.04 -0.68 7.52
C ILE A 37 0.16 -1.76 6.49
N PHE A 38 -0.74 -2.65 6.50
CA PHE A 38 -0.78 -3.69 5.54
C PHE A 38 -1.99 -3.52 4.70
N VAL A 39 -2.06 -4.19 3.61
CA VAL A 39 -3.23 -4.14 2.80
C VAL A 39 -4.28 -5.04 3.45
N LYS A 40 -5.46 -4.55 3.58
CA LYS A 40 -6.52 -5.30 4.21
C LYS A 40 -7.34 -5.99 3.17
N THR A 41 -7.65 -5.29 2.14
CA THR A 41 -8.47 -5.82 1.08
C THR A 41 -8.14 -5.02 -0.16
N VAL A 42 -8.45 -5.57 -1.26
CA VAL A 42 -8.30 -4.93 -2.52
C VAL A 42 -9.63 -5.07 -3.21
N THR A 43 -10.01 -4.12 -4.04
CA THR A 43 -11.24 -4.20 -4.79
C THR A 43 -11.23 -5.53 -5.58
N GLU A 44 -12.36 -6.17 -5.66
CA GLU A 44 -12.46 -7.48 -6.21
C GLU A 44 -12.21 -7.50 -7.71
N GLY A 45 -12.65 -6.45 -8.38
CA GLY A 45 -12.50 -6.40 -9.79
C GLY A 45 -12.41 -5.05 -10.31
N GLY A 46 -11.28 -4.51 -10.14
CA GLY A 46 -10.90 -3.30 -10.65
C GLY A 46 -9.54 -3.54 -11.13
N ALA A 47 -8.97 -2.59 -11.77
CA ALA A 47 -7.65 -2.75 -12.39
C ALA A 47 -6.49 -3.07 -11.40
N ALA A 48 -6.78 -3.15 -10.10
CA ALA A 48 -5.77 -3.45 -9.09
C ALA A 48 -5.48 -4.93 -9.10
N GLN A 49 -6.52 -5.75 -8.90
CA GLN A 49 -6.34 -7.18 -8.98
C GLN A 49 -6.21 -7.66 -10.43
N ARG A 50 -6.53 -6.79 -11.37
CA ARG A 50 -6.30 -7.07 -12.77
C ARG A 50 -4.81 -6.97 -13.06
N ASP A 51 -4.18 -5.96 -12.46
CA ASP A 51 -2.74 -5.77 -12.57
C ASP A 51 -2.02 -6.96 -11.97
N GLY A 52 -2.29 -7.21 -10.70
CA GLY A 52 -1.79 -8.40 -10.06
C GLY A 52 -0.36 -8.30 -9.52
N ARG A 53 0.34 -7.21 -9.78
CA ARG A 53 1.70 -7.06 -9.25
C ARG A 53 1.56 -6.67 -7.78
N ILE A 54 0.49 -5.97 -7.50
CA ILE A 54 0.16 -5.58 -6.17
C ILE A 54 -0.71 -6.70 -5.58
N GLN A 55 -0.69 -6.87 -4.30
CA GLN A 55 -1.47 -7.90 -3.70
C GLN A 55 -2.24 -7.38 -2.50
N VAL A 56 -2.94 -8.26 -1.86
CA VAL A 56 -3.70 -7.92 -0.69
C VAL A 56 -2.91 -8.26 0.56
N ASN A 57 -1.78 -8.89 0.39
CA ASN A 57 -1.05 -9.36 1.53
C ASN A 57 0.30 -8.66 1.62
N ASP A 58 0.44 -7.58 0.91
CA ASP A 58 1.66 -6.82 0.95
C ASP A 58 1.49 -5.61 1.87
N GLN A 59 2.43 -4.71 1.82
CA GLN A 59 2.45 -3.57 2.67
C GLN A 59 2.70 -2.31 1.86
N ILE A 60 1.73 -1.41 1.87
CA ILE A 60 1.85 -0.15 1.18
C ILE A 60 2.91 0.69 1.89
N VAL A 61 4.06 0.83 1.29
CA VAL A 61 5.14 1.57 1.92
C VAL A 61 5.03 3.06 1.58
N GLU A 62 4.91 3.35 0.32
CA GLU A 62 4.79 4.69 -0.17
C GLU A 62 3.89 4.69 -1.36
N VAL A 63 2.96 5.61 -1.39
CA VAL A 63 2.08 5.73 -2.51
C VAL A 63 2.10 7.13 -3.03
N ASP A 64 2.29 7.24 -4.34
CA ASP A 64 2.19 8.50 -5.09
C ASP A 64 3.27 9.51 -4.64
N GLY A 65 4.27 8.99 -3.96
CA GLY A 65 5.34 9.78 -3.44
C GLY A 65 4.90 10.61 -2.26
N ILE A 66 3.88 10.15 -1.55
CA ILE A 66 3.40 10.85 -0.38
C ILE A 66 4.22 10.43 0.85
N SER A 67 4.96 9.32 0.67
CA SER A 67 5.75 8.67 1.72
C SER A 67 4.97 8.46 3.02
N LEU A 68 4.23 7.38 3.06
CA LEU A 68 3.39 7.08 4.21
C LEU A 68 4.11 6.10 5.11
N VAL A 69 5.38 5.96 4.84
CA VAL A 69 6.30 5.14 5.60
C VAL A 69 6.29 5.55 7.09
N GLY A 70 5.48 4.88 7.86
CA GLY A 70 5.42 5.12 9.29
C GLY A 70 4.19 5.87 9.74
N VAL A 71 3.20 5.94 8.87
CA VAL A 71 1.96 6.65 9.22
C VAL A 71 0.96 5.74 9.91
N THR A 72 -0.15 6.32 10.33
CA THR A 72 -1.18 5.58 10.95
C THR A 72 -2.19 5.13 9.93
N GLN A 73 -3.17 4.38 10.37
CA GLN A 73 -4.19 3.89 9.47
C GLN A 73 -5.03 5.06 8.95
N ASN A 74 -5.05 6.15 9.72
CA ASN A 74 -5.82 7.34 9.35
C ASN A 74 -5.27 7.89 8.09
N PHE A 75 -3.96 8.07 8.10
CA PHE A 75 -3.26 8.66 7.03
C PHE A 75 -3.28 7.74 5.82
N ALA A 76 -2.91 6.49 6.04
CA ALA A 76 -2.83 5.52 4.96
C ALA A 76 -4.17 5.31 4.26
N ALA A 77 -5.25 5.17 5.02
CA ALA A 77 -6.59 4.95 4.44
C ALA A 77 -7.06 6.18 3.67
N THR A 78 -6.40 7.28 3.92
CA THR A 78 -6.67 8.49 3.23
C THR A 78 -5.88 8.52 1.90
N VAL A 79 -4.63 8.09 1.94
CA VAL A 79 -3.78 8.05 0.75
C VAL A 79 -4.35 7.09 -0.29
N LEU A 80 -4.61 5.86 0.14
CA LEU A 80 -5.16 4.80 -0.73
C LEU A 80 -6.61 5.09 -1.16
N ARG A 81 -7.15 6.17 -0.67
CA ARG A 81 -8.45 6.67 -1.04
C ARG A 81 -8.28 7.74 -2.10
N ASN A 82 -7.31 8.60 -1.86
CA ASN A 82 -7.03 9.79 -2.66
C ASN A 82 -6.18 9.50 -3.88
N THR A 83 -5.98 8.25 -4.12
CA THR A 83 -5.25 7.76 -5.25
C THR A 83 -5.94 8.07 -6.58
N LYS A 84 -5.29 7.71 -7.66
CA LYS A 84 -5.74 8.02 -8.99
C LYS A 84 -5.53 6.84 -9.91
N GLY A 85 -5.42 7.09 -11.20
CA GLY A 85 -5.21 6.05 -12.17
C GLY A 85 -3.81 5.49 -12.09
N ASN A 86 -2.83 6.28 -12.47
CA ASN A 86 -1.43 5.85 -12.45
C ASN A 86 -0.83 6.11 -11.10
N VAL A 87 -0.70 5.06 -10.34
CA VAL A 87 -0.23 5.17 -8.99
C VAL A 87 1.06 4.44 -8.85
N ARG A 88 2.00 5.06 -8.23
CA ARG A 88 3.23 4.44 -7.91
C ARG A 88 3.19 3.95 -6.48
N PHE A 89 2.97 2.67 -6.34
CA PHE A 89 2.97 2.03 -5.05
C PHE A 89 4.36 1.53 -4.82
N VAL A 90 5.07 2.14 -3.96
CA VAL A 90 6.38 1.67 -3.68
C VAL A 90 6.24 0.81 -2.45
N ILE A 91 5.92 -0.41 -2.71
CA ILE A 91 5.73 -1.43 -1.72
C ILE A 91 7.01 -2.21 -1.57
N GLY A 92 7.17 -2.87 -0.47
CA GLY A 92 8.32 -3.62 -0.28
C GLY A 92 8.01 -4.96 0.31
N ARG A 93 8.81 -5.92 -0.01
CA ARG A 93 8.62 -7.26 0.51
C ARG A 93 9.79 -7.59 1.38
N GLU A 94 9.52 -8.14 2.51
CA GLU A 94 10.49 -8.47 3.51
C GLU A 94 11.25 -9.75 3.20
N GLY A 1 16.68 -11.27 6.81
CA GLY A 1 16.75 -9.82 6.88
C GLY A 1 16.78 -9.24 5.51
N HIS A 2 15.63 -9.15 4.88
CA HIS A 2 15.55 -8.65 3.54
C HIS A 2 14.17 -8.05 3.30
N MET A 3 14.16 -6.94 2.60
CA MET A 3 12.96 -6.28 2.14
C MET A 3 13.32 -5.36 1.02
N GLU A 4 12.88 -5.69 -0.14
CA GLU A 4 13.17 -4.92 -1.31
C GLU A 4 12.01 -4.02 -1.63
N LEU A 5 12.23 -2.73 -1.54
CA LEU A 5 11.21 -1.74 -1.82
C LEU A 5 11.23 -1.43 -3.31
N PHE A 6 10.08 -1.51 -3.95
CA PHE A 6 9.99 -1.27 -5.36
C PHE A 6 8.73 -0.48 -5.74
N PRO A 7 8.85 0.40 -6.73
CA PRO A 7 7.72 1.18 -7.24
C PRO A 7 6.85 0.43 -8.25
N VAL A 8 5.59 0.38 -7.98
CA VAL A 8 4.65 -0.21 -8.88
C VAL A 8 3.67 0.85 -9.32
N GLU A 9 3.87 1.39 -10.49
CA GLU A 9 2.93 2.35 -10.98
C GLU A 9 1.80 1.62 -11.67
N LEU A 10 0.66 1.65 -11.06
CA LEU A 10 -0.47 0.97 -11.55
C LEU A 10 -1.33 2.00 -12.25
N GLU A 11 -2.00 1.62 -13.30
CA GLU A 11 -2.94 2.50 -13.94
C GLU A 11 -4.33 1.95 -13.71
N LYS A 12 -4.93 2.38 -12.64
CA LYS A 12 -6.24 1.93 -12.27
C LYS A 12 -7.36 2.63 -13.00
N ASP A 13 -8.52 2.25 -12.58
CA ASP A 13 -9.79 2.62 -13.12
C ASP A 13 -10.14 4.05 -12.81
N GLU A 14 -11.22 4.50 -13.40
CA GLU A 14 -11.72 5.86 -13.24
C GLU A 14 -12.10 6.17 -11.78
N ASP A 15 -12.44 5.15 -11.03
CA ASP A 15 -12.74 5.32 -9.62
C ASP A 15 -11.48 5.70 -8.87
N GLY A 16 -10.43 5.00 -9.17
CA GLY A 16 -9.19 5.17 -8.50
C GLY A 16 -8.72 3.89 -7.89
N LEU A 17 -8.66 3.82 -6.60
CA LEU A 17 -8.10 2.65 -5.96
C LEU A 17 -9.17 1.82 -5.30
N GLY A 18 -9.83 2.40 -4.32
CA GLY A 18 -10.88 1.70 -3.62
C GLY A 18 -10.39 0.52 -2.83
N ILE A 19 -9.20 0.62 -2.26
CA ILE A 19 -8.70 -0.48 -1.44
C ILE A 19 -8.85 -0.16 0.03
N SER A 20 -8.46 -1.08 0.87
CA SER A 20 -8.61 -0.92 2.29
C SER A 20 -7.29 -1.26 2.96
N ILE A 21 -7.02 -0.62 4.06
CA ILE A 21 -5.78 -0.80 4.77
C ILE A 21 -6.03 -1.34 6.16
N ILE A 22 -5.02 -1.87 6.79
CA ILE A 22 -5.15 -2.29 8.14
C ILE A 22 -4.06 -1.67 8.99
N GLY A 23 -4.49 -1.01 10.05
CA GLY A 23 -3.56 -0.34 10.93
C GLY A 23 -3.03 -1.25 11.99
N MET A 24 -1.80 -1.65 11.85
CA MET A 24 -1.11 -2.46 12.84
C MET A 24 0.30 -1.99 13.07
N GLY A 25 0.98 -2.61 13.99
CA GLY A 25 2.34 -2.25 14.29
C GLY A 25 3.25 -3.44 14.16
N VAL A 26 3.85 -3.57 13.01
CA VAL A 26 4.69 -4.72 12.72
C VAL A 26 6.15 -4.53 13.17
N GLY A 27 6.42 -5.00 14.36
CA GLY A 27 7.75 -5.05 14.88
C GLY A 27 8.36 -3.72 15.26
N ALA A 28 7.95 -3.19 16.37
CA ALA A 28 8.58 -1.99 16.90
C ALA A 28 9.80 -2.42 17.72
N ASP A 29 9.79 -3.69 18.07
CA ASP A 29 10.87 -4.34 18.82
C ASP A 29 11.73 -5.16 17.83
N ALA A 30 11.49 -4.97 16.55
CA ALA A 30 12.17 -5.76 15.53
C ALA A 30 13.29 -4.98 14.83
N GLY A 31 13.68 -3.87 15.38
CA GLY A 31 14.81 -3.15 14.82
C GLY A 31 14.47 -2.13 13.77
N LEU A 32 13.71 -2.54 12.79
CA LEU A 32 13.43 -1.70 11.65
C LEU A 32 12.49 -0.57 12.02
N GLU A 33 11.44 -0.93 12.77
CA GLU A 33 10.44 0.00 13.27
C GLU A 33 9.82 0.81 12.15
N LYS A 34 8.95 0.21 11.43
CA LYS A 34 8.31 0.86 10.33
C LYS A 34 6.83 0.74 10.45
N LEU A 35 6.13 1.32 9.49
CA LEU A 35 4.68 1.32 9.46
C LEU A 35 4.14 -0.10 9.55
N GLY A 36 2.93 -0.19 10.01
CA GLY A 36 2.27 -1.44 10.03
C GLY A 36 0.98 -1.36 9.31
N ILE A 37 0.95 -0.53 8.30
CA ILE A 37 -0.22 -0.42 7.49
C ILE A 37 -0.12 -1.44 6.40
N PHE A 38 -0.89 -2.45 6.49
CA PHE A 38 -0.89 -3.48 5.49
C PHE A 38 -2.10 -3.33 4.63
N VAL A 39 -2.14 -4.04 3.55
CA VAL A 39 -3.29 -4.03 2.71
C VAL A 39 -4.33 -4.92 3.35
N LYS A 40 -5.47 -4.38 3.64
CA LYS A 40 -6.53 -5.14 4.23
C LYS A 40 -7.32 -5.79 3.15
N THR A 41 -7.69 -5.01 2.18
CA THR A 41 -8.45 -5.49 1.09
C THR A 41 -8.02 -4.69 -0.12
N VAL A 42 -8.23 -5.23 -1.25
CA VAL A 42 -7.95 -4.59 -2.46
C VAL A 42 -9.18 -4.79 -3.36
N THR A 43 -9.43 -3.86 -4.25
CA THR A 43 -10.62 -3.84 -5.08
C THR A 43 -10.81 -5.15 -5.83
N GLU A 44 -12.04 -5.54 -5.88
CA GLU A 44 -12.51 -6.79 -6.41
C GLU A 44 -12.05 -7.07 -7.82
N GLY A 45 -12.11 -6.09 -8.68
CA GLY A 45 -11.68 -6.33 -10.02
C GLY A 45 -11.34 -5.11 -10.75
N GLY A 46 -10.76 -4.18 -10.07
CA GLY A 46 -10.23 -3.10 -10.70
C GLY A 46 -8.85 -3.49 -11.10
N ALA A 47 -8.21 -2.60 -11.73
CA ALA A 47 -6.87 -2.81 -12.32
C ALA A 47 -5.77 -3.30 -11.33
N ALA A 48 -6.07 -3.32 -10.04
CA ALA A 48 -5.13 -3.76 -9.03
C ALA A 48 -5.06 -5.28 -9.02
N GLN A 49 -6.18 -5.93 -8.69
CA GLN A 49 -6.23 -7.38 -8.72
C GLN A 49 -6.21 -7.92 -10.14
N ARG A 50 -6.59 -7.09 -11.11
CA ARG A 50 -6.47 -7.48 -12.52
C ARG A 50 -5.01 -7.55 -12.89
N ASP A 51 -4.20 -6.66 -12.28
CA ASP A 51 -2.76 -6.61 -12.53
C ASP A 51 -2.11 -7.83 -11.94
N GLY A 52 -2.16 -7.93 -10.63
CA GLY A 52 -1.65 -9.09 -9.97
C GLY A 52 -0.28 -8.93 -9.33
N ARG A 53 0.43 -7.84 -9.62
CA ARG A 53 1.74 -7.65 -8.98
C ARG A 53 1.52 -7.20 -7.55
N ILE A 54 0.47 -6.45 -7.35
CA ILE A 54 0.10 -5.96 -6.05
C ILE A 54 -0.85 -7.01 -5.46
N GLN A 55 -0.94 -7.09 -4.17
CA GLN A 55 -1.73 -8.14 -3.59
C GLN A 55 -2.60 -7.60 -2.46
N VAL A 56 -3.11 -8.50 -1.65
CA VAL A 56 -3.89 -8.13 -0.48
C VAL A 56 -3.11 -8.57 0.76
N ASN A 57 -1.87 -8.94 0.53
CA ASN A 57 -1.01 -9.48 1.57
C ASN A 57 0.25 -8.64 1.74
N ASP A 58 0.42 -7.70 0.85
CA ASP A 58 1.60 -6.86 0.86
C ASP A 58 1.41 -5.67 1.79
N GLN A 59 2.26 -4.69 1.66
CA GLN A 59 2.24 -3.57 2.53
C GLN A 59 2.56 -2.31 1.77
N ILE A 60 1.65 -1.36 1.81
CA ILE A 60 1.82 -0.10 1.15
C ILE A 60 2.89 0.71 1.87
N VAL A 61 4.04 0.83 1.27
CA VAL A 61 5.15 1.53 1.91
C VAL A 61 5.10 3.03 1.59
N GLU A 62 5.01 3.35 0.33
CA GLU A 62 5.00 4.71 -0.12
C GLU A 62 4.12 4.84 -1.34
N VAL A 63 3.01 5.49 -1.20
CA VAL A 63 2.14 5.72 -2.31
C VAL A 63 2.22 7.13 -2.78
N ASP A 64 2.40 7.29 -4.09
CA ASP A 64 2.38 8.61 -4.79
C ASP A 64 3.52 9.52 -4.28
N GLY A 65 4.47 8.90 -3.61
CA GLY A 65 5.60 9.62 -3.05
C GLY A 65 5.24 10.33 -1.76
N ILE A 66 4.15 9.92 -1.12
CA ILE A 66 3.71 10.56 0.10
C ILE A 66 4.53 10.04 1.31
N SER A 67 4.97 8.77 1.21
CA SER A 67 5.67 8.05 2.27
C SER A 67 4.86 8.07 3.56
N LEU A 68 4.11 7.02 3.76
CA LEU A 68 3.22 6.92 4.90
C LEU A 68 3.84 6.03 5.96
N VAL A 69 5.12 5.89 5.86
CA VAL A 69 5.92 5.10 6.78
C VAL A 69 5.85 5.66 8.21
N GLY A 70 4.93 5.14 8.98
CA GLY A 70 4.80 5.52 10.37
C GLY A 70 3.46 6.18 10.67
N VAL A 71 2.58 6.19 9.69
CA VAL A 71 1.28 6.84 9.87
C VAL A 71 0.23 5.89 10.46
N THR A 72 -0.96 6.42 10.66
CA THR A 72 -2.07 5.64 11.17
C THR A 72 -2.88 5.12 10.02
N GLN A 73 -3.86 4.35 10.37
CA GLN A 73 -4.76 3.79 9.42
C GLN A 73 -5.54 4.88 8.70
N ASN A 74 -5.93 5.92 9.41
CA ASN A 74 -6.72 6.99 8.84
C ASN A 74 -5.93 7.80 7.83
N PHE A 75 -4.62 7.93 8.06
CA PHE A 75 -3.79 8.62 7.11
C PHE A 75 -3.70 7.78 5.85
N ALA A 76 -3.35 6.51 6.03
CA ALA A 76 -3.21 5.58 4.92
C ALA A 76 -4.53 5.44 4.15
N ALA A 77 -5.62 5.30 4.89
CA ALA A 77 -6.96 5.14 4.31
C ALA A 77 -7.37 6.38 3.53
N THR A 78 -6.70 7.47 3.80
CA THR A 78 -6.93 8.67 3.06
C THR A 78 -6.11 8.65 1.77
N VAL A 79 -4.82 8.33 1.86
CA VAL A 79 -3.93 8.31 0.68
C VAL A 79 -4.44 7.31 -0.35
N LEU A 80 -4.62 6.07 0.07
CA LEU A 80 -5.10 4.97 -0.80
C LEU A 80 -6.57 5.17 -1.24
N ARG A 81 -7.19 6.23 -0.75
CA ARG A 81 -8.52 6.62 -1.17
C ARG A 81 -8.40 7.74 -2.21
N ASN A 82 -7.50 8.68 -1.91
CA ASN A 82 -7.31 9.89 -2.70
C ASN A 82 -6.59 9.60 -4.02
N THR A 83 -6.08 8.42 -4.15
CA THR A 83 -5.39 8.01 -5.32
C THR A 83 -6.33 7.71 -6.47
N LYS A 84 -5.92 8.12 -7.62
CA LYS A 84 -6.62 7.88 -8.85
C LYS A 84 -5.89 6.85 -9.64
N GLY A 85 -6.26 6.69 -10.90
CA GLY A 85 -5.71 5.69 -11.78
C GLY A 85 -4.22 5.45 -11.67
N ASN A 86 -3.43 6.45 -11.88
CA ASN A 86 -1.98 6.25 -11.89
C ASN A 86 -1.39 6.36 -10.52
N VAL A 87 -1.11 5.23 -9.93
CA VAL A 87 -0.63 5.20 -8.56
C VAL A 87 0.71 4.55 -8.51
N ARG A 88 1.62 5.20 -7.89
CA ARG A 88 2.93 4.66 -7.63
C ARG A 88 2.92 4.00 -6.28
N PHE A 89 2.79 2.71 -6.29
CA PHE A 89 2.81 1.94 -5.08
C PHE A 89 4.20 1.49 -4.83
N VAL A 90 4.87 2.14 -3.96
CA VAL A 90 6.17 1.70 -3.61
C VAL A 90 6.00 0.78 -2.45
N ILE A 91 5.88 -0.45 -2.77
CA ILE A 91 5.72 -1.51 -1.84
C ILE A 91 6.98 -2.33 -1.84
N GLY A 92 7.26 -2.98 -0.78
CA GLY A 92 8.41 -3.77 -0.73
C GLY A 92 8.07 -5.18 -0.36
N ARG A 93 8.86 -6.08 -0.83
CA ARG A 93 8.64 -7.48 -0.60
C ARG A 93 9.77 -8.02 0.23
N GLU A 94 9.40 -8.80 1.22
CA GLU A 94 10.35 -9.41 2.12
C GLU A 94 11.00 -10.65 1.49
N GLY A 1 13.26 -10.07 7.53
CA GLY A 1 13.90 -10.73 6.40
C GLY A 1 14.41 -9.72 5.40
N HIS A 2 15.12 -10.19 4.39
CA HIS A 2 15.63 -9.32 3.33
C HIS A 2 14.47 -8.83 2.53
N MET A 3 14.40 -7.55 2.28
CA MET A 3 13.25 -6.98 1.63
C MET A 3 13.63 -5.97 0.58
N GLU A 4 13.03 -6.10 -0.57
CA GLU A 4 13.23 -5.21 -1.68
C GLU A 4 12.06 -4.27 -1.75
N LEU A 5 12.32 -3.00 -1.64
CA LEU A 5 11.28 -2.01 -1.75
C LEU A 5 11.18 -1.60 -3.20
N PHE A 6 10.02 -1.78 -3.78
CA PHE A 6 9.86 -1.50 -5.19
C PHE A 6 8.58 -0.73 -5.50
N PRO A 7 8.62 0.13 -6.50
CA PRO A 7 7.46 0.85 -6.96
C PRO A 7 6.56 0.01 -7.86
N VAL A 8 5.33 -0.07 -7.51
CA VAL A 8 4.35 -0.70 -8.32
C VAL A 8 3.48 0.38 -8.91
N GLU A 9 3.69 0.69 -10.14
CA GLU A 9 2.90 1.71 -10.76
C GLU A 9 1.66 1.06 -11.34
N LEU A 10 0.57 1.24 -10.68
CA LEU A 10 -0.67 0.62 -11.05
C LEU A 10 -1.44 1.64 -11.82
N GLU A 11 -2.18 1.23 -12.81
CA GLU A 11 -3.02 2.14 -13.50
C GLU A 11 -4.46 1.74 -13.30
N LYS A 12 -5.08 2.38 -12.35
CA LYS A 12 -6.45 2.17 -12.05
C LYS A 12 -7.36 3.14 -12.77
N ASP A 13 -8.59 3.11 -12.35
CA ASP A 13 -9.65 3.94 -12.85
C ASP A 13 -9.50 5.31 -12.24
N GLU A 14 -10.22 6.29 -12.78
CA GLU A 14 -10.17 7.64 -12.21
C GLU A 14 -10.83 7.65 -10.82
N ASP A 15 -11.65 6.62 -10.59
CA ASP A 15 -12.34 6.38 -9.32
C ASP A 15 -11.32 6.08 -8.24
N GLY A 16 -10.25 5.47 -8.64
CA GLY A 16 -9.19 5.18 -7.75
C GLY A 16 -9.00 3.72 -7.58
N LEU A 17 -8.92 3.28 -6.36
CA LEU A 17 -8.61 1.89 -6.11
C LEU A 17 -9.83 1.18 -5.60
N GLY A 18 -10.27 1.59 -4.45
CA GLY A 18 -11.33 0.91 -3.77
C GLY A 18 -10.74 -0.17 -2.87
N ILE A 19 -9.47 -0.01 -2.49
CA ILE A 19 -8.82 -1.01 -1.63
C ILE A 19 -9.04 -0.68 -0.16
N SER A 20 -8.53 -1.53 0.69
CA SER A 20 -8.66 -1.39 2.11
C SER A 20 -7.35 -1.76 2.77
N ILE A 21 -7.05 -1.12 3.87
CA ILE A 21 -5.79 -1.33 4.57
C ILE A 21 -6.06 -1.64 6.02
N ILE A 22 -5.08 -2.19 6.68
CA ILE A 22 -5.16 -2.45 8.09
C ILE A 22 -3.92 -1.93 8.80
N GLY A 23 -4.12 -1.27 9.91
CA GLY A 23 -3.03 -0.69 10.62
C GLY A 23 -2.56 -1.59 11.71
N MET A 24 -1.48 -2.25 11.46
CA MET A 24 -0.91 -3.16 12.41
C MET A 24 0.43 -2.66 12.82
N GLY A 25 0.47 -1.91 13.90
CA GLY A 25 1.72 -1.35 14.37
C GLY A 25 2.78 -2.41 14.55
N VAL A 26 3.73 -2.41 13.66
CA VAL A 26 4.77 -3.37 13.65
C VAL A 26 6.07 -2.63 13.35
N GLY A 27 7.18 -3.26 13.62
CA GLY A 27 8.42 -2.66 13.32
C GLY A 27 9.20 -2.36 14.56
N ALA A 28 8.57 -2.52 15.70
CA ALA A 28 9.23 -2.27 16.98
C ALA A 28 10.18 -3.41 17.27
N ASP A 29 9.75 -4.62 17.01
CA ASP A 29 10.58 -5.83 17.22
C ASP A 29 11.67 -5.85 16.16
N ALA A 30 11.34 -5.31 15.01
CA ALA A 30 12.29 -5.17 13.93
C ALA A 30 13.36 -4.13 14.26
N GLY A 31 12.97 -3.16 15.08
CA GLY A 31 13.90 -2.13 15.50
C GLY A 31 13.90 -0.94 14.59
N LEU A 32 12.81 -0.74 13.90
CA LEU A 32 12.70 0.39 13.00
C LEU A 32 11.59 1.31 13.44
N GLU A 33 10.49 0.71 13.91
CA GLU A 33 9.25 1.42 14.22
C GLU A 33 8.79 2.23 13.02
N LYS A 34 8.11 1.55 12.15
CA LYS A 34 7.68 2.12 10.91
C LYS A 34 6.19 1.90 10.76
N LEU A 35 5.74 1.90 9.54
CA LEU A 35 4.36 1.67 9.22
C LEU A 35 4.05 0.19 9.41
N GLY A 36 2.84 -0.10 9.73
CA GLY A 36 2.39 -1.44 9.80
C GLY A 36 1.13 -1.58 9.01
N ILE A 37 1.05 -0.84 7.96
CA ILE A 37 -0.14 -0.79 7.16
C ILE A 37 -0.13 -1.89 6.12
N PHE A 38 -0.83 -2.93 6.42
CA PHE A 38 -0.96 -4.03 5.53
C PHE A 38 -2.18 -3.85 4.70
N VAL A 39 -2.23 -4.52 3.61
CA VAL A 39 -3.36 -4.45 2.74
C VAL A 39 -4.43 -5.41 3.24
N LYS A 40 -5.64 -4.91 3.36
CA LYS A 40 -6.75 -5.71 3.79
C LYS A 40 -7.39 -6.38 2.62
N THR A 41 -7.72 -5.56 1.65
CA THR A 41 -8.42 -5.99 0.48
C THR A 41 -7.87 -5.17 -0.67
N VAL A 42 -8.04 -5.60 -1.90
CA VAL A 42 -7.52 -4.89 -3.01
C VAL A 42 -8.59 -4.74 -4.02
N THR A 43 -9.36 -3.71 -3.86
CA THR A 43 -10.44 -3.42 -4.75
C THR A 43 -11.39 -4.69 -4.90
N GLU A 44 -12.29 -4.62 -5.80
CA GLU A 44 -12.95 -5.78 -6.30
C GLU A 44 -11.98 -6.36 -7.36
N GLY A 45 -12.45 -7.07 -8.33
CA GLY A 45 -11.55 -7.55 -9.33
C GLY A 45 -11.49 -6.62 -10.48
N GLY A 46 -11.13 -5.41 -10.17
CA GLY A 46 -10.88 -4.43 -11.14
C GLY A 46 -9.42 -4.42 -11.45
N ALA A 47 -8.98 -3.35 -12.01
CA ALA A 47 -7.62 -3.21 -12.56
C ALA A 47 -6.47 -3.43 -11.54
N ALA A 48 -6.78 -3.37 -10.26
CA ALA A 48 -5.77 -3.59 -9.22
C ALA A 48 -5.43 -5.06 -9.16
N GLN A 49 -6.42 -5.87 -8.87
CA GLN A 49 -6.24 -7.31 -8.85
C GLN A 49 -6.04 -7.89 -10.26
N ARG A 50 -6.55 -7.18 -11.29
CA ARG A 50 -6.30 -7.62 -12.66
C ARG A 50 -4.84 -7.41 -13.00
N ASP A 51 -4.27 -6.29 -12.49
CA ASP A 51 -2.85 -6.01 -12.73
C ASP A 51 -2.01 -7.13 -12.18
N GLY A 52 -2.30 -7.50 -10.95
CA GLY A 52 -1.70 -8.66 -10.35
C GLY A 52 -0.30 -8.47 -9.83
N ARG A 53 0.36 -7.34 -10.14
CA ARG A 53 1.71 -7.13 -9.65
C ARG A 53 1.64 -6.77 -8.17
N ILE A 54 0.53 -6.19 -7.79
CA ILE A 54 0.28 -5.81 -6.43
C ILE A 54 -0.59 -6.92 -5.81
N GLN A 55 -0.46 -7.16 -4.52
CA GLN A 55 -1.26 -8.19 -3.90
C GLN A 55 -1.91 -7.71 -2.61
N VAL A 56 -2.80 -8.53 -2.09
CA VAL A 56 -3.53 -8.25 -0.87
C VAL A 56 -2.69 -8.66 0.35
N ASN A 57 -1.52 -9.23 0.08
CA ASN A 57 -0.62 -9.70 1.11
C ASN A 57 0.52 -8.71 1.25
N ASP A 58 0.31 -7.54 0.69
CA ASP A 58 1.32 -6.53 0.72
C ASP A 58 1.17 -5.60 1.88
N GLN A 59 2.10 -4.69 1.97
CA GLN A 59 2.14 -3.70 2.97
C GLN A 59 2.49 -2.40 2.28
N ILE A 60 1.65 -1.39 2.41
CA ILE A 60 1.84 -0.13 1.71
C ILE A 60 2.98 0.65 2.36
N VAL A 61 4.07 0.80 1.65
CA VAL A 61 5.22 1.48 2.21
C VAL A 61 5.17 2.98 1.85
N GLU A 62 4.98 3.27 0.58
CA GLU A 62 4.95 4.63 0.11
C GLU A 62 4.09 4.74 -1.13
N VAL A 63 2.97 5.38 -1.00
CA VAL A 63 2.11 5.60 -2.13
C VAL A 63 2.24 7.02 -2.64
N ASP A 64 2.45 7.14 -3.94
CA ASP A 64 2.50 8.43 -4.68
C ASP A 64 3.67 9.31 -4.23
N GLY A 65 4.56 8.73 -3.45
CA GLY A 65 5.67 9.46 -2.92
C GLY A 65 5.27 10.28 -1.71
N ILE A 66 4.15 9.90 -1.08
CA ILE A 66 3.67 10.60 0.09
C ILE A 66 4.50 10.21 1.33
N SER A 67 5.18 9.08 1.21
CA SER A 67 5.96 8.45 2.29
C SER A 67 5.16 8.36 3.58
N LEU A 68 4.38 7.31 3.70
CA LEU A 68 3.50 7.14 4.84
C LEU A 68 4.16 6.23 5.87
N VAL A 69 5.44 6.08 5.73
CA VAL A 69 6.25 5.35 6.66
C VAL A 69 6.14 5.96 8.06
N GLY A 70 5.28 5.38 8.86
CA GLY A 70 5.08 5.86 10.20
C GLY A 70 3.81 6.68 10.30
N VAL A 71 2.70 6.11 9.85
CA VAL A 71 1.40 6.75 9.96
C VAL A 71 0.38 5.73 10.46
N THR A 72 -0.81 6.19 10.74
CA THR A 72 -1.87 5.36 11.19
C THR A 72 -2.69 4.86 10.04
N GLN A 73 -3.65 4.00 10.35
CA GLN A 73 -4.50 3.44 9.33
C GLN A 73 -5.37 4.53 8.71
N ASN A 74 -5.72 5.55 9.50
CA ASN A 74 -6.57 6.62 9.00
C ASN A 74 -5.82 7.48 8.00
N PHE A 75 -4.52 7.70 8.22
CA PHE A 75 -3.72 8.47 7.28
C PHE A 75 -3.58 7.68 6.01
N ALA A 76 -3.16 6.43 6.17
CA ALA A 76 -2.93 5.55 5.05
C ALA A 76 -4.19 5.35 4.22
N ALA A 77 -5.31 5.09 4.88
CA ALA A 77 -6.58 4.90 4.17
C ALA A 77 -6.93 6.13 3.36
N THR A 78 -6.62 7.30 3.91
CA THR A 78 -6.84 8.55 3.22
C THR A 78 -5.96 8.64 1.95
N VAL A 79 -4.70 8.24 2.05
CA VAL A 79 -3.79 8.22 0.91
C VAL A 79 -4.33 7.29 -0.16
N LEU A 80 -4.66 6.07 0.24
CA LEU A 80 -5.21 5.04 -0.64
C LEU A 80 -6.65 5.37 -1.10
N ARG A 81 -7.18 6.46 -0.60
CA ARG A 81 -8.48 6.96 -0.99
C ARG A 81 -8.30 8.10 -2.00
N ASN A 82 -7.19 8.80 -1.89
CA ASN A 82 -6.88 9.96 -2.74
C ASN A 82 -6.18 9.54 -4.02
N THR A 83 -5.99 8.27 -4.15
CA THR A 83 -5.38 7.68 -5.30
C THR A 83 -6.24 7.84 -6.57
N LYS A 84 -5.56 7.94 -7.68
CA LYS A 84 -6.15 8.07 -8.99
C LYS A 84 -5.69 6.90 -9.84
N GLY A 85 -5.73 7.05 -11.15
CA GLY A 85 -5.31 5.99 -12.07
C GLY A 85 -3.90 5.49 -11.84
N ASN A 86 -2.92 6.24 -12.27
CA ASN A 86 -1.53 5.83 -12.10
C ASN A 86 -1.04 6.10 -10.71
N VAL A 87 -0.83 5.03 -9.99
CA VAL A 87 -0.40 5.11 -8.62
C VAL A 87 0.89 4.37 -8.48
N ARG A 88 1.84 4.99 -7.86
CA ARG A 88 3.07 4.34 -7.57
C ARG A 88 3.04 3.86 -6.13
N PHE A 89 2.74 2.59 -5.99
CA PHE A 89 2.72 1.94 -4.71
C PHE A 89 4.08 1.40 -4.45
N VAL A 90 4.81 2.03 -3.63
CA VAL A 90 6.10 1.52 -3.31
C VAL A 90 5.91 0.61 -2.14
N ILE A 91 5.79 -0.62 -2.45
CA ILE A 91 5.67 -1.69 -1.53
C ILE A 91 6.93 -2.55 -1.62
N GLY A 92 7.27 -3.23 -0.58
CA GLY A 92 8.42 -4.04 -0.63
C GLY A 92 8.09 -5.48 -0.35
N ARG A 93 8.84 -6.38 -0.93
CA ARG A 93 8.61 -7.79 -0.71
C ARG A 93 9.85 -8.45 -0.13
N GLU A 94 9.62 -9.28 0.84
CA GLU A 94 10.65 -10.06 1.46
C GLU A 94 10.83 -11.39 0.71
N GLY A 1 18.49 -7.11 -0.84
CA GLY A 1 17.87 -6.77 0.44
C GLY A 1 17.09 -7.92 0.97
N HIS A 2 16.84 -7.95 2.28
CA HIS A 2 16.09 -9.04 2.90
C HIS A 2 14.60 -8.64 2.94
N MET A 3 14.33 -7.57 2.26
CA MET A 3 13.02 -7.05 2.03
C MET A 3 13.12 -6.32 0.73
N GLU A 4 12.34 -6.73 -0.22
CA GLU A 4 12.38 -6.12 -1.52
C GLU A 4 11.44 -4.96 -1.54
N LEU A 5 11.96 -3.77 -1.50
CA LEU A 5 11.14 -2.60 -1.64
C LEU A 5 11.04 -2.31 -3.11
N PHE A 6 9.85 -2.41 -3.63
CA PHE A 6 9.65 -2.30 -5.03
C PHE A 6 8.53 -1.34 -5.40
N PRO A 7 8.77 -0.54 -6.40
CA PRO A 7 7.78 0.36 -6.95
C PRO A 7 6.84 -0.33 -7.93
N VAL A 8 5.59 -0.18 -7.71
CA VAL A 8 4.61 -0.69 -8.61
C VAL A 8 3.82 0.48 -9.13
N GLU A 9 3.93 0.77 -10.38
CA GLU A 9 3.14 1.83 -10.93
C GLU A 9 1.93 1.20 -11.56
N LEU A 10 0.82 1.35 -10.89
CA LEU A 10 -0.40 0.73 -11.29
C LEU A 10 -1.14 1.72 -12.15
N GLU A 11 -1.80 1.25 -13.15
CA GLU A 11 -2.64 2.08 -13.97
C GLU A 11 -4.09 1.72 -13.65
N LYS A 12 -4.65 2.41 -12.70
CA LYS A 12 -6.01 2.21 -12.27
C LYS A 12 -7.03 3.00 -13.07
N ASP A 13 -8.24 2.88 -12.62
CA ASP A 13 -9.44 3.48 -13.17
C ASP A 13 -9.69 4.88 -12.58
N GLU A 14 -10.84 5.45 -12.92
CA GLU A 14 -11.19 6.82 -12.51
C GLU A 14 -11.74 6.89 -11.09
N ASP A 15 -11.96 5.76 -10.47
CA ASP A 15 -12.41 5.75 -9.08
C ASP A 15 -11.23 5.92 -8.18
N GLY A 16 -10.14 5.37 -8.63
CA GLY A 16 -8.93 5.47 -7.92
C GLY A 16 -8.43 4.10 -7.60
N LEU A 17 -8.46 3.75 -6.36
CA LEU A 17 -7.95 2.48 -5.95
C LEU A 17 -9.03 1.65 -5.37
N GLY A 18 -9.61 2.12 -4.28
CA GLY A 18 -10.69 1.43 -3.65
C GLY A 18 -10.26 0.20 -2.90
N ILE A 19 -9.07 0.24 -2.33
CA ILE A 19 -8.62 -0.89 -1.54
C ILE A 19 -8.80 -0.59 -0.07
N SER A 20 -8.56 -1.58 0.74
CA SER A 20 -8.71 -1.47 2.15
C SER A 20 -7.37 -1.75 2.80
N ILE A 21 -7.12 -1.08 3.88
CA ILE A 21 -5.88 -1.21 4.59
C ILE A 21 -6.15 -1.62 6.02
N ILE A 22 -5.15 -2.08 6.70
CA ILE A 22 -5.29 -2.39 8.08
C ILE A 22 -4.12 -1.79 8.86
N GLY A 23 -4.43 -1.12 9.94
CA GLY A 23 -3.42 -0.49 10.72
C GLY A 23 -2.98 -1.34 11.86
N MET A 24 -1.81 -1.89 11.72
CA MET A 24 -1.22 -2.74 12.73
C MET A 24 0.27 -2.53 12.80
N GLY A 25 0.64 -1.51 13.57
CA GLY A 25 2.01 -1.07 13.73
C GLY A 25 2.95 -2.18 14.12
N VAL A 26 3.84 -2.50 13.23
CA VAL A 26 4.83 -3.52 13.44
C VAL A 26 6.21 -2.95 13.09
N GLY A 27 7.27 -3.64 13.46
CA GLY A 27 8.60 -3.23 13.11
C GLY A 27 9.32 -2.64 14.27
N ALA A 28 8.58 -2.25 15.28
CA ALA A 28 9.13 -1.61 16.46
C ALA A 28 9.92 -2.61 17.28
N ASP A 29 9.40 -3.81 17.38
CA ASP A 29 10.08 -4.90 18.11
C ASP A 29 11.36 -5.29 17.40
N ALA A 30 11.32 -5.25 16.08
CA ALA A 30 12.48 -5.57 15.27
C ALA A 30 13.57 -4.50 15.42
N GLY A 31 13.16 -3.29 15.76
CA GLY A 31 14.12 -2.22 15.96
C GLY A 31 14.11 -1.23 14.82
N LEU A 32 13.39 -1.55 13.77
CA LEU A 32 13.33 -0.71 12.59
C LEU A 32 12.29 0.37 12.74
N GLU A 33 11.22 0.03 13.47
CA GLU A 33 10.05 0.90 13.65
C GLU A 33 9.46 1.27 12.30
N LYS A 34 8.73 0.36 11.75
CA LYS A 34 8.18 0.49 10.46
C LYS A 34 6.72 0.89 10.65
N LEU A 35 6.04 1.15 9.58
CA LEU A 35 4.64 1.31 9.62
C LEU A 35 4.01 -0.06 9.75
N GLY A 36 2.75 -0.10 9.98
CA GLY A 36 2.09 -1.35 10.04
C GLY A 36 0.85 -1.32 9.23
N ILE A 37 0.89 -0.62 8.14
CA ILE A 37 -0.27 -0.56 7.31
C ILE A 37 -0.18 -1.59 6.23
N PHE A 38 -0.95 -2.60 6.39
CA PHE A 38 -0.97 -3.68 5.48
C PHE A 38 -2.16 -3.58 4.60
N VAL A 39 -2.10 -4.26 3.51
CA VAL A 39 -3.19 -4.32 2.61
C VAL A 39 -4.20 -5.27 3.20
N LYS A 40 -5.35 -4.77 3.49
CA LYS A 40 -6.40 -5.55 4.09
C LYS A 40 -7.16 -6.27 3.00
N THR A 41 -7.58 -5.51 2.02
CA THR A 41 -8.32 -6.04 0.92
C THR A 41 -7.97 -5.19 -0.27
N VAL A 42 -8.20 -5.68 -1.45
CA VAL A 42 -7.95 -4.93 -2.63
C VAL A 42 -9.27 -4.87 -3.37
N THR A 43 -9.39 -3.96 -4.29
CA THR A 43 -10.58 -3.84 -5.07
C THR A 43 -10.60 -4.99 -6.09
N GLU A 44 -11.75 -5.50 -6.30
CA GLU A 44 -11.92 -6.64 -7.13
C GLU A 44 -12.32 -6.16 -8.52
N GLY A 45 -13.00 -5.04 -8.52
CA GLY A 45 -13.44 -4.43 -9.73
C GLY A 45 -12.64 -3.22 -10.06
N GLY A 46 -11.38 -3.40 -10.01
CA GLY A 46 -10.50 -2.39 -10.31
C GLY A 46 -9.26 -3.02 -10.78
N ALA A 47 -8.57 -2.34 -11.62
CA ALA A 47 -7.35 -2.81 -12.28
C ALA A 47 -6.19 -3.22 -11.32
N ALA A 48 -6.39 -3.13 -10.00
CA ALA A 48 -5.33 -3.46 -9.04
C ALA A 48 -5.15 -4.96 -8.97
N GLN A 49 -6.23 -5.68 -8.74
CA GLN A 49 -6.17 -7.14 -8.74
C GLN A 49 -6.15 -7.68 -10.15
N ARG A 50 -6.48 -6.83 -11.09
CA ARG A 50 -6.38 -7.19 -12.48
C ARG A 50 -4.91 -7.20 -12.85
N ASP A 51 -4.19 -6.19 -12.34
CA ASP A 51 -2.74 -6.08 -12.55
C ASP A 51 -2.05 -7.31 -11.97
N GLY A 52 -2.24 -7.52 -10.68
CA GLY A 52 -1.73 -8.72 -10.02
C GLY A 52 -0.33 -8.59 -9.45
N ARG A 53 0.38 -7.50 -9.75
CA ARG A 53 1.74 -7.31 -9.20
C ARG A 53 1.59 -7.07 -7.70
N ILE A 54 0.56 -6.36 -7.35
CA ILE A 54 0.29 -6.01 -5.99
C ILE A 54 -0.41 -7.21 -5.32
N GLN A 55 -0.25 -7.35 -4.02
CA GLN A 55 -0.88 -8.47 -3.35
C GLN A 55 -1.68 -7.95 -2.16
N VAL A 56 -2.60 -8.76 -1.68
CA VAL A 56 -3.47 -8.38 -0.57
C VAL A 56 -2.82 -8.75 0.79
N ASN A 57 -1.54 -9.00 0.79
CA ASN A 57 -0.87 -9.42 2.02
C ASN A 57 0.46 -8.71 2.17
N ASP A 58 0.59 -7.61 1.47
CA ASP A 58 1.79 -6.80 1.52
C ASP A 58 1.55 -5.56 2.36
N GLN A 59 2.53 -4.70 2.40
CA GLN A 59 2.47 -3.48 3.16
C GLN A 59 2.64 -2.29 2.25
N ILE A 60 1.78 -1.30 2.39
CA ILE A 60 1.91 -0.10 1.61
C ILE A 60 3.04 0.74 2.19
N VAL A 61 4.18 0.72 1.58
CA VAL A 61 5.33 1.40 2.14
C VAL A 61 5.27 2.90 1.81
N GLU A 62 5.02 3.21 0.56
CA GLU A 62 4.94 4.57 0.12
C GLU A 62 4.10 4.68 -1.16
N VAL A 63 2.96 5.30 -1.05
CA VAL A 63 2.13 5.55 -2.22
C VAL A 63 2.26 6.98 -2.66
N ASP A 64 2.49 7.15 -3.98
CA ASP A 64 2.58 8.47 -4.69
C ASP A 64 3.89 9.21 -4.38
N GLY A 65 4.44 8.86 -3.29
CA GLY A 65 5.57 9.51 -2.75
C GLY A 65 5.17 10.27 -1.50
N ILE A 66 3.96 9.97 -1.01
CA ILE A 66 3.39 10.63 0.16
C ILE A 66 4.12 10.20 1.43
N SER A 67 4.83 9.07 1.34
CA SER A 67 5.56 8.46 2.44
C SER A 67 4.71 8.34 3.71
N LEU A 68 3.92 7.31 3.72
CA LEU A 68 3.03 7.05 4.82
C LEU A 68 3.67 6.07 5.81
N VAL A 69 5.00 6.11 5.88
CA VAL A 69 5.76 5.29 6.76
C VAL A 69 5.60 5.77 8.19
N GLY A 70 4.70 5.15 8.89
CA GLY A 70 4.50 5.46 10.28
C GLY A 70 3.22 6.19 10.47
N VAL A 71 2.25 5.85 9.67
CA VAL A 71 0.96 6.53 9.77
C VAL A 71 -0.10 5.61 10.32
N THR A 72 -1.24 6.15 10.55
CA THR A 72 -2.36 5.44 11.07
C THR A 72 -3.20 4.89 9.96
N GLN A 73 -4.17 4.10 10.33
CA GLN A 73 -5.04 3.50 9.34
C GLN A 73 -5.88 4.57 8.67
N ASN A 74 -6.22 5.63 9.42
CA ASN A 74 -7.05 6.69 8.87
C ASN A 74 -6.28 7.52 7.85
N PHE A 75 -4.97 7.64 8.06
CA PHE A 75 -4.14 8.36 7.13
C PHE A 75 -4.03 7.53 5.85
N ALA A 76 -3.67 6.27 6.03
CA ALA A 76 -3.47 5.38 4.91
C ALA A 76 -4.76 5.16 4.12
N ALA A 77 -5.88 5.00 4.83
CA ALA A 77 -7.20 4.79 4.19
C ALA A 77 -7.63 6.03 3.42
N THR A 78 -6.94 7.11 3.63
CA THR A 78 -7.16 8.30 2.91
C THR A 78 -6.30 8.32 1.64
N VAL A 79 -5.00 7.98 1.78
CA VAL A 79 -4.08 7.95 0.63
C VAL A 79 -4.54 6.91 -0.38
N LEU A 80 -4.73 5.68 0.09
CA LEU A 80 -5.15 4.54 -0.75
C LEU A 80 -6.60 4.68 -1.25
N ARG A 81 -7.23 5.75 -0.90
CA ARG A 81 -8.55 6.08 -1.39
C ARG A 81 -8.42 7.17 -2.44
N ASN A 82 -7.62 8.17 -2.09
CA ASN A 82 -7.46 9.41 -2.87
C ASN A 82 -6.49 9.24 -4.02
N THR A 83 -6.09 8.03 -4.23
CA THR A 83 -5.27 7.61 -5.31
C THR A 83 -5.93 7.90 -6.66
N LYS A 84 -5.11 8.05 -7.67
CA LYS A 84 -5.57 8.30 -9.00
C LYS A 84 -5.27 7.11 -9.89
N GLY A 85 -5.36 7.31 -11.19
CA GLY A 85 -5.08 6.26 -12.14
C GLY A 85 -3.70 5.70 -12.01
N ASN A 86 -2.71 6.47 -12.31
CA ASN A 86 -1.35 5.97 -12.21
C ASN A 86 -0.91 6.09 -10.76
N VAL A 87 -0.63 4.98 -10.12
CA VAL A 87 -0.25 5.00 -8.72
C VAL A 87 1.07 4.31 -8.51
N ARG A 88 1.97 4.97 -7.87
CA ARG A 88 3.21 4.37 -7.48
C ARG A 88 3.10 3.78 -6.11
N PHE A 89 2.99 2.49 -6.06
CA PHE A 89 2.96 1.77 -4.83
C PHE A 89 4.34 1.29 -4.55
N VAL A 90 4.99 1.92 -3.67
CA VAL A 90 6.27 1.44 -3.28
C VAL A 90 6.01 0.55 -2.12
N ILE A 91 5.81 -0.67 -2.40
CA ILE A 91 5.58 -1.68 -1.44
C ILE A 91 6.80 -2.56 -1.33
N GLY A 92 6.96 -3.22 -0.24
CA GLY A 92 8.03 -4.09 -0.11
C GLY A 92 7.60 -5.42 0.42
N ARG A 93 8.22 -6.43 -0.07
CA ARG A 93 7.94 -7.78 0.30
C ARG A 93 9.07 -8.29 1.14
N GLU A 94 8.75 -8.84 2.29
CA GLU A 94 9.75 -9.38 3.17
C GLU A 94 10.19 -10.76 2.69
N GLY A 1 18.24 -9.05 6.65
CA GLY A 1 18.30 -9.23 5.20
C GLY A 1 18.09 -7.92 4.48
N HIS A 2 17.54 -7.97 3.28
CA HIS A 2 17.28 -6.77 2.51
C HIS A 2 15.84 -6.77 2.01
N MET A 3 15.14 -5.72 2.27
CA MET A 3 13.77 -5.56 1.84
C MET A 3 13.71 -4.87 0.48
N GLU A 4 13.00 -5.46 -0.45
CA GLU A 4 12.87 -4.92 -1.81
C GLU A 4 11.71 -3.98 -1.86
N LEU A 5 11.98 -2.71 -1.99
CA LEU A 5 10.93 -1.76 -2.19
C LEU A 5 10.73 -1.58 -3.67
N PHE A 6 9.53 -1.73 -4.09
CA PHE A 6 9.22 -1.69 -5.48
C PHE A 6 8.02 -0.80 -5.78
N PRO A 7 8.13 -0.03 -6.84
CA PRO A 7 7.07 0.82 -7.32
C PRO A 7 6.09 0.07 -8.21
N VAL A 8 4.89 0.07 -7.84
CA VAL A 8 3.88 -0.53 -8.64
C VAL A 8 2.99 0.55 -9.14
N GLU A 9 3.21 0.98 -10.34
CA GLU A 9 2.38 1.96 -10.93
C GLU A 9 1.19 1.24 -11.52
N LEU A 10 0.10 1.30 -10.80
CA LEU A 10 -1.07 0.59 -11.18
C LEU A 10 -1.89 1.54 -11.99
N GLU A 11 -2.40 1.09 -13.08
CA GLU A 11 -3.27 1.89 -13.87
C GLU A 11 -4.70 1.48 -13.62
N LYS A 12 -5.29 2.15 -12.70
CA LYS A 12 -6.64 1.92 -12.31
C LYS A 12 -7.63 2.78 -13.05
N ASP A 13 -8.86 2.63 -12.62
CA ASP A 13 -10.01 3.34 -13.08
C ASP A 13 -10.06 4.74 -12.52
N GLU A 14 -11.04 5.50 -12.93
CA GLU A 14 -11.18 6.90 -12.52
C GLU A 14 -11.88 7.00 -11.16
N ASP A 15 -12.34 5.89 -10.67
CA ASP A 15 -12.95 5.86 -9.36
C ASP A 15 -11.84 5.77 -8.34
N GLY A 16 -10.85 4.95 -8.64
CA GLY A 16 -9.71 4.87 -7.81
C GLY A 16 -9.24 3.47 -7.61
N LEU A 17 -9.16 3.05 -6.37
CA LEU A 17 -8.57 1.78 -6.08
C LEU A 17 -9.61 0.80 -5.67
N GLY A 18 -10.50 1.25 -4.82
CA GLY A 18 -11.49 0.40 -4.24
C GLY A 18 -10.86 -0.56 -3.26
N ILE A 19 -9.75 -0.16 -2.65
CA ILE A 19 -9.06 -1.05 -1.72
C ILE A 19 -9.27 -0.60 -0.29
N SER A 20 -8.65 -1.29 0.64
CA SER A 20 -8.77 -1.01 2.04
C SER A 20 -7.42 -1.26 2.73
N ILE A 21 -7.17 -0.56 3.82
CA ILE A 21 -5.91 -0.67 4.55
C ILE A 21 -6.22 -1.00 6.00
N ILE A 22 -5.23 -1.48 6.71
CA ILE A 22 -5.39 -1.75 8.10
C ILE A 22 -4.20 -1.21 8.86
N GLY A 23 -4.47 -0.47 9.91
CA GLY A 23 -3.41 0.10 10.68
C GLY A 23 -3.10 -0.72 11.87
N MET A 24 -2.02 -1.43 11.81
CA MET A 24 -1.60 -2.27 12.90
C MET A 24 -0.09 -2.35 12.99
N GLY A 25 0.48 -1.52 13.87
CA GLY A 25 1.91 -1.43 14.08
C GLY A 25 2.53 -2.79 14.35
N VAL A 26 3.26 -3.29 13.37
CA VAL A 26 3.82 -4.62 13.41
C VAL A 26 5.04 -4.76 14.35
N GLY A 27 4.73 -5.05 15.60
CA GLY A 27 5.72 -5.39 16.58
C GLY A 27 6.55 -4.24 17.11
N ALA A 28 7.46 -3.73 16.25
CA ALA A 28 8.48 -2.74 16.61
C ALA A 28 9.41 -3.38 17.64
N ASP A 29 9.48 -4.69 17.54
CA ASP A 29 10.21 -5.52 18.48
C ASP A 29 11.51 -6.02 17.89
N ALA A 30 11.46 -6.42 16.63
CA ALA A 30 12.63 -6.97 15.95
C ALA A 30 13.76 -5.94 15.84
N GLY A 31 13.40 -4.68 15.78
CA GLY A 31 14.40 -3.62 15.67
C GLY A 31 14.25 -2.84 14.41
N LEU A 32 13.58 -3.44 13.44
CA LEU A 32 13.34 -2.81 12.16
C LEU A 32 12.40 -1.63 12.35
N GLU A 33 11.31 -1.88 13.10
CA GLU A 33 10.33 -0.86 13.50
C GLU A 33 9.79 -0.09 12.32
N LYS A 34 8.97 -0.74 11.55
CA LYS A 34 8.38 -0.09 10.41
C LYS A 34 6.90 0.12 10.71
N LEU A 35 6.21 0.74 9.80
CA LEU A 35 4.78 0.91 9.84
C LEU A 35 4.04 -0.43 9.96
N GLY A 36 2.77 -0.34 10.18
CA GLY A 36 1.96 -1.49 10.21
C GLY A 36 0.73 -1.31 9.37
N ILE A 37 0.86 -0.55 8.32
CA ILE A 37 -0.27 -0.35 7.45
C ILE A 37 -0.28 -1.41 6.39
N PHE A 38 -1.06 -2.39 6.62
CA PHE A 38 -1.15 -3.49 5.72
C PHE A 38 -2.32 -3.28 4.82
N VAL A 39 -2.33 -3.99 3.75
CA VAL A 39 -3.44 -3.93 2.88
C VAL A 39 -4.53 -4.80 3.47
N LYS A 40 -5.66 -4.22 3.71
CA LYS A 40 -6.76 -4.90 4.33
C LYS A 40 -7.50 -5.71 3.27
N THR A 41 -7.80 -5.07 2.19
CA THR A 41 -8.53 -5.69 1.13
C THR A 41 -8.16 -4.95 -0.13
N VAL A 42 -8.40 -5.55 -1.24
CA VAL A 42 -8.18 -4.94 -2.51
C VAL A 42 -9.39 -5.29 -3.34
N THR A 43 -9.79 -4.40 -4.25
CA THR A 43 -10.85 -4.73 -5.16
C THR A 43 -10.48 -6.04 -5.89
N GLU A 44 -11.43 -6.93 -5.96
CA GLU A 44 -11.27 -8.29 -6.46
C GLU A 44 -10.70 -8.29 -7.87
N GLY A 45 -11.39 -7.66 -8.76
CA GLY A 45 -10.95 -7.58 -10.11
C GLY A 45 -11.25 -6.29 -10.75
N GLY A 46 -11.11 -5.22 -10.00
CA GLY A 46 -11.31 -3.89 -10.57
C GLY A 46 -10.26 -3.65 -11.63
N ALA A 47 -9.01 -3.93 -11.27
CA ALA A 47 -7.82 -3.82 -12.14
C ALA A 47 -6.56 -4.01 -11.31
N ALA A 48 -6.63 -3.71 -9.99
CA ALA A 48 -5.45 -3.79 -9.12
C ALA A 48 -4.96 -5.20 -9.01
N GLN A 49 -5.84 -6.08 -8.63
CA GLN A 49 -5.48 -7.49 -8.52
C GLN A 49 -5.42 -8.16 -9.88
N ARG A 50 -5.82 -7.45 -10.91
CA ARG A 50 -5.72 -7.98 -12.24
C ARG A 50 -4.40 -7.61 -12.84
N ASP A 51 -3.80 -6.53 -12.33
CA ASP A 51 -2.42 -6.17 -12.69
C ASP A 51 -1.51 -7.30 -12.27
N GLY A 52 -1.58 -7.64 -11.01
CA GLY A 52 -0.85 -8.77 -10.51
C GLY A 52 0.36 -8.41 -9.69
N ARG A 53 0.97 -7.25 -9.92
CA ARG A 53 2.20 -6.90 -9.19
C ARG A 53 1.87 -6.56 -7.73
N ILE A 54 0.70 -6.03 -7.51
CA ILE A 54 0.29 -5.65 -6.19
C ILE A 54 -0.58 -6.77 -5.60
N GLN A 55 -0.50 -6.97 -4.29
CA GLN A 55 -1.31 -7.98 -3.66
C GLN A 55 -1.91 -7.45 -2.36
N VAL A 56 -2.94 -8.13 -1.89
CA VAL A 56 -3.67 -7.79 -0.67
C VAL A 56 -2.88 -8.16 0.59
N ASN A 57 -1.87 -8.96 0.42
CA ASN A 57 -1.11 -9.46 1.55
C ASN A 57 0.13 -8.61 1.80
N ASP A 58 0.18 -7.51 1.11
CA ASP A 58 1.32 -6.63 1.19
C ASP A 58 1.08 -5.47 2.15
N GLN A 59 2.00 -4.56 2.14
CA GLN A 59 1.98 -3.40 3.01
C GLN A 59 2.33 -2.17 2.19
N ILE A 60 1.56 -1.11 2.34
CA ILE A 60 1.78 0.11 1.58
C ILE A 60 2.95 0.89 2.19
N VAL A 61 4.02 1.03 1.45
CA VAL A 61 5.19 1.73 1.97
C VAL A 61 5.16 3.21 1.55
N GLU A 62 4.98 3.45 0.29
CA GLU A 62 5.00 4.80 -0.24
C GLU A 62 4.05 4.89 -1.42
N VAL A 63 2.97 5.58 -1.24
CA VAL A 63 2.07 5.82 -2.33
C VAL A 63 2.22 7.21 -2.84
N ASP A 64 2.44 7.30 -4.15
CA ASP A 64 2.51 8.58 -4.88
C ASP A 64 3.68 9.48 -4.39
N GLY A 65 4.61 8.88 -3.69
CA GLY A 65 5.74 9.60 -3.15
C GLY A 65 5.44 10.28 -1.85
N ILE A 66 4.27 9.99 -1.28
CA ILE A 66 3.86 10.66 -0.06
C ILE A 66 4.63 10.09 1.16
N SER A 67 5.24 8.93 0.96
CA SER A 67 5.98 8.19 1.96
C SER A 67 5.20 8.04 3.27
N LEU A 68 4.29 7.09 3.28
CA LEU A 68 3.43 6.89 4.44
C LEU A 68 3.99 5.81 5.34
N VAL A 69 5.20 5.47 5.04
CA VAL A 69 5.99 4.55 5.84
C VAL A 69 6.13 5.07 7.30
N GLY A 70 5.21 4.63 8.14
CA GLY A 70 5.21 4.98 9.54
C GLY A 70 4.03 5.83 9.93
N VAL A 71 2.97 5.80 9.17
CA VAL A 71 1.79 6.60 9.49
C VAL A 71 0.69 5.74 10.08
N THR A 72 -0.38 6.37 10.46
CA THR A 72 -1.54 5.69 10.99
C THR A 72 -2.52 5.41 9.87
N GLN A 73 -3.56 4.64 10.18
CA GLN A 73 -4.53 4.23 9.19
C GLN A 73 -5.29 5.44 8.65
N ASN A 74 -5.43 6.47 9.49
CA ASN A 74 -6.15 7.67 9.08
C ASN A 74 -5.36 8.44 8.05
N PHE A 75 -4.04 8.36 8.12
CA PHE A 75 -3.23 9.02 7.16
C PHE A 75 -3.23 8.21 5.89
N ALA A 76 -2.94 6.91 6.05
CA ALA A 76 -2.85 5.99 4.93
C ALA A 76 -4.13 5.96 4.11
N ALA A 77 -5.28 5.79 4.76
CA ALA A 77 -6.57 5.72 4.07
C ALA A 77 -6.81 6.99 3.28
N THR A 78 -6.39 8.13 3.82
CA THR A 78 -6.51 9.40 3.14
C THR A 78 -5.68 9.40 1.84
N VAL A 79 -4.48 8.86 1.92
CA VAL A 79 -3.60 8.76 0.76
C VAL A 79 -4.21 7.85 -0.29
N LEU A 80 -4.60 6.65 0.13
CA LEU A 80 -5.23 5.69 -0.77
C LEU A 80 -6.58 6.20 -1.31
N ARG A 81 -7.14 7.18 -0.65
CA ARG A 81 -8.37 7.86 -1.08
C ARG A 81 -8.03 9.01 -2.06
N ASN A 82 -6.83 9.56 -1.93
CA ASN A 82 -6.37 10.68 -2.76
C ASN A 82 -5.70 10.22 -4.03
N THR A 83 -5.75 8.95 -4.24
CA THR A 83 -5.21 8.35 -5.42
C THR A 83 -6.11 8.61 -6.65
N LYS A 84 -5.72 8.08 -7.76
CA LYS A 84 -6.42 8.19 -9.00
C LYS A 84 -6.05 6.98 -9.84
N GLY A 85 -6.29 7.03 -11.14
CA GLY A 85 -5.96 5.93 -12.04
C GLY A 85 -4.53 5.41 -11.90
N ASN A 86 -3.56 6.15 -12.37
CA ASN A 86 -2.16 5.71 -12.29
C ASN A 86 -1.56 6.01 -10.93
N VAL A 87 -1.41 4.99 -10.12
CA VAL A 87 -0.88 5.15 -8.78
C VAL A 87 0.42 4.47 -8.66
N ARG A 88 1.35 5.08 -8.03
CA ARG A 88 2.61 4.46 -7.75
C ARG A 88 2.63 3.94 -6.34
N PHE A 89 2.38 2.66 -6.22
CA PHE A 89 2.40 1.99 -4.94
C PHE A 89 3.76 1.44 -4.72
N VAL A 90 4.53 2.09 -3.94
CA VAL A 90 5.82 1.59 -3.63
C VAL A 90 5.68 0.77 -2.38
N ILE A 91 5.52 -0.47 -2.60
CA ILE A 91 5.42 -1.47 -1.58
C ILE A 91 6.70 -2.26 -1.53
N GLY A 92 6.94 -2.99 -0.48
CA GLY A 92 8.13 -3.75 -0.41
C GLY A 92 7.89 -5.11 0.18
N ARG A 93 8.82 -6.01 -0.05
CA ARG A 93 8.76 -7.35 0.47
C ARG A 93 10.17 -7.78 0.84
N GLU A 94 10.29 -8.54 1.88
CA GLU A 94 11.57 -9.09 2.30
C GLU A 94 11.87 -10.34 1.49
N GLY A 1 17.18 -10.45 6.64
CA GLY A 1 16.13 -10.52 5.65
C GLY A 1 16.29 -9.44 4.63
N HIS A 2 16.09 -9.76 3.37
CA HIS A 2 16.23 -8.78 2.32
C HIS A 2 14.88 -8.17 2.01
N MET A 3 14.58 -7.04 2.61
CA MET A 3 13.35 -6.38 2.28
C MET A 3 13.56 -5.54 1.05
N GLU A 4 12.93 -5.95 0.00
CA GLU A 4 13.03 -5.28 -1.26
C GLU A 4 11.87 -4.36 -1.40
N LEU A 5 12.14 -3.10 -1.50
CA LEU A 5 11.12 -2.12 -1.71
C LEU A 5 11.02 -1.88 -3.20
N PHE A 6 9.83 -1.99 -3.72
CA PHE A 6 9.63 -1.88 -5.12
C PHE A 6 8.41 -1.03 -5.48
N PRO A 7 8.52 -0.25 -6.53
CA PRO A 7 7.43 0.57 -7.01
C PRO A 7 6.48 -0.22 -7.90
N VAL A 8 5.26 -0.21 -7.55
CA VAL A 8 4.25 -0.81 -8.34
C VAL A 8 3.42 0.31 -8.92
N GLU A 9 3.74 0.70 -10.11
CA GLU A 9 3.02 1.74 -10.77
C GLU A 9 1.79 1.12 -11.40
N LEU A 10 0.69 1.33 -10.77
CA LEU A 10 -0.54 0.74 -11.15
C LEU A 10 -1.28 1.78 -11.94
N GLU A 11 -1.94 1.38 -12.99
CA GLU A 11 -2.78 2.28 -13.70
C GLU A 11 -4.22 1.89 -13.44
N LYS A 12 -4.81 2.55 -12.49
CA LYS A 12 -6.15 2.29 -12.08
C LYS A 12 -7.20 3.01 -12.90
N ASP A 13 -8.41 2.69 -12.57
CA ASP A 13 -9.61 3.14 -13.20
C ASP A 13 -10.17 4.36 -12.51
N GLU A 14 -11.28 4.86 -13.02
CA GLU A 14 -11.89 6.11 -12.59
C GLU A 14 -12.48 6.06 -11.18
N ASP A 15 -12.66 4.86 -10.64
CA ASP A 15 -13.21 4.70 -9.29
C ASP A 15 -12.14 5.00 -8.27
N GLY A 16 -10.91 4.77 -8.65
CA GLY A 16 -9.82 5.01 -7.78
C GLY A 16 -9.13 3.72 -7.52
N LEU A 17 -8.97 3.34 -6.28
CA LEU A 17 -8.38 2.05 -6.00
C LEU A 17 -9.45 1.12 -5.59
N GLY A 18 -10.25 1.58 -4.64
CA GLY A 18 -11.30 0.78 -4.08
C GLY A 18 -10.73 -0.26 -3.15
N ILE A 19 -9.58 0.05 -2.55
CA ILE A 19 -8.96 -0.92 -1.67
C ILE A 19 -9.18 -0.56 -0.21
N SER A 20 -8.65 -1.35 0.68
CA SER A 20 -8.82 -1.14 2.10
C SER A 20 -7.48 -1.43 2.77
N ILE A 21 -7.23 -0.81 3.91
CA ILE A 21 -5.98 -0.95 4.62
C ILE A 21 -6.23 -1.39 6.05
N ILE A 22 -5.22 -1.88 6.71
CA ILE A 22 -5.33 -2.22 8.12
C ILE A 22 -4.20 -1.62 8.90
N GLY A 23 -4.53 -0.99 10.01
CA GLY A 23 -3.55 -0.40 10.85
C GLY A 23 -3.10 -1.34 11.92
N MET A 24 -1.94 -1.89 11.75
CA MET A 24 -1.39 -2.80 12.73
C MET A 24 0.11 -2.67 12.86
N GLY A 25 0.50 -1.79 13.80
CA GLY A 25 1.89 -1.45 14.06
C GLY A 25 2.76 -2.66 14.29
N VAL A 26 3.61 -2.91 13.35
CA VAL A 26 4.44 -4.07 13.33
C VAL A 26 5.87 -3.65 12.95
N GLY A 27 6.83 -4.51 13.21
CA GLY A 27 8.17 -4.27 12.77
C GLY A 27 8.93 -3.35 13.67
N ALA A 28 9.07 -3.73 14.91
CA ALA A 28 9.89 -2.99 15.87
C ALA A 28 11.14 -3.79 16.17
N ASP A 29 11.19 -4.95 15.56
CA ASP A 29 12.19 -6.00 15.79
C ASP A 29 13.59 -5.51 15.51
N ALA A 30 13.73 -4.75 14.44
CA ALA A 30 15.02 -4.24 14.03
C ALA A 30 15.27 -2.84 14.60
N GLY A 31 14.34 -2.36 15.42
CA GLY A 31 14.51 -1.08 16.07
C GLY A 31 13.97 0.09 15.28
N LEU A 32 13.26 -0.18 14.21
CA LEU A 32 12.74 0.90 13.39
C LEU A 32 11.35 1.35 13.81
N GLU A 33 10.47 0.39 14.09
CA GLU A 33 9.04 0.63 14.32
C GLU A 33 8.46 1.25 13.06
N LYS A 34 8.09 0.40 12.14
CA LYS A 34 7.70 0.83 10.84
C LYS A 34 6.19 0.94 10.77
N LEU A 35 5.72 1.21 9.59
CA LEU A 35 4.33 1.28 9.29
C LEU A 35 3.71 -0.11 9.48
N GLY A 36 2.51 -0.15 9.91
CA GLY A 36 1.86 -1.40 10.05
C GLY A 36 0.66 -1.45 9.18
N ILE A 37 0.73 -0.76 8.09
CA ILE A 37 -0.38 -0.66 7.21
C ILE A 37 -0.33 -1.74 6.16
N PHE A 38 -1.09 -2.75 6.37
CA PHE A 38 -1.19 -3.83 5.43
C PHE A 38 -2.39 -3.61 4.57
N VAL A 39 -2.47 -4.31 3.49
CA VAL A 39 -3.59 -4.22 2.65
C VAL A 39 -4.68 -5.11 3.24
N LYS A 40 -5.86 -4.55 3.42
CA LYS A 40 -6.97 -5.32 3.92
C LYS A 40 -7.63 -6.01 2.80
N THR A 41 -8.06 -5.22 1.86
CA THR A 41 -8.77 -5.71 0.74
C THR A 41 -8.38 -4.88 -0.46
N VAL A 42 -8.68 -5.38 -1.60
CA VAL A 42 -8.50 -4.70 -2.83
C VAL A 42 -9.84 -4.82 -3.55
N THR A 43 -10.11 -3.94 -4.47
CA THR A 43 -11.31 -4.02 -5.27
C THR A 43 -11.24 -5.34 -6.06
N GLU A 44 -12.38 -5.92 -6.37
CA GLU A 44 -12.45 -7.26 -6.96
C GLU A 44 -11.62 -7.40 -8.23
N GLY A 45 -11.48 -6.35 -8.95
CA GLY A 45 -10.62 -6.38 -10.09
C GLY A 45 -10.02 -5.05 -10.36
N GLY A 46 -10.89 -4.11 -10.64
CA GLY A 46 -10.57 -2.79 -11.14
C GLY A 46 -9.53 -2.90 -12.19
N ALA A 47 -8.39 -2.55 -11.79
CA ALA A 47 -7.21 -2.68 -12.57
C ALA A 47 -6.08 -3.12 -11.67
N ALA A 48 -6.42 -3.41 -10.41
CA ALA A 48 -5.42 -3.76 -9.38
C ALA A 48 -5.29 -5.26 -9.30
N GLN A 49 -6.40 -5.95 -9.07
CA GLN A 49 -6.34 -7.39 -9.04
C GLN A 49 -6.31 -7.93 -10.47
N ARG A 50 -6.68 -7.07 -11.41
CA ARG A 50 -6.54 -7.37 -12.81
C ARG A 50 -5.09 -7.17 -13.23
N ASP A 51 -4.39 -6.31 -12.49
CA ASP A 51 -2.94 -6.14 -12.69
C ASP A 51 -2.23 -7.38 -12.18
N GLY A 52 -2.40 -7.64 -10.90
CA GLY A 52 -1.91 -8.87 -10.33
C GLY A 52 -0.46 -8.82 -9.86
N ARG A 53 0.19 -7.69 -9.97
CA ARG A 53 1.55 -7.60 -9.45
C ARG A 53 1.42 -7.27 -7.98
N ILE A 54 0.44 -6.45 -7.69
CA ILE A 54 0.12 -6.05 -6.34
C ILE A 54 -0.84 -7.09 -5.75
N GLN A 55 -0.74 -7.34 -4.47
CA GLN A 55 -1.62 -8.30 -3.86
C GLN A 55 -2.30 -7.71 -2.62
N VAL A 56 -3.18 -8.51 -2.02
CA VAL A 56 -4.00 -8.08 -0.88
C VAL A 56 -3.26 -8.39 0.42
N ASN A 57 -2.20 -9.13 0.29
CA ASN A 57 -1.46 -9.56 1.45
C ASN A 57 -0.18 -8.75 1.61
N ASP A 58 -0.06 -7.73 0.79
CA ASP A 58 1.09 -6.85 0.82
C ASP A 58 0.95 -5.78 1.88
N GLN A 59 1.93 -4.92 1.94
CA GLN A 59 1.99 -3.88 2.91
C GLN A 59 2.35 -2.58 2.20
N ILE A 60 1.57 -1.54 2.42
CA ILE A 60 1.77 -0.26 1.73
C ILE A 60 2.94 0.49 2.37
N VAL A 61 4.04 0.61 1.67
CA VAL A 61 5.22 1.25 2.24
C VAL A 61 5.26 2.75 1.90
N GLU A 62 5.02 3.07 0.65
CA GLU A 62 5.07 4.44 0.20
C GLU A 62 4.21 4.61 -1.06
N VAL A 63 3.04 5.15 -0.89
CA VAL A 63 2.17 5.41 -2.00
C VAL A 63 2.34 6.84 -2.49
N ASP A 64 2.54 6.97 -3.80
CA ASP A 64 2.56 8.26 -4.52
C ASP A 64 3.76 9.14 -4.06
N GLY A 65 4.66 8.52 -3.33
CA GLY A 65 5.81 9.21 -2.81
C GLY A 65 5.49 10.00 -1.56
N ILE A 66 4.34 9.70 -0.95
CA ILE A 66 3.89 10.42 0.23
C ILE A 66 4.67 9.95 1.48
N SER A 67 5.25 8.76 1.37
CA SER A 67 6.00 8.09 2.44
C SER A 67 5.26 8.07 3.78
N LEU A 68 4.29 7.19 3.85
CA LEU A 68 3.43 7.05 4.98
C LEU A 68 4.02 6.04 6.00
N VAL A 69 5.33 6.02 6.06
CA VAL A 69 6.06 5.13 6.92
C VAL A 69 5.87 5.54 8.39
N GLY A 70 4.95 4.90 9.05
CA GLY A 70 4.74 5.14 10.45
C GLY A 70 3.51 5.97 10.73
N VAL A 71 2.61 6.02 9.77
CA VAL A 71 1.36 6.74 9.96
C VAL A 71 0.30 5.80 10.48
N THR A 72 -0.87 6.33 10.72
CA THR A 72 -1.96 5.54 11.16
C THR A 72 -2.79 5.11 9.99
N GLN A 73 -3.71 4.25 10.28
CA GLN A 73 -4.64 3.74 9.32
C GLN A 73 -5.46 4.85 8.68
N ASN A 74 -5.78 5.88 9.43
CA ASN A 74 -6.58 6.98 8.90
C ASN A 74 -5.79 7.80 7.90
N PHE A 75 -4.50 7.98 8.15
CA PHE A 75 -3.66 8.69 7.21
C PHE A 75 -3.56 7.87 5.95
N ALA A 76 -3.24 6.59 6.12
CA ALA A 76 -3.09 5.68 5.00
C ALA A 76 -4.39 5.55 4.21
N ALA A 77 -5.51 5.39 4.89
CA ALA A 77 -6.83 5.27 4.24
C ALA A 77 -7.20 6.54 3.49
N THR A 78 -6.52 7.61 3.80
CA THR A 78 -6.69 8.86 3.12
C THR A 78 -5.79 8.88 1.89
N VAL A 79 -4.54 8.45 2.04
CA VAL A 79 -3.59 8.39 0.92
C VAL A 79 -4.15 7.51 -0.19
N LEU A 80 -4.55 6.30 0.18
CA LEU A 80 -5.13 5.32 -0.74
C LEU A 80 -6.54 5.75 -1.24
N ARG A 81 -6.97 6.91 -0.80
CA ARG A 81 -8.23 7.50 -1.22
C ARG A 81 -7.97 8.79 -2.03
N ASN A 82 -6.78 9.32 -1.91
CA ASN A 82 -6.34 10.53 -2.64
C ASN A 82 -5.67 10.14 -3.95
N THR A 83 -5.47 8.87 -4.09
CA THR A 83 -4.81 8.29 -5.22
C THR A 83 -5.56 8.49 -6.53
N LYS A 84 -4.84 8.32 -7.60
CA LYS A 84 -5.33 8.49 -8.93
C LYS A 84 -5.33 7.17 -9.63
N GLY A 85 -5.43 7.23 -10.94
CA GLY A 85 -5.26 6.08 -11.75
C GLY A 85 -3.83 5.60 -11.67
N ASN A 86 -2.92 6.44 -12.06
CA ASN A 86 -1.50 6.11 -11.97
C ASN A 86 -1.03 6.24 -10.55
N VAL A 87 -0.80 5.12 -9.92
CA VAL A 87 -0.39 5.09 -8.54
C VAL A 87 0.91 4.40 -8.44
N ARG A 88 1.83 4.97 -7.74
CA ARG A 88 3.07 4.30 -7.47
C ARG A 88 3.04 3.77 -6.07
N PHE A 89 2.70 2.50 -5.96
CA PHE A 89 2.68 1.83 -4.71
C PHE A 89 4.05 1.30 -4.45
N VAL A 90 4.79 1.92 -3.63
CA VAL A 90 6.08 1.43 -3.33
C VAL A 90 5.91 0.53 -2.12
N ILE A 91 5.69 -0.69 -2.42
CA ILE A 91 5.52 -1.72 -1.46
C ILE A 91 6.78 -2.56 -1.43
N GLY A 92 7.01 -3.22 -0.35
CA GLY A 92 8.18 -4.00 -0.26
C GLY A 92 7.87 -5.37 0.24
N ARG A 93 8.80 -6.24 0.10
CA ARG A 93 8.64 -7.60 0.53
C ARG A 93 9.92 -8.11 1.11
N GLU A 94 9.83 -8.88 2.17
CA GLU A 94 10.99 -9.58 2.66
C GLU A 94 10.94 -10.96 2.02
N GLY A 1 14.49 -6.36 8.95
CA GLY A 1 14.47 -7.62 8.18
C GLY A 1 14.83 -7.36 6.74
N HIS A 2 14.56 -8.32 5.89
CA HIS A 2 14.86 -8.16 4.47
C HIS A 2 13.60 -7.87 3.68
N MET A 3 13.45 -6.63 3.30
CA MET A 3 12.30 -6.20 2.52
C MET A 3 12.78 -5.64 1.19
N GLU A 4 12.16 -6.03 0.12
CA GLU A 4 12.51 -5.51 -1.18
C GLU A 4 11.46 -4.52 -1.61
N LEU A 5 11.81 -3.26 -1.68
CA LEU A 5 10.88 -2.22 -2.07
C LEU A 5 10.92 -2.03 -3.56
N PHE A 6 9.78 -1.90 -4.16
CA PHE A 6 9.66 -1.75 -5.58
C PHE A 6 8.48 -0.85 -5.97
N PRO A 7 8.68 0.00 -6.97
CA PRO A 7 7.64 0.88 -7.49
C PRO A 7 6.70 0.18 -8.47
N VAL A 8 5.43 0.28 -8.19
CA VAL A 8 4.44 -0.24 -9.06
C VAL A 8 3.54 0.89 -9.47
N GLU A 9 3.70 1.37 -10.67
CA GLU A 9 2.79 2.36 -11.15
C GLU A 9 1.58 1.64 -11.70
N LEU A 10 0.52 1.70 -10.97
CA LEU A 10 -0.66 0.96 -11.30
C LEU A 10 -1.51 1.85 -12.18
N GLU A 11 -2.34 1.26 -12.97
CA GLU A 11 -3.25 2.01 -13.78
C GLU A 11 -4.66 1.60 -13.42
N LYS A 12 -5.22 2.35 -12.51
CA LYS A 12 -6.53 2.11 -12.03
C LYS A 12 -7.63 2.80 -12.80
N ASP A 13 -8.81 2.48 -12.35
CA ASP A 13 -10.06 2.95 -12.87
C ASP A 13 -10.26 4.35 -12.35
N GLU A 14 -11.24 5.06 -12.88
CA GLU A 14 -11.49 6.41 -12.44
C GLU A 14 -12.16 6.43 -11.06
N ASP A 15 -12.58 5.27 -10.62
CA ASP A 15 -13.10 5.09 -9.26
C ASP A 15 -12.00 5.37 -8.27
N GLY A 16 -10.81 5.06 -8.67
CA GLY A 16 -9.68 5.26 -7.84
C GLY A 16 -9.06 3.94 -7.54
N LEU A 17 -8.79 3.70 -6.30
CA LEU A 17 -8.15 2.49 -5.91
C LEU A 17 -9.15 1.53 -5.31
N GLY A 18 -9.76 1.97 -4.23
CA GLY A 18 -10.74 1.17 -3.56
C GLY A 18 -10.14 -0.02 -2.84
N ILE A 19 -8.97 0.15 -2.24
CA ILE A 19 -8.41 -0.95 -1.49
C ILE A 19 -8.48 -0.68 0.01
N SER A 20 -8.23 -1.70 0.78
CA SER A 20 -8.32 -1.63 2.21
C SER A 20 -6.93 -1.91 2.79
N ILE A 21 -6.64 -1.31 3.92
CA ILE A 21 -5.34 -1.43 4.56
C ILE A 21 -5.52 -1.91 5.97
N ILE A 22 -4.45 -2.32 6.58
CA ILE A 22 -4.49 -2.70 7.95
C ILE A 22 -3.37 -2.03 8.72
N GLY A 23 -3.72 -1.45 9.85
CA GLY A 23 -2.76 -0.76 10.64
C GLY A 23 -2.09 -1.65 11.64
N MET A 24 -0.95 -2.16 11.29
CA MET A 24 -0.15 -2.98 12.19
C MET A 24 1.06 -2.18 12.60
N GLY A 25 1.82 -2.70 13.49
CA GLY A 25 3.03 -2.05 13.92
C GLY A 25 4.19 -3.00 13.88
N VAL A 26 4.50 -3.50 12.71
CA VAL A 26 5.56 -4.47 12.55
C VAL A 26 6.93 -3.81 12.80
N GLY A 27 7.74 -4.47 13.57
CA GLY A 27 9.06 -3.98 13.85
C GLY A 27 9.08 -2.88 14.89
N ALA A 28 7.92 -2.50 15.41
CA ALA A 28 7.84 -1.43 16.38
C ALA A 28 8.40 -1.87 17.72
N ASP A 29 7.81 -2.90 18.25
CA ASP A 29 8.23 -3.49 19.54
C ASP A 29 9.62 -4.10 19.41
N ALA A 30 9.93 -4.58 18.21
CA ALA A 30 11.22 -5.17 17.90
C ALA A 30 12.34 -4.13 17.97
N GLY A 31 12.04 -2.87 17.65
CA GLY A 31 13.05 -1.85 17.76
C GLY A 31 13.39 -1.14 16.45
N LEU A 32 12.68 -1.45 15.40
CA LEU A 32 12.95 -0.85 14.09
C LEU A 32 12.10 0.38 13.91
N GLU A 33 10.81 0.23 14.22
CA GLU A 33 9.78 1.23 13.97
C GLU A 33 9.68 1.56 12.50
N LYS A 34 8.96 0.74 11.82
CA LYS A 34 8.72 0.90 10.46
C LYS A 34 7.21 0.80 10.29
N LEU A 35 6.73 1.00 9.10
CA LEU A 35 5.32 0.95 8.86
C LEU A 35 4.81 -0.46 9.02
N GLY A 36 3.61 -0.57 9.45
CA GLY A 36 2.96 -1.82 9.53
C GLY A 36 1.69 -1.78 8.77
N ILE A 37 1.62 -0.92 7.80
CA ILE A 37 0.42 -0.79 7.02
C ILE A 37 0.47 -1.81 5.90
N PHE A 38 -0.23 -2.87 6.10
CA PHE A 38 -0.30 -3.92 5.13
C PHE A 38 -1.54 -3.75 4.33
N VAL A 39 -1.62 -4.41 3.21
CA VAL A 39 -2.80 -4.37 2.44
C VAL A 39 -3.80 -5.31 3.10
N LYS A 40 -4.96 -4.84 3.37
CA LYS A 40 -5.94 -5.64 4.01
C LYS A 40 -6.75 -6.38 2.97
N THR A 41 -7.12 -5.68 1.95
CA THR A 41 -7.91 -6.23 0.89
C THR A 41 -7.75 -5.33 -0.30
N VAL A 42 -8.08 -5.80 -1.46
CA VAL A 42 -7.99 -5.03 -2.64
C VAL A 42 -9.36 -5.12 -3.30
N THR A 43 -9.73 -4.12 -4.06
CA THR A 43 -10.97 -4.12 -4.76
C THR A 43 -10.95 -5.27 -5.78
N GLU A 44 -12.07 -5.88 -5.96
CA GLU A 44 -12.21 -7.02 -6.80
C GLU A 44 -12.28 -6.54 -8.24
N GLY A 45 -13.19 -5.63 -8.45
CA GLY A 45 -13.42 -5.10 -9.74
C GLY A 45 -12.86 -3.77 -9.86
N GLY A 46 -11.60 -3.76 -9.76
CA GLY A 46 -10.82 -2.66 -9.98
C GLY A 46 -9.58 -3.17 -10.59
N ALA A 47 -8.99 -2.39 -11.42
CA ALA A 47 -7.79 -2.75 -12.20
C ALA A 47 -6.55 -3.16 -11.36
N ALA A 48 -6.65 -3.18 -10.04
CA ALA A 48 -5.56 -3.54 -9.18
C ALA A 48 -5.38 -5.05 -9.23
N GLN A 49 -6.48 -5.77 -9.05
CA GLN A 49 -6.42 -7.21 -9.15
C GLN A 49 -6.47 -7.66 -10.62
N ARG A 50 -6.63 -6.69 -11.51
CA ARG A 50 -6.51 -6.95 -12.92
C ARG A 50 -5.04 -6.93 -13.27
N ASP A 51 -4.33 -5.97 -12.64
CA ASP A 51 -2.88 -5.78 -12.84
C ASP A 51 -2.10 -7.07 -12.61
N GLY A 52 -2.18 -7.60 -11.41
CA GLY A 52 -1.56 -8.88 -11.13
C GLY A 52 -0.23 -8.77 -10.40
N ARG A 53 0.39 -7.61 -10.42
CA ARG A 53 1.67 -7.45 -9.72
C ARG A 53 1.35 -7.06 -8.30
N ILE A 54 0.47 -6.10 -8.15
CA ILE A 54 0.07 -5.66 -6.84
C ILE A 54 -0.82 -6.74 -6.21
N GLN A 55 -0.74 -6.94 -4.91
CA GLN A 55 -1.50 -8.01 -4.30
C GLN A 55 -2.11 -7.55 -2.97
N VAL A 56 -2.71 -8.49 -2.26
CA VAL A 56 -3.37 -8.24 -0.99
C VAL A 56 -2.41 -8.48 0.17
N ASN A 57 -1.54 -9.43 0.01
CA ASN A 57 -0.66 -9.81 1.12
C ASN A 57 0.67 -9.06 1.10
N ASP A 58 0.70 -7.94 0.41
CA ASP A 58 1.88 -7.10 0.36
C ASP A 58 1.72 -5.91 1.30
N GLN A 59 2.64 -4.97 1.26
CA GLN A 59 2.62 -3.86 2.18
C GLN A 59 2.72 -2.52 1.44
N ILE A 60 1.79 -1.60 1.70
CA ILE A 60 1.83 -0.28 1.07
C ILE A 60 2.91 0.53 1.75
N VAL A 61 4.02 0.70 1.10
CA VAL A 61 5.14 1.37 1.71
C VAL A 61 5.12 2.88 1.42
N GLU A 62 4.96 3.21 0.18
CA GLU A 62 4.95 4.59 -0.25
C GLU A 62 4.06 4.75 -1.46
N VAL A 63 2.90 5.31 -1.26
CA VAL A 63 2.00 5.57 -2.34
C VAL A 63 2.10 6.98 -2.81
N ASP A 64 2.30 7.11 -4.11
CA ASP A 64 2.31 8.40 -4.85
C ASP A 64 3.55 9.23 -4.56
N GLY A 65 4.27 8.80 -3.57
CA GLY A 65 5.41 9.53 -3.11
C GLY A 65 5.11 10.25 -1.81
N ILE A 66 3.97 9.91 -1.20
CA ILE A 66 3.55 10.55 0.03
C ILE A 66 4.41 10.10 1.23
N SER A 67 5.10 8.97 1.04
CA SER A 67 5.92 8.31 2.06
C SER A 67 5.17 8.08 3.38
N LEU A 68 4.38 7.02 3.41
CA LEU A 68 3.55 6.75 4.56
C LEU A 68 4.25 5.75 5.48
N VAL A 69 5.52 5.59 5.23
CA VAL A 69 6.39 4.78 6.05
C VAL A 69 6.37 5.28 7.50
N GLY A 70 5.57 4.62 8.33
CA GLY A 70 5.51 4.93 9.72
C GLY A 70 4.27 5.73 10.09
N VAL A 71 3.17 5.44 9.42
CA VAL A 71 1.92 6.16 9.71
C VAL A 71 0.86 5.23 10.28
N THR A 72 -0.27 5.78 10.61
CA THR A 72 -1.39 5.03 11.12
C THR A 72 -2.29 4.58 10.01
N GLN A 73 -3.26 3.76 10.35
CA GLN A 73 -4.19 3.24 9.38
C GLN A 73 -5.03 4.37 8.79
N ASN A 74 -5.31 5.39 9.59
CA ASN A 74 -6.14 6.50 9.12
C ASN A 74 -5.40 7.36 8.12
N PHE A 75 -4.10 7.51 8.32
CA PHE A 75 -3.28 8.23 7.39
C PHE A 75 -3.26 7.46 6.08
N ALA A 76 -2.92 6.19 6.19
CA ALA A 76 -2.83 5.31 5.04
C ALA A 76 -4.16 5.20 4.30
N ALA A 77 -5.25 5.00 5.02
CA ALA A 77 -6.59 4.88 4.42
C ALA A 77 -6.93 6.12 3.62
N THR A 78 -6.46 7.26 4.09
CA THR A 78 -6.63 8.50 3.41
C THR A 78 -5.82 8.51 2.10
N VAL A 79 -4.56 8.06 2.16
CA VAL A 79 -3.67 8.00 1.00
C VAL A 79 -4.24 7.07 -0.07
N LEU A 80 -4.58 5.84 0.34
CA LEU A 80 -5.13 4.82 -0.56
C LEU A 80 -6.55 5.18 -1.06
N ARG A 81 -7.08 6.26 -0.55
CA ARG A 81 -8.32 6.81 -1.03
C ARG A 81 -8.04 7.99 -1.98
N ASN A 82 -6.96 8.71 -1.71
CA ASN A 82 -6.56 9.90 -2.50
C ASN A 82 -5.85 9.53 -3.76
N THR A 83 -5.84 8.26 -4.02
CA THR A 83 -5.33 7.70 -5.21
C THR A 83 -6.20 8.03 -6.42
N LYS A 84 -5.67 7.73 -7.56
CA LYS A 84 -6.27 8.02 -8.84
C LYS A 84 -5.87 6.91 -9.80
N GLY A 85 -5.97 7.15 -11.10
CA GLY A 85 -5.60 6.16 -12.11
C GLY A 85 -4.16 5.63 -11.97
N ASN A 86 -3.19 6.43 -12.37
CA ASN A 86 -1.80 5.98 -12.31
C ASN A 86 -1.18 6.28 -10.98
N VAL A 87 -1.01 5.26 -10.17
CA VAL A 87 -0.50 5.42 -8.82
C VAL A 87 0.82 4.72 -8.68
N ARG A 88 1.75 5.36 -8.05
CA ARG A 88 3.02 4.75 -7.78
C ARG A 88 2.99 4.10 -6.42
N PHE A 89 2.81 2.83 -6.41
CA PHE A 89 2.82 2.06 -5.21
C PHE A 89 4.21 1.56 -5.00
N VAL A 90 4.91 2.16 -4.13
CA VAL A 90 6.20 1.67 -3.81
C VAL A 90 5.99 0.74 -2.66
N ILE A 91 5.69 -0.45 -2.99
CA ILE A 91 5.42 -1.51 -2.09
C ILE A 91 6.63 -2.38 -1.99
N GLY A 92 6.71 -3.11 -0.94
CA GLY A 92 7.77 -4.00 -0.81
C GLY A 92 7.27 -5.34 -0.43
N ARG A 93 8.06 -6.32 -0.70
CA ARG A 93 7.75 -7.68 -0.41
C ARG A 93 8.95 -8.33 0.24
N GLU A 94 8.69 -9.12 1.25
CA GLU A 94 9.69 -9.88 1.88
C GLU A 94 10.02 -11.09 1.01
N GLY A 1 19.78 -5.99 3.46
CA GLY A 1 18.71 -6.95 3.30
C GLY A 1 17.51 -6.56 4.10
N HIS A 2 16.59 -7.50 4.29
CA HIS A 2 15.34 -7.30 5.01
C HIS A 2 14.37 -6.40 4.29
N MET A 3 13.37 -7.04 3.68
CA MET A 3 12.27 -6.39 2.98
C MET A 3 12.73 -5.70 1.69
N GLU A 4 12.25 -6.18 0.59
CA GLU A 4 12.60 -5.64 -0.71
C GLU A 4 11.58 -4.60 -1.08
N LEU A 5 11.96 -3.34 -1.05
CA LEU A 5 11.07 -2.26 -1.42
C LEU A 5 11.15 -2.03 -2.92
N PHE A 6 10.02 -2.04 -3.58
CA PHE A 6 9.97 -1.91 -5.01
C PHE A 6 8.82 -1.00 -5.48
N PRO A 7 9.05 -0.22 -6.52
CA PRO A 7 8.04 0.65 -7.09
C PRO A 7 7.06 -0.10 -8.01
N VAL A 8 5.81 0.06 -7.73
CA VAL A 8 4.75 -0.46 -8.52
C VAL A 8 3.93 0.69 -9.01
N GLU A 9 4.05 1.03 -10.26
CA GLU A 9 3.20 2.03 -10.80
C GLU A 9 1.98 1.31 -11.33
N LEU A 10 0.91 1.38 -10.59
CA LEU A 10 -0.27 0.67 -10.94
C LEU A 10 -1.10 1.61 -11.78
N GLU A 11 -1.91 1.09 -12.63
CA GLU A 11 -2.76 1.93 -13.41
C GLU A 11 -4.17 1.46 -13.22
N LYS A 12 -4.71 1.88 -12.10
CA LYS A 12 -6.01 1.59 -11.68
C LYS A 12 -7.09 2.30 -12.54
N ASP A 13 -8.31 2.23 -12.06
CA ASP A 13 -9.48 2.71 -12.74
C ASP A 13 -9.73 4.16 -12.32
N GLU A 14 -10.74 4.79 -12.91
CA GLU A 14 -11.03 6.22 -12.65
C GLU A 14 -11.44 6.48 -11.18
N ASP A 15 -11.90 5.44 -10.52
CA ASP A 15 -12.33 5.49 -9.12
C ASP A 15 -11.14 5.63 -8.21
N GLY A 16 -10.07 5.05 -8.64
CA GLY A 16 -8.91 4.96 -7.84
C GLY A 16 -8.75 3.54 -7.41
N LEU A 17 -8.36 3.31 -6.19
CA LEU A 17 -8.23 1.95 -5.74
C LEU A 17 -9.52 1.50 -5.13
N GLY A 18 -9.90 2.19 -4.08
CA GLY A 18 -11.02 1.82 -3.30
C GLY A 18 -10.71 0.60 -2.49
N ILE A 19 -9.46 0.50 -2.05
CA ILE A 19 -9.05 -0.64 -1.25
C ILE A 19 -9.10 -0.30 0.24
N SER A 20 -8.79 -1.29 1.04
CA SER A 20 -8.81 -1.18 2.46
C SER A 20 -7.42 -1.47 2.99
N ILE A 21 -7.09 -0.87 4.09
CA ILE A 21 -5.81 -1.03 4.73
C ILE A 21 -6.03 -1.45 6.16
N ILE A 22 -5.02 -1.96 6.78
CA ILE A 22 -5.14 -2.30 8.16
C ILE A 22 -3.92 -1.85 8.92
N GLY A 23 -4.14 -1.10 9.97
CA GLY A 23 -3.05 -0.60 10.77
C GLY A 23 -2.61 -1.60 11.80
N MET A 24 -1.49 -2.23 11.55
CA MET A 24 -0.95 -3.21 12.46
C MET A 24 0.41 -2.77 12.89
N GLY A 25 0.45 -1.99 13.95
CA GLY A 25 1.69 -1.45 14.45
C GLY A 25 2.71 -2.51 14.76
N VAL A 26 3.75 -2.52 13.98
CA VAL A 26 4.83 -3.48 14.11
C VAL A 26 6.09 -2.72 14.59
N GLY A 27 5.84 -1.79 15.47
CA GLY A 27 6.87 -0.93 16.02
C GLY A 27 7.92 -1.71 16.79
N ALA A 28 9.19 -1.44 16.48
CA ALA A 28 10.37 -2.04 17.08
C ALA A 28 10.59 -3.49 16.66
N ASP A 29 9.56 -4.28 16.73
CA ASP A 29 9.62 -5.72 16.43
C ASP A 29 9.78 -6.04 14.96
N ALA A 30 9.95 -5.01 14.17
CA ALA A 30 10.24 -5.16 12.78
C ALA A 30 11.73 -5.02 12.55
N GLY A 31 12.44 -4.53 13.58
CA GLY A 31 13.88 -4.29 13.49
C GLY A 31 14.17 -2.96 12.81
N LEU A 32 13.60 -2.81 11.64
CA LEU A 32 13.75 -1.62 10.82
C LEU A 32 12.88 -0.50 11.35
N GLU A 33 11.79 -0.88 12.05
CA GLU A 33 10.73 0.02 12.46
C GLU A 33 10.13 0.75 11.27
N LYS A 34 9.12 0.20 10.72
CA LYS A 34 8.46 0.83 9.63
C LYS A 34 6.99 0.75 9.91
N LEU A 35 6.20 1.19 8.98
CA LEU A 35 4.77 1.15 9.10
C LEU A 35 4.27 -0.28 9.28
N GLY A 36 3.08 -0.39 9.76
CA GLY A 36 2.45 -1.65 9.86
C GLY A 36 1.16 -1.63 9.10
N ILE A 37 1.08 -0.79 8.10
CA ILE A 37 -0.12 -0.67 7.32
C ILE A 37 -0.13 -1.70 6.22
N PHE A 38 -0.87 -2.72 6.44
CA PHE A 38 -0.98 -3.78 5.48
C PHE A 38 -2.20 -3.55 4.64
N VAL A 39 -2.26 -4.20 3.52
CA VAL A 39 -3.42 -4.11 2.70
C VAL A 39 -4.47 -5.00 3.32
N LYS A 40 -5.59 -4.45 3.64
CA LYS A 40 -6.62 -5.19 4.28
C LYS A 40 -7.46 -5.90 3.26
N THR A 41 -7.89 -5.17 2.28
CA THR A 41 -8.71 -5.74 1.25
C THR A 41 -8.45 -4.96 -0.01
N VAL A 42 -8.70 -5.54 -1.12
CA VAL A 42 -8.57 -4.88 -2.38
C VAL A 42 -9.89 -5.05 -3.09
N THR A 43 -10.28 -4.05 -3.86
CA THR A 43 -11.46 -4.10 -4.66
C THR A 43 -11.40 -5.33 -5.61
N GLU A 44 -12.56 -5.85 -5.88
CA GLU A 44 -12.81 -7.14 -6.57
C GLU A 44 -11.95 -7.37 -7.82
N GLY A 45 -12.17 -6.62 -8.84
CA GLY A 45 -11.48 -6.89 -10.05
C GLY A 45 -11.32 -5.72 -10.92
N GLY A 46 -10.79 -4.67 -10.37
CA GLY A 46 -10.42 -3.59 -11.15
C GLY A 46 -8.98 -3.75 -11.45
N ALA A 47 -8.39 -2.73 -11.91
CA ALA A 47 -7.00 -2.72 -12.41
C ALA A 47 -5.93 -2.76 -11.28
N ALA A 48 -6.26 -3.46 -10.22
CA ALA A 48 -5.38 -3.71 -9.12
C ALA A 48 -5.17 -5.22 -9.06
N GLN A 49 -6.25 -5.96 -8.77
CA GLN A 49 -6.16 -7.42 -8.79
C GLN A 49 -6.11 -7.95 -10.22
N ARG A 50 -6.68 -7.18 -11.15
CA ARG A 50 -6.55 -7.53 -12.56
C ARG A 50 -5.13 -7.35 -13.01
N ASP A 51 -4.43 -6.46 -12.34
CA ASP A 51 -3.03 -6.22 -12.66
C ASP A 51 -2.21 -7.38 -12.16
N GLY A 52 -2.30 -7.64 -10.87
CA GLY A 52 -1.65 -8.80 -10.30
C GLY A 52 -0.29 -8.51 -9.69
N ARG A 53 0.33 -7.40 -10.08
CA ARG A 53 1.67 -7.09 -9.56
C ARG A 53 1.55 -6.63 -8.11
N ILE A 54 0.39 -6.15 -7.77
CA ILE A 54 0.11 -5.71 -6.44
C ILE A 54 -0.75 -6.78 -5.76
N GLN A 55 -0.62 -6.95 -4.48
CA GLN A 55 -1.39 -7.97 -3.78
C GLN A 55 -2.11 -7.40 -2.57
N VAL A 56 -3.06 -8.19 -2.04
CA VAL A 56 -3.79 -7.84 -0.83
C VAL A 56 -2.95 -8.25 0.39
N ASN A 57 -1.90 -8.96 0.12
CA ASN A 57 -1.05 -9.51 1.15
C ASN A 57 0.22 -8.67 1.26
N ASP A 58 0.16 -7.49 0.72
CA ASP A 58 1.29 -6.59 0.72
C ASP A 58 1.12 -5.52 1.78
N GLN A 59 2.11 -4.65 1.85
CA GLN A 59 2.13 -3.56 2.79
C GLN A 59 2.41 -2.28 2.02
N ILE A 60 1.55 -1.28 2.16
CA ILE A 60 1.70 -0.03 1.41
C ILE A 60 2.79 0.82 2.02
N VAL A 61 3.97 0.73 1.50
CA VAL A 61 5.11 1.42 2.08
C VAL A 61 5.12 2.90 1.67
N GLU A 62 4.83 3.16 0.44
CA GLU A 62 4.80 4.49 -0.07
C GLU A 62 3.81 4.56 -1.20
N VAL A 63 2.94 5.52 -1.16
CA VAL A 63 2.06 5.77 -2.27
C VAL A 63 2.22 7.17 -2.75
N ASP A 64 2.48 7.30 -4.04
CA ASP A 64 2.53 8.60 -4.75
C ASP A 64 3.74 9.45 -4.33
N GLY A 65 4.58 8.85 -3.51
CA GLY A 65 5.71 9.54 -2.97
C GLY A 65 5.38 10.25 -1.69
N ILE A 66 4.22 9.91 -1.10
CA ILE A 66 3.78 10.53 0.13
C ILE A 66 4.54 9.95 1.33
N SER A 67 5.17 8.78 1.10
CA SER A 67 5.89 7.99 2.08
C SER A 67 5.20 7.95 3.44
N LEU A 68 4.22 7.11 3.54
CA LEU A 68 3.39 7.00 4.70
C LEU A 68 3.97 6.00 5.72
N VAL A 69 5.27 5.91 5.74
CA VAL A 69 5.97 5.04 6.66
C VAL A 69 5.85 5.59 8.08
N GLY A 70 5.02 4.94 8.88
CA GLY A 70 4.89 5.34 10.26
C GLY A 70 3.61 6.09 10.54
N VAL A 71 2.67 6.02 9.63
CA VAL A 71 1.40 6.70 9.83
C VAL A 71 0.36 5.73 10.38
N THR A 72 -0.79 6.24 10.68
CA THR A 72 -1.88 5.47 11.16
C THR A 72 -2.72 5.01 10.02
N GLN A 73 -3.67 4.16 10.34
CA GLN A 73 -4.57 3.61 9.36
C GLN A 73 -5.38 4.73 8.69
N ASN A 74 -5.70 5.78 9.44
CA ASN A 74 -6.53 6.85 8.92
C ASN A 74 -5.75 7.71 7.94
N PHE A 75 -4.46 7.86 8.16
CA PHE A 75 -3.65 8.62 7.21
C PHE A 75 -3.54 7.79 5.95
N ALA A 76 -3.18 6.53 6.13
CA ALA A 76 -3.01 5.62 5.01
C ALA A 76 -4.29 5.50 4.19
N ALA A 77 -5.41 5.27 4.85
CA ALA A 77 -6.71 5.15 4.18
C ALA A 77 -7.01 6.38 3.35
N THR A 78 -6.61 7.53 3.85
CA THR A 78 -6.77 8.78 3.15
C THR A 78 -5.94 8.80 1.83
N VAL A 79 -4.70 8.35 1.91
CA VAL A 79 -3.83 8.29 0.74
C VAL A 79 -4.36 7.29 -0.28
N LEU A 80 -4.67 6.08 0.19
CA LEU A 80 -5.20 4.98 -0.66
C LEU A 80 -6.65 5.28 -1.15
N ARG A 81 -7.21 6.37 -0.67
CA ARG A 81 -8.51 6.87 -1.09
C ARG A 81 -8.31 7.87 -2.22
N ASN A 82 -7.35 8.75 -2.01
CA ASN A 82 -7.05 9.87 -2.91
C ASN A 82 -6.27 9.46 -4.14
N THR A 83 -6.09 8.18 -4.29
CA THR A 83 -5.45 7.60 -5.43
C THR A 83 -6.22 7.84 -6.73
N LYS A 84 -5.48 7.81 -7.80
CA LYS A 84 -6.00 7.94 -9.13
C LYS A 84 -5.65 6.69 -9.92
N GLY A 85 -5.71 6.78 -11.23
CA GLY A 85 -5.34 5.68 -12.07
C GLY A 85 -3.89 5.27 -11.85
N ASN A 86 -2.97 6.11 -12.23
CA ASN A 86 -1.56 5.78 -12.05
C ASN A 86 -1.12 6.08 -10.65
N VAL A 87 -0.69 5.05 -9.96
CA VAL A 87 -0.29 5.17 -8.58
C VAL A 87 1.05 4.52 -8.38
N ARG A 88 1.97 5.20 -7.78
CA ARG A 88 3.24 4.63 -7.45
C ARG A 88 3.24 4.08 -6.05
N PHE A 89 3.08 2.80 -5.97
CA PHE A 89 3.13 2.09 -4.72
C PHE A 89 4.53 1.59 -4.56
N VAL A 90 5.27 2.08 -3.63
CA VAL A 90 6.61 1.58 -3.46
C VAL A 90 6.58 0.62 -2.29
N ILE A 91 5.86 -0.44 -2.54
CA ILE A 91 5.60 -1.51 -1.61
C ILE A 91 6.81 -2.40 -1.52
N GLY A 92 6.95 -3.03 -0.42
CA GLY A 92 7.99 -3.92 -0.25
C GLY A 92 7.49 -5.20 0.27
N ARG A 93 8.14 -6.26 -0.08
CA ARG A 93 7.71 -7.55 0.35
C ARG A 93 8.76 -8.06 1.33
N GLU A 94 8.31 -8.58 2.44
CA GLU A 94 9.18 -9.14 3.43
C GLU A 94 9.32 -10.63 3.20
N GLY A 1 15.68 -3.80 9.06
CA GLY A 1 16.51 -4.75 8.32
C GLY A 1 16.47 -4.44 6.87
N HIS A 2 16.62 -5.43 6.02
CA HIS A 2 16.50 -5.19 4.60
C HIS A 2 15.07 -5.45 4.19
N MET A 3 14.71 -4.93 3.05
CA MET A 3 13.40 -5.13 2.49
C MET A 3 13.53 -4.71 1.06
N GLU A 4 12.91 -5.44 0.16
CA GLU A 4 12.99 -5.06 -1.21
C GLU A 4 11.83 -4.15 -1.54
N LEU A 5 12.10 -2.87 -1.60
CA LEU A 5 11.07 -1.91 -1.89
C LEU A 5 10.96 -1.73 -3.39
N PHE A 6 9.79 -1.91 -3.89
CA PHE A 6 9.55 -1.85 -5.29
C PHE A 6 8.35 -0.98 -5.62
N PRO A 7 8.46 -0.23 -6.68
CA PRO A 7 7.37 0.56 -7.18
C PRO A 7 6.42 -0.25 -8.06
N VAL A 8 5.19 -0.22 -7.72
CA VAL A 8 4.19 -0.81 -8.54
C VAL A 8 3.40 0.32 -9.14
N GLU A 9 3.57 0.52 -10.41
CA GLU A 9 2.87 1.55 -11.09
C GLU A 9 1.64 0.93 -11.64
N LEU A 10 0.57 1.19 -11.00
CA LEU A 10 -0.63 0.58 -11.37
C LEU A 10 -1.43 1.61 -12.11
N GLU A 11 -2.28 1.14 -12.95
CA GLU A 11 -3.14 1.97 -13.69
C GLU A 11 -4.55 1.53 -13.39
N LYS A 12 -5.16 2.27 -12.54
CA LYS A 12 -6.53 2.06 -12.18
C LYS A 12 -7.41 2.91 -13.06
N ASP A 13 -8.69 2.82 -12.87
CA ASP A 13 -9.62 3.54 -13.71
C ASP A 13 -10.11 4.77 -12.93
N GLU A 14 -11.21 5.33 -13.32
CA GLU A 14 -11.66 6.61 -12.78
C GLU A 14 -12.23 6.51 -11.37
N ASP A 15 -12.51 5.30 -10.91
CA ASP A 15 -13.01 5.11 -9.55
C ASP A 15 -11.92 5.39 -8.54
N GLY A 16 -10.76 4.88 -8.83
CA GLY A 16 -9.66 5.02 -7.93
C GLY A 16 -9.13 3.68 -7.63
N LEU A 17 -8.93 3.37 -6.38
CA LEU A 17 -8.42 2.06 -6.06
C LEU A 17 -9.53 1.20 -5.61
N GLY A 18 -10.15 1.61 -4.54
CA GLY A 18 -11.17 0.82 -3.93
C GLY A 18 -10.55 -0.23 -3.06
N ILE A 19 -9.38 0.05 -2.51
CA ILE A 19 -8.72 -0.94 -1.66
C ILE A 19 -8.85 -0.57 -0.18
N SER A 20 -8.36 -1.42 0.68
CA SER A 20 -8.45 -1.23 2.11
C SER A 20 -7.09 -1.54 2.76
N ILE A 21 -6.81 -0.88 3.85
CA ILE A 21 -5.55 -1.01 4.56
C ILE A 21 -5.79 -1.50 5.97
N ILE A 22 -4.76 -1.93 6.63
CA ILE A 22 -4.83 -2.31 7.99
C ILE A 22 -3.59 -1.85 8.72
N GLY A 23 -3.77 -1.15 9.81
CA GLY A 23 -2.67 -0.64 10.55
C GLY A 23 -2.26 -1.55 11.64
N MET A 24 -1.12 -2.15 11.47
CA MET A 24 -0.59 -3.07 12.45
C MET A 24 0.81 -2.63 12.83
N GLY A 25 0.90 -1.84 13.89
CA GLY A 25 2.16 -1.25 14.31
C GLY A 25 3.27 -2.25 14.60
N VAL A 26 4.14 -2.43 13.63
CA VAL A 26 5.29 -3.32 13.75
C VAL A 26 6.50 -2.50 14.27
N GLY A 27 6.20 -1.66 15.23
CA GLY A 27 7.20 -0.81 15.81
C GLY A 27 7.92 -1.52 16.92
N ALA A 28 9.15 -1.91 16.64
CA ALA A 28 10.02 -2.65 17.55
C ALA A 28 9.49 -4.02 17.78
N ASP A 29 9.49 -4.78 16.72
CA ASP A 29 8.91 -6.08 16.77
C ASP A 29 9.80 -7.11 16.13
N ALA A 30 10.02 -6.98 14.84
CA ALA A 30 10.70 -8.01 14.09
C ALA A 30 11.91 -7.49 13.30
N GLY A 31 12.31 -6.26 13.54
CA GLY A 31 13.48 -5.75 12.85
C GLY A 31 13.11 -4.79 11.75
N LEU A 32 11.82 -4.70 11.48
CA LEU A 32 11.32 -3.83 10.44
C LEU A 32 11.24 -2.41 10.93
N GLU A 33 10.68 -2.24 12.14
CA GLU A 33 10.54 -0.96 12.83
C GLU A 33 10.14 0.18 11.92
N LYS A 34 8.91 0.13 11.47
CA LYS A 34 8.42 1.05 10.50
C LYS A 34 6.91 1.05 10.57
N LEU A 35 6.30 1.58 9.53
CA LEU A 35 4.88 1.57 9.34
C LEU A 35 4.38 0.13 9.36
N GLY A 36 3.18 -0.06 9.79
CA GLY A 36 2.63 -1.37 9.81
C GLY A 36 1.39 -1.44 9.00
N ILE A 37 1.33 -0.63 7.99
CA ILE A 37 0.18 -0.59 7.14
C ILE A 37 0.23 -1.70 6.12
N PHE A 38 -0.52 -2.69 6.35
CA PHE A 38 -0.64 -3.79 5.46
C PHE A 38 -1.88 -3.59 4.66
N VAL A 39 -1.99 -4.30 3.59
CA VAL A 39 -3.15 -4.21 2.79
C VAL A 39 -4.22 -5.10 3.42
N LYS A 40 -5.39 -4.58 3.58
CA LYS A 40 -6.46 -5.34 4.19
C LYS A 40 -7.25 -6.04 3.13
N THR A 41 -7.56 -5.34 2.08
CA THR A 41 -8.36 -5.87 1.02
C THR A 41 -8.00 -5.08 -0.22
N VAL A 42 -8.32 -5.60 -1.35
CA VAL A 42 -8.07 -4.94 -2.58
C VAL A 42 -9.40 -4.93 -3.30
N THR A 43 -9.56 -4.08 -4.27
CA THR A 43 -10.79 -3.98 -4.97
C THR A 43 -10.99 -5.19 -5.90
N GLU A 44 -12.21 -5.55 -6.03
CA GLU A 44 -12.64 -6.61 -6.91
C GLU A 44 -13.26 -5.95 -8.16
N GLY A 45 -13.24 -4.66 -8.10
CA GLY A 45 -13.79 -3.79 -9.11
C GLY A 45 -13.03 -3.78 -10.42
N GLY A 46 -11.72 -3.99 -10.37
CA GLY A 46 -10.98 -3.97 -11.59
C GLY A 46 -9.62 -3.35 -11.43
N ALA A 47 -8.71 -3.82 -12.26
CA ALA A 47 -7.35 -3.30 -12.47
C ALA A 47 -6.35 -3.59 -11.35
N ALA A 48 -6.77 -3.61 -10.10
CA ALA A 48 -5.81 -3.81 -8.99
C ALA A 48 -5.52 -5.26 -8.78
N GLN A 49 -6.55 -6.03 -8.55
CA GLN A 49 -6.37 -7.46 -8.41
C GLN A 49 -6.10 -8.10 -9.76
N ARG A 50 -6.40 -7.36 -10.81
CA ARG A 50 -6.08 -7.79 -12.14
C ARG A 50 -4.64 -7.43 -12.50
N ASP A 51 -4.03 -6.51 -11.72
CA ASP A 51 -2.61 -6.19 -11.88
C ASP A 51 -1.77 -7.43 -11.60
N GLY A 52 -1.86 -7.93 -10.39
CA GLY A 52 -1.22 -9.18 -10.07
C GLY A 52 0.17 -9.04 -9.50
N ARG A 53 0.74 -7.87 -9.52
CA ARG A 53 2.05 -7.66 -8.97
C ARG A 53 1.83 -7.30 -7.51
N ILE A 54 0.88 -6.41 -7.30
CA ILE A 54 0.50 -6.01 -5.97
C ILE A 54 -0.33 -7.14 -5.34
N GLN A 55 -0.29 -7.28 -4.03
CA GLN A 55 -1.05 -8.31 -3.40
C GLN A 55 -1.73 -7.73 -2.19
N VAL A 56 -2.77 -8.40 -1.73
CA VAL A 56 -3.49 -8.02 -0.52
C VAL A 56 -2.64 -8.32 0.72
N ASN A 57 -1.65 -9.15 0.53
CA ASN A 57 -0.86 -9.65 1.63
C ASN A 57 0.36 -8.76 1.92
N ASP A 58 0.59 -7.78 1.09
CA ASP A 58 1.79 -6.97 1.23
C ASP A 58 1.57 -5.70 2.03
N GLN A 59 2.60 -4.88 2.12
CA GLN A 59 2.59 -3.68 2.95
C GLN A 59 2.75 -2.41 2.11
N ILE A 60 1.85 -1.46 2.29
CA ILE A 60 1.92 -0.19 1.60
C ILE A 60 3.05 0.64 2.20
N VAL A 61 4.15 0.76 1.52
CA VAL A 61 5.28 1.45 2.07
C VAL A 61 5.24 2.94 1.73
N GLU A 62 5.03 3.23 0.48
CA GLU A 62 5.01 4.59 0.01
C GLU A 62 4.12 4.68 -1.21
N VAL A 63 2.96 5.21 -1.03
CA VAL A 63 2.08 5.41 -2.14
C VAL A 63 2.25 6.77 -2.74
N ASP A 64 2.54 6.73 -4.02
CA ASP A 64 2.66 7.87 -4.92
C ASP A 64 3.83 8.80 -4.57
N GLY A 65 4.59 8.38 -3.59
CA GLY A 65 5.69 9.17 -3.13
C GLY A 65 5.29 10.05 -1.96
N ILE A 66 4.11 9.80 -1.39
CA ILE A 66 3.62 10.60 -0.27
C ILE A 66 4.41 10.26 1.01
N SER A 67 5.08 9.11 0.98
CA SER A 67 5.83 8.56 2.09
C SER A 67 5.04 8.52 3.39
N LEU A 68 4.25 7.49 3.53
CA LEU A 68 3.38 7.31 4.66
C LEU A 68 4.09 6.47 5.72
N VAL A 69 5.37 6.34 5.53
CA VAL A 69 6.23 5.65 6.46
C VAL A 69 6.14 6.28 7.85
N GLY A 70 5.40 5.63 8.73
CA GLY A 70 5.30 6.06 10.10
C GLY A 70 3.90 6.53 10.46
N VAL A 71 3.03 6.57 9.48
CA VAL A 71 1.68 7.09 9.69
C VAL A 71 0.75 6.02 10.24
N THR A 72 -0.45 6.42 10.51
CA THR A 72 -1.46 5.54 10.96
C THR A 72 -2.38 5.16 9.83
N GLN A 73 -3.21 4.21 10.11
CA GLN A 73 -4.17 3.70 9.18
C GLN A 73 -5.08 4.78 8.62
N ASN A 74 -5.38 5.78 9.42
CA ASN A 74 -6.29 6.84 9.01
C ASN A 74 -5.62 7.80 8.03
N PHE A 75 -4.28 7.84 8.04
CA PHE A 75 -3.56 8.64 7.07
C PHE A 75 -3.50 7.83 5.80
N ALA A 76 -3.07 6.59 5.95
CA ALA A 76 -2.92 5.66 4.84
C ALA A 76 -4.23 5.48 4.07
N ALA A 77 -5.33 5.22 4.77
CA ALA A 77 -6.65 5.04 4.14
C ALA A 77 -7.02 6.26 3.31
N THR A 78 -6.58 7.42 3.76
CA THR A 78 -6.78 8.65 3.05
C THR A 78 -5.95 8.69 1.76
N VAL A 79 -4.67 8.32 1.84
CA VAL A 79 -3.78 8.31 0.67
C VAL A 79 -4.34 7.39 -0.40
N LEU A 80 -4.68 6.17 0.00
CA LEU A 80 -5.23 5.17 -0.92
C LEU A 80 -6.64 5.57 -1.43
N ARG A 81 -7.23 6.58 -0.83
CA ARG A 81 -8.52 7.11 -1.26
C ARG A 81 -8.31 8.35 -2.16
N ASN A 82 -7.17 8.99 -2.02
CA ASN A 82 -6.83 10.17 -2.82
C ASN A 82 -6.25 9.78 -4.17
N THR A 83 -5.73 8.59 -4.24
CA THR A 83 -5.11 8.07 -5.43
C THR A 83 -6.09 7.90 -6.61
N LYS A 84 -5.53 7.91 -7.78
CA LYS A 84 -6.26 7.83 -9.04
C LYS A 84 -5.80 6.62 -9.83
N GLY A 85 -5.78 6.75 -11.12
CA GLY A 85 -5.41 5.69 -12.02
C GLY A 85 -3.98 5.32 -11.91
N ASN A 86 -3.10 6.21 -12.32
CA ASN A 86 -1.65 5.92 -12.22
C ASN A 86 -1.19 6.10 -10.80
N VAL A 87 -0.88 5.01 -10.17
CA VAL A 87 -0.46 5.05 -8.78
C VAL A 87 0.88 4.39 -8.68
N ARG A 88 1.70 4.90 -7.81
CA ARG A 88 2.95 4.27 -7.52
C ARG A 88 2.89 3.66 -6.15
N PHE A 89 2.65 2.41 -6.11
CA PHE A 89 2.61 1.72 -4.86
C PHE A 89 3.98 1.23 -4.59
N VAL A 90 4.71 1.92 -3.80
CA VAL A 90 6.01 1.48 -3.47
C VAL A 90 5.86 0.62 -2.26
N ILE A 91 5.71 -0.61 -2.52
CA ILE A 91 5.55 -1.61 -1.55
C ILE A 91 6.84 -2.41 -1.50
N GLY A 92 7.09 -3.03 -0.43
CA GLY A 92 8.24 -3.81 -0.34
C GLY A 92 7.93 -5.11 0.26
N ARG A 93 8.81 -6.03 0.12
CA ARG A 93 8.62 -7.33 0.64
C ARG A 93 9.98 -7.86 0.99
N GLU A 94 10.12 -8.38 2.16
CA GLU A 94 11.33 -9.00 2.56
C GLU A 94 11.25 -10.50 2.35
N GLY A 1 15.74 -11.19 2.04
CA GLY A 1 16.61 -10.41 2.93
C GLY A 1 16.60 -8.97 2.54
N HIS A 2 16.41 -8.08 3.54
CA HIS A 2 16.27 -6.62 3.35
C HIS A 2 14.96 -6.32 2.63
N MET A 3 14.28 -5.28 3.06
CA MET A 3 13.04 -4.97 2.43
C MET A 3 13.28 -4.13 1.20
N GLU A 4 13.19 -4.77 0.07
CA GLU A 4 13.41 -4.16 -1.21
C GLU A 4 12.18 -3.40 -1.60
N LEU A 5 12.23 -2.10 -1.49
CA LEU A 5 11.12 -1.28 -1.87
C LEU A 5 11.13 -1.08 -3.36
N PHE A 6 10.02 -1.31 -3.97
CA PHE A 6 9.89 -1.17 -5.38
C PHE A 6 8.60 -0.48 -5.75
N PRO A 7 8.65 0.38 -6.76
CA PRO A 7 7.50 1.09 -7.23
C PRO A 7 6.60 0.22 -8.08
N VAL A 8 5.35 0.21 -7.74
CA VAL A 8 4.36 -0.47 -8.52
C VAL A 8 3.37 0.56 -8.98
N GLU A 9 3.54 1.07 -10.16
CA GLU A 9 2.58 1.99 -10.67
C GLU A 9 1.42 1.17 -11.17
N LEU A 10 0.33 1.31 -10.51
CA LEU A 10 -0.83 0.62 -10.91
C LEU A 10 -1.62 1.58 -11.71
N GLU A 11 -1.91 1.24 -12.90
CA GLU A 11 -2.67 2.10 -13.74
C GLU A 11 -4.13 1.73 -13.63
N LYS A 12 -4.78 2.36 -12.70
CA LYS A 12 -6.17 2.17 -12.43
C LYS A 12 -7.04 3.16 -13.17
N ASP A 13 -8.28 3.07 -12.87
CA ASP A 13 -9.36 3.83 -13.44
C ASP A 13 -9.60 5.15 -12.69
N GLU A 14 -10.69 5.81 -13.07
CA GLU A 14 -11.11 7.10 -12.50
C GLU A 14 -11.77 6.91 -11.13
N ASP A 15 -12.23 5.71 -10.87
CA ASP A 15 -12.90 5.39 -9.61
C ASP A 15 -11.84 5.31 -8.53
N GLY A 16 -10.70 4.80 -8.92
CA GLY A 16 -9.56 4.81 -8.03
C GLY A 16 -9.10 3.44 -7.72
N LEU A 17 -9.04 3.11 -6.47
CA LEU A 17 -8.64 1.78 -6.07
C LEU A 17 -9.80 1.10 -5.45
N GLY A 18 -10.34 1.77 -4.45
CA GLY A 18 -11.40 1.21 -3.66
C GLY A 18 -10.86 0.13 -2.76
N ILE A 19 -9.59 0.24 -2.40
CA ILE A 19 -9.01 -0.78 -1.54
C ILE A 19 -9.07 -0.38 -0.08
N SER A 20 -8.64 -1.25 0.77
CA SER A 20 -8.67 -1.03 2.18
C SER A 20 -7.32 -1.39 2.78
N ILE A 21 -6.98 -0.72 3.86
CA ILE A 21 -5.71 -0.94 4.54
C ILE A 21 -5.98 -1.37 5.95
N ILE A 22 -5.03 -1.97 6.57
CA ILE A 22 -5.18 -2.33 7.94
C ILE A 22 -4.06 -1.73 8.76
N GLY A 23 -4.42 -1.11 9.85
CA GLY A 23 -3.45 -0.47 10.68
C GLY A 23 -2.90 -1.37 11.73
N MET A 24 -1.81 -2.00 11.41
CA MET A 24 -1.12 -2.89 12.34
C MET A 24 0.15 -2.20 12.77
N GLY A 25 0.90 -2.83 13.59
CA GLY A 25 2.12 -2.25 14.03
C GLY A 25 3.28 -3.19 13.97
N VAL A 26 4.00 -3.19 12.88
CA VAL A 26 5.19 -3.99 12.79
C VAL A 26 6.43 -3.13 13.11
N GLY A 27 6.58 -2.88 14.37
CA GLY A 27 7.64 -2.09 14.86
C GLY A 27 7.86 -2.33 16.30
N ALA A 28 8.60 -1.44 16.94
CA ALA A 28 8.93 -1.48 18.36
C ALA A 28 9.74 -2.72 18.72
N ASP A 29 9.07 -3.83 18.94
CA ASP A 29 9.76 -5.08 19.30
C ASP A 29 10.00 -5.89 18.02
N ALA A 30 9.35 -5.47 16.98
CA ALA A 30 9.51 -6.02 15.70
C ALA A 30 10.50 -5.13 15.05
N GLY A 31 11.71 -5.62 15.06
CA GLY A 31 12.98 -4.99 14.59
C GLY A 31 12.99 -4.27 13.24
N LEU A 32 11.87 -3.89 12.75
CA LEU A 32 11.78 -3.19 11.52
C LEU A 32 11.45 -1.75 11.84
N GLU A 33 10.61 -1.56 12.87
CA GLU A 33 10.16 -0.26 13.32
C GLU A 33 9.64 0.63 12.20
N LYS A 34 8.48 0.29 11.74
CA LYS A 34 7.87 1.01 10.68
C LYS A 34 6.39 0.84 10.77
N LEU A 35 5.71 1.32 9.77
CA LEU A 35 4.28 1.23 9.67
C LEU A 35 3.85 -0.23 9.60
N GLY A 36 2.67 -0.50 10.05
CA GLY A 36 2.14 -1.80 9.93
C GLY A 36 0.93 -1.78 9.07
N ILE A 37 0.95 -0.90 8.11
CA ILE A 37 -0.15 -0.78 7.22
C ILE A 37 -0.06 -1.82 6.14
N PHE A 38 -0.86 -2.80 6.28
CA PHE A 38 -0.94 -3.84 5.32
C PHE A 38 -2.17 -3.61 4.49
N VAL A 39 -2.20 -4.20 3.35
CA VAL A 39 -3.35 -4.12 2.53
C VAL A 39 -4.40 -5.04 3.14
N LYS A 40 -5.53 -4.49 3.43
CA LYS A 40 -6.58 -5.23 4.08
C LYS A 40 -7.45 -5.91 3.06
N THR A 41 -7.86 -5.16 2.09
CA THR A 41 -8.74 -5.66 1.09
C THR A 41 -8.44 -4.89 -0.17
N VAL A 42 -8.80 -5.43 -1.26
CA VAL A 42 -8.67 -4.77 -2.52
C VAL A 42 -10.09 -4.71 -3.08
N THR A 43 -10.28 -4.03 -4.19
CA THR A 43 -11.56 -4.00 -4.89
C THR A 43 -11.94 -5.46 -5.33
N GLU A 44 -13.10 -5.59 -5.95
CA GLU A 44 -13.59 -6.85 -6.49
C GLU A 44 -12.57 -7.42 -7.47
N GLY A 45 -11.86 -6.55 -8.12
CA GLY A 45 -10.87 -6.93 -9.04
C GLY A 45 -10.06 -5.77 -9.44
N GLY A 46 -10.65 -4.94 -10.27
CA GLY A 46 -10.03 -3.87 -10.87
C GLY A 46 -8.80 -4.27 -11.62
N ALA A 47 -8.21 -3.32 -12.13
CA ALA A 47 -6.92 -3.46 -12.76
C ALA A 47 -5.84 -3.72 -11.70
N ALA A 48 -6.22 -3.67 -10.41
CA ALA A 48 -5.32 -3.89 -9.28
C ALA A 48 -5.11 -5.38 -9.06
N GLN A 49 -6.20 -6.10 -8.79
CA GLN A 49 -6.09 -7.54 -8.61
C GLN A 49 -5.79 -8.23 -9.92
N ARG A 50 -6.22 -7.62 -11.02
CA ARG A 50 -5.91 -8.15 -12.31
C ARG A 50 -4.48 -7.82 -12.73
N ASP A 51 -3.89 -6.80 -12.10
CA ASP A 51 -2.45 -6.51 -12.31
C ASP A 51 -1.65 -7.65 -11.73
N GLY A 52 -1.74 -7.83 -10.44
CA GLY A 52 -1.13 -8.97 -9.80
C GLY A 52 0.25 -8.71 -9.23
N ARG A 53 0.85 -7.58 -9.53
CA ARG A 53 2.19 -7.31 -9.00
C ARG A 53 2.02 -6.82 -7.55
N ILE A 54 0.83 -6.34 -7.26
CA ILE A 54 0.42 -5.92 -5.93
C ILE A 54 -0.51 -7.02 -5.39
N GLN A 55 -0.78 -7.05 -4.09
CA GLN A 55 -1.62 -8.10 -3.54
C GLN A 55 -2.62 -7.53 -2.54
N VAL A 56 -3.08 -8.38 -1.65
CA VAL A 56 -3.95 -8.00 -0.56
C VAL A 56 -3.27 -8.45 0.75
N ASN A 57 -1.98 -8.69 0.67
CA ASN A 57 -1.25 -9.24 1.83
C ASN A 57 0.06 -8.47 2.05
N ASP A 58 0.37 -7.62 1.13
CA ASP A 58 1.57 -6.83 1.11
C ASP A 58 1.41 -5.58 1.98
N GLN A 59 2.46 -4.80 2.03
CA GLN A 59 2.50 -3.63 2.87
C GLN A 59 2.73 -2.36 2.06
N ILE A 60 1.84 -1.40 2.25
CA ILE A 60 1.95 -0.11 1.58
C ILE A 60 3.06 0.70 2.24
N VAL A 61 4.11 0.96 1.52
CA VAL A 61 5.24 1.69 2.08
C VAL A 61 5.17 3.19 1.72
N GLU A 62 4.96 3.46 0.47
CA GLU A 62 4.89 4.79 -0.05
C GLU A 62 3.97 4.83 -1.24
N VAL A 63 2.89 5.51 -1.13
CA VAL A 63 1.98 5.60 -2.22
C VAL A 63 1.99 6.98 -2.80
N ASP A 64 2.18 7.04 -4.11
CA ASP A 64 2.14 8.29 -4.94
C ASP A 64 3.35 9.18 -4.71
N GLY A 65 4.12 8.82 -3.74
CA GLY A 65 5.23 9.62 -3.32
C GLY A 65 4.90 10.39 -2.08
N ILE A 66 3.79 10.01 -1.43
CA ILE A 66 3.35 10.68 -0.22
C ILE A 66 4.26 10.24 0.97
N SER A 67 4.96 9.11 0.74
CA SER A 67 5.82 8.46 1.69
C SER A 67 5.15 8.33 3.06
N LEU A 68 4.37 7.31 3.22
CA LEU A 68 3.59 7.14 4.45
C LEU A 68 4.34 6.28 5.44
N VAL A 69 5.62 6.23 5.25
CA VAL A 69 6.53 5.51 6.10
C VAL A 69 6.36 5.92 7.58
N GLY A 70 5.66 5.08 8.33
CA GLY A 70 5.51 5.27 9.75
C GLY A 70 4.24 6.02 10.14
N VAL A 71 3.25 6.03 9.28
CA VAL A 71 1.98 6.72 9.59
C VAL A 71 0.96 5.76 10.21
N THR A 72 -0.22 6.26 10.50
CA THR A 72 -1.29 5.46 11.05
C THR A 72 -2.24 5.04 9.96
N GLN A 73 -3.24 4.28 10.34
CA GLN A 73 -4.23 3.81 9.40
C GLN A 73 -5.04 4.98 8.87
N ASN A 74 -5.12 6.06 9.66
CA ASN A 74 -5.87 7.27 9.26
C ASN A 74 -5.23 7.84 8.05
N PHE A 75 -3.92 7.98 8.13
CA PHE A 75 -3.18 8.59 7.08
C PHE A 75 -3.20 7.70 5.85
N ALA A 76 -2.91 6.43 6.05
CA ALA A 76 -2.87 5.48 4.96
C ALA A 76 -4.23 5.32 4.27
N ALA A 77 -5.30 5.30 5.05
CA ALA A 77 -6.65 5.18 4.49
C ALA A 77 -7.03 6.45 3.75
N THR A 78 -6.32 7.51 4.02
CA THR A 78 -6.51 8.75 3.36
C THR A 78 -5.74 8.77 2.02
N VAL A 79 -4.46 8.37 2.04
CA VAL A 79 -3.69 8.30 0.82
C VAL A 79 -4.26 7.30 -0.20
N LEU A 80 -4.55 6.07 0.24
CA LEU A 80 -5.12 5.02 -0.66
C LEU A 80 -6.52 5.37 -1.15
N ARG A 81 -7.10 6.35 -0.53
CA ARG A 81 -8.39 6.87 -0.90
C ARG A 81 -8.22 7.87 -2.03
N ASN A 82 -7.26 8.74 -1.84
CA ASN A 82 -7.05 9.90 -2.69
C ASN A 82 -6.33 9.61 -3.98
N THR A 83 -5.79 8.44 -4.09
CA THR A 83 -5.07 8.03 -5.25
C THR A 83 -5.94 7.87 -6.47
N LYS A 84 -5.43 8.29 -7.60
CA LYS A 84 -6.17 8.27 -8.85
C LYS A 84 -5.35 7.77 -9.97
N GLY A 85 -6.00 6.99 -10.83
CA GLY A 85 -5.48 6.41 -12.02
C GLY A 85 -4.17 5.74 -11.82
N ASN A 86 -3.20 6.51 -11.96
CA ASN A 86 -1.82 6.02 -11.96
C ASN A 86 -1.21 6.20 -10.62
N VAL A 87 -1.15 5.14 -9.90
CA VAL A 87 -0.71 5.18 -8.55
C VAL A 87 0.60 4.45 -8.36
N ARG A 88 1.59 5.13 -7.82
CA ARG A 88 2.84 4.47 -7.53
C ARG A 88 2.78 3.88 -6.15
N PHE A 89 2.62 2.61 -6.10
CA PHE A 89 2.65 1.92 -4.85
C PHE A 89 4.04 1.44 -4.62
N VAL A 90 4.77 2.12 -3.85
CA VAL A 90 6.09 1.70 -3.54
C VAL A 90 5.98 0.80 -2.33
N ILE A 91 5.86 -0.45 -2.61
CA ILE A 91 5.74 -1.50 -1.65
C ILE A 91 7.05 -2.29 -1.68
N GLY A 92 7.31 -3.08 -0.70
CA GLY A 92 8.55 -3.76 -0.68
C GLY A 92 8.42 -5.22 -0.35
N ARG A 93 9.42 -5.97 -0.73
CA ARG A 93 9.49 -7.39 -0.44
C ARG A 93 10.64 -7.65 0.50
N GLU A 94 10.42 -8.49 1.47
CA GLU A 94 11.41 -8.79 2.44
C GLU A 94 12.07 -10.13 2.14
N GLY A 1 13.65 -7.41 8.26
CA GLY A 1 15.03 -7.18 7.88
C GLY A 1 15.10 -6.12 6.83
N HIS A 2 15.78 -6.41 5.74
CA HIS A 2 15.85 -5.47 4.63
C HIS A 2 14.64 -5.62 3.74
N MET A 3 13.74 -4.70 3.87
CA MET A 3 12.54 -4.65 3.06
C MET A 3 12.94 -4.26 1.65
N GLU A 4 12.53 -5.04 0.69
CA GLU A 4 12.82 -4.73 -0.69
C GLU A 4 11.75 -3.79 -1.19
N LEU A 5 12.05 -2.51 -1.29
CA LEU A 5 11.09 -1.54 -1.75
C LEU A 5 11.08 -1.52 -3.25
N PHE A 6 9.91 -1.58 -3.82
CA PHE A 6 9.74 -1.56 -5.23
C PHE A 6 8.53 -0.72 -5.65
N PRO A 7 8.69 0.06 -6.70
CA PRO A 7 7.61 0.88 -7.22
C PRO A 7 6.66 0.11 -8.12
N VAL A 8 5.43 0.15 -7.80
CA VAL A 8 4.41 -0.47 -8.59
C VAL A 8 3.55 0.61 -9.15
N GLU A 9 3.69 0.88 -10.40
CA GLU A 9 2.88 1.87 -11.02
C GLU A 9 1.63 1.18 -11.53
N LEU A 10 0.54 1.42 -10.89
CA LEU A 10 -0.69 0.79 -11.22
C LEU A 10 -1.47 1.77 -12.04
N GLU A 11 -2.27 1.29 -12.93
CA GLU A 11 -3.18 2.14 -13.62
C GLU A 11 -4.58 1.63 -13.35
N LYS A 12 -5.19 2.19 -12.34
CA LYS A 12 -6.50 1.82 -11.94
C LYS A 12 -7.58 2.48 -12.73
N ASP A 13 -8.76 2.00 -12.43
CA ASP A 13 -10.01 2.40 -13.01
C ASP A 13 -10.37 3.77 -12.45
N GLU A 14 -11.41 4.39 -12.99
CA GLU A 14 -11.87 5.69 -12.51
C GLU A 14 -12.47 5.57 -11.10
N ASP A 15 -12.80 4.34 -10.73
CA ASP A 15 -13.26 4.02 -9.39
C ASP A 15 -12.19 4.38 -8.36
N GLY A 16 -10.97 4.22 -8.78
CA GLY A 16 -9.87 4.48 -7.95
C GLY A 16 -9.21 3.20 -7.65
N LEU A 17 -8.81 3.00 -6.43
CA LEU A 17 -8.14 1.77 -6.09
C LEU A 17 -9.15 0.76 -5.66
N GLY A 18 -10.08 1.21 -4.85
CA GLY A 18 -11.04 0.33 -4.26
C GLY A 18 -10.38 -0.62 -3.29
N ILE A 19 -9.27 -0.20 -2.70
CA ILE A 19 -8.57 -1.07 -1.78
C ILE A 19 -8.72 -0.56 -0.34
N SER A 20 -8.18 -1.30 0.59
CA SER A 20 -8.28 -0.97 2.00
C SER A 20 -6.93 -1.22 2.67
N ILE A 21 -6.68 -0.52 3.74
CA ILE A 21 -5.43 -0.62 4.47
C ILE A 21 -5.70 -1.01 5.90
N ILE A 22 -4.69 -1.40 6.61
CA ILE A 22 -4.87 -1.71 7.99
C ILE A 22 -3.78 -1.11 8.84
N GLY A 23 -4.18 -0.50 9.92
CA GLY A 23 -3.27 0.07 10.84
C GLY A 23 -2.93 -0.89 11.92
N MET A 24 -1.77 -1.45 11.81
CA MET A 24 -1.28 -2.39 12.78
C MET A 24 0.19 -2.15 13.01
N GLY A 25 0.46 -1.25 13.94
CA GLY A 25 1.79 -0.81 14.25
C GLY A 25 2.69 -1.95 14.68
N VAL A 26 3.62 -2.26 13.83
CA VAL A 26 4.57 -3.30 14.09
C VAL A 26 5.85 -2.65 14.63
N GLY A 27 6.53 -3.33 15.50
CA GLY A 27 7.70 -2.78 16.09
C GLY A 27 8.99 -3.29 15.47
N ALA A 28 10.00 -3.29 16.28
CA ALA A 28 11.32 -3.70 15.88
C ALA A 28 11.54 -5.18 16.11
N ASP A 29 10.68 -5.77 16.95
CA ASP A 29 10.83 -7.18 17.38
C ASP A 29 10.65 -8.10 16.21
N ALA A 30 9.79 -7.70 15.30
CA ALA A 30 9.49 -8.48 14.14
C ALA A 30 10.51 -8.23 13.02
N GLY A 31 11.42 -7.29 13.24
CA GLY A 31 12.43 -6.98 12.24
C GLY A 31 11.98 -5.95 11.25
N LEU A 32 10.88 -5.31 11.53
CA LEU A 32 10.35 -4.30 10.63
C LEU A 32 10.92 -2.93 10.93
N GLU A 33 10.69 -2.45 12.16
CA GLU A 33 11.24 -1.16 12.63
C GLU A 33 10.70 0.01 11.81
N LYS A 34 9.48 -0.12 11.37
CA LYS A 34 8.88 0.88 10.50
C LYS A 34 7.37 0.84 10.62
N LEU A 35 6.72 1.47 9.65
CA LEU A 35 5.27 1.56 9.54
C LEU A 35 4.58 0.21 9.70
N GLY A 36 3.40 0.26 10.20
CA GLY A 36 2.60 -0.91 10.33
C GLY A 36 1.33 -0.74 9.55
N ILE A 37 1.45 -0.29 8.34
CA ILE A 37 0.31 -0.14 7.50
C ILE A 37 0.37 -1.18 6.43
N PHE A 38 -0.52 -2.10 6.51
CA PHE A 38 -0.56 -3.16 5.59
C PHE A 38 -1.75 -3.02 4.72
N VAL A 39 -1.81 -3.81 3.70
CA VAL A 39 -2.95 -3.81 2.83
C VAL A 39 -4.00 -4.70 3.48
N LYS A 40 -5.19 -4.20 3.63
CA LYS A 40 -6.25 -4.93 4.29
C LYS A 40 -7.07 -5.70 3.28
N THR A 41 -7.43 -5.04 2.22
CA THR A 41 -8.22 -5.63 1.20
C THR A 41 -7.85 -4.94 -0.09
N VAL A 42 -8.19 -5.53 -1.18
CA VAL A 42 -7.96 -4.99 -2.47
C VAL A 42 -9.23 -5.23 -3.24
N THR A 43 -9.57 -4.35 -4.17
CA THR A 43 -10.72 -4.57 -5.00
C THR A 43 -10.54 -5.88 -5.76
N GLU A 44 -11.60 -6.58 -5.90
CA GLU A 44 -11.59 -7.87 -6.50
C GLU A 44 -11.63 -7.74 -8.02
N GLY A 45 -12.21 -6.66 -8.48
CA GLY A 45 -12.39 -6.46 -9.88
C GLY A 45 -12.07 -5.08 -10.30
N GLY A 46 -10.83 -4.81 -10.25
CA GLY A 46 -10.30 -3.62 -10.70
C GLY A 46 -8.93 -3.96 -11.14
N ALA A 47 -8.30 -3.05 -11.78
CA ALA A 47 -6.96 -3.26 -12.35
C ALA A 47 -5.86 -3.64 -11.31
N ALA A 48 -6.19 -3.68 -10.02
CA ALA A 48 -5.21 -3.96 -8.97
C ALA A 48 -4.91 -5.43 -8.92
N GLN A 49 -5.94 -6.24 -8.69
CA GLN A 49 -5.74 -7.67 -8.72
C GLN A 49 -5.59 -8.18 -10.14
N ARG A 50 -5.97 -7.35 -11.11
CA ARG A 50 -5.72 -7.66 -12.50
C ARG A 50 -4.24 -7.50 -12.79
N ASP A 51 -3.62 -6.52 -12.13
CA ASP A 51 -2.16 -6.35 -12.21
C ASP A 51 -1.46 -7.60 -11.71
N GLY A 52 -1.72 -7.97 -10.48
CA GLY A 52 -1.21 -9.23 -9.97
C GLY A 52 0.14 -9.14 -9.29
N ARG A 53 0.84 -8.04 -9.44
CA ARG A 53 2.12 -7.87 -8.78
C ARG A 53 1.85 -7.48 -7.36
N ILE A 54 0.89 -6.63 -7.21
CA ILE A 54 0.50 -6.16 -5.92
C ILE A 54 -0.52 -7.15 -5.35
N GLN A 55 -0.48 -7.39 -4.07
CA GLN A 55 -1.40 -8.29 -3.44
C GLN A 55 -1.89 -7.72 -2.11
N VAL A 56 -2.80 -8.42 -1.49
CA VAL A 56 -3.42 -8.01 -0.25
C VAL A 56 -2.53 -8.34 0.97
N ASN A 57 -1.41 -8.99 0.74
CA ASN A 57 -0.58 -9.44 1.85
C ASN A 57 0.67 -8.56 1.97
N ASP A 58 0.68 -7.51 1.19
CA ASP A 58 1.81 -6.61 1.11
C ASP A 58 1.63 -5.43 2.07
N GLN A 59 2.53 -4.47 2.00
CA GLN A 59 2.55 -3.30 2.86
C GLN A 59 2.72 -2.02 2.05
N ILE A 60 1.83 -1.05 2.26
CA ILE A 60 1.91 0.21 1.56
C ILE A 60 3.00 1.07 2.18
N VAL A 61 4.12 1.21 1.52
CA VAL A 61 5.24 1.94 2.08
C VAL A 61 5.14 3.43 1.72
N GLU A 62 4.92 3.67 0.46
CA GLU A 62 4.77 5.00 -0.06
C GLU A 62 3.84 4.97 -1.24
N VAL A 63 2.83 5.80 -1.22
CA VAL A 63 1.94 5.90 -2.32
C VAL A 63 1.98 7.28 -2.89
N ASP A 64 2.20 7.34 -4.20
CA ASP A 64 2.14 8.58 -5.00
C ASP A 64 3.22 9.58 -4.55
N GLY A 65 4.19 9.07 -3.80
CA GLY A 65 5.28 9.87 -3.31
C GLY A 65 4.92 10.63 -2.04
N ILE A 66 3.86 10.22 -1.36
CA ILE A 66 3.42 10.90 -0.14
C ILE A 66 4.32 10.51 1.06
N SER A 67 5.04 9.39 0.93
CA SER A 67 5.87 8.76 1.97
C SER A 67 5.12 8.59 3.30
N LEU A 68 4.37 7.52 3.43
CA LEU A 68 3.55 7.30 4.61
C LEU A 68 4.26 6.37 5.58
N VAL A 69 5.54 6.23 5.38
CA VAL A 69 6.41 5.48 6.27
C VAL A 69 6.32 6.04 7.71
N GLY A 70 5.45 5.45 8.49
CA GLY A 70 5.29 5.83 9.86
C GLY A 70 4.04 6.66 10.07
N VAL A 71 2.90 6.16 9.60
CA VAL A 71 1.63 6.86 9.76
C VAL A 71 0.57 5.93 10.35
N THR A 72 -0.59 6.47 10.55
CA THR A 72 -1.74 5.75 11.05
C THR A 72 -2.64 5.34 9.93
N GLN A 73 -3.67 4.58 10.25
CA GLN A 73 -4.57 4.11 9.24
C GLN A 73 -5.37 5.27 8.66
N ASN A 74 -5.57 6.33 9.44
CA ASN A 74 -6.34 7.48 8.97
C ASN A 74 -5.55 8.27 7.94
N PHE A 75 -4.23 8.27 8.06
CA PHE A 75 -3.40 8.93 7.09
C PHE A 75 -3.38 8.08 5.83
N ALA A 76 -3.13 6.79 6.01
CA ALA A 76 -3.04 5.86 4.91
C ALA A 76 -4.37 5.76 4.15
N ALA A 77 -5.48 5.73 4.87
CA ALA A 77 -6.80 5.70 4.25
C ALA A 77 -7.00 6.93 3.39
N THR A 78 -6.43 8.04 3.81
CA THR A 78 -6.52 9.26 3.07
C THR A 78 -5.66 9.21 1.78
N VAL A 79 -4.40 8.77 1.89
CA VAL A 79 -3.56 8.67 0.71
C VAL A 79 -4.10 7.67 -0.32
N LEU A 80 -4.52 6.49 0.13
CA LEU A 80 -5.10 5.47 -0.77
C LEU A 80 -6.50 5.88 -1.28
N ARG A 81 -7.03 6.97 -0.74
CA ARG A 81 -8.31 7.52 -1.17
C ARG A 81 -8.11 8.66 -2.17
N ASN A 82 -6.98 9.34 -2.06
CA ASN A 82 -6.67 10.50 -2.91
C ASN A 82 -6.05 10.11 -4.23
N THR A 83 -5.84 8.85 -4.41
CA THR A 83 -5.22 8.34 -5.59
C THR A 83 -6.17 8.31 -6.80
N LYS A 84 -5.57 8.26 -7.97
CA LYS A 84 -6.29 8.17 -9.23
C LYS A 84 -5.90 6.89 -9.91
N GLY A 85 -6.17 6.81 -11.21
CA GLY A 85 -5.75 5.67 -12.00
C GLY A 85 -4.27 5.38 -11.89
N ASN A 86 -3.43 6.31 -12.30
CA ASN A 86 -1.98 6.08 -12.24
C ASN A 86 -1.47 6.30 -10.83
N VAL A 87 -0.98 5.24 -10.22
CA VAL A 87 -0.51 5.30 -8.85
C VAL A 87 0.83 4.65 -8.73
N ARG A 88 1.72 5.27 -8.01
CA ARG A 88 2.97 4.67 -7.68
C ARG A 88 2.92 4.11 -6.30
N PHE A 89 2.72 2.82 -6.21
CA PHE A 89 2.73 2.14 -4.96
C PHE A 89 4.13 1.69 -4.71
N VAL A 90 4.82 2.37 -3.88
CA VAL A 90 6.15 1.98 -3.57
C VAL A 90 6.03 1.14 -2.35
N ILE A 91 5.82 -0.10 -2.60
CA ILE A 91 5.65 -1.10 -1.62
C ILE A 91 6.89 -1.90 -1.53
N GLY A 92 7.10 -2.46 -0.41
CA GLY A 92 8.20 -3.28 -0.24
C GLY A 92 7.73 -4.59 0.28
N ARG A 93 8.47 -5.61 0.07
CA ARG A 93 8.03 -6.90 0.51
C ARG A 93 9.16 -7.75 1.06
N GLU A 94 8.86 -8.42 2.16
CA GLU A 94 9.74 -9.39 2.77
C GLU A 94 8.97 -10.67 2.94
N GLY A 1 18.64 -6.52 1.04
CA GLY A 1 18.52 -5.62 2.19
C GLY A 1 17.33 -5.98 3.02
N HIS A 2 17.15 -5.29 4.13
CA HIS A 2 16.02 -5.54 5.02
C HIS A 2 14.74 -5.06 4.37
N MET A 3 13.96 -6.01 3.83
CA MET A 3 12.70 -5.76 3.14
C MET A 3 12.94 -5.11 1.78
N GLU A 4 12.53 -5.77 0.74
CA GLU A 4 12.73 -5.27 -0.60
C GLU A 4 11.63 -4.33 -0.96
N LEU A 5 11.92 -3.05 -0.98
CA LEU A 5 10.96 -2.07 -1.38
C LEU A 5 10.99 -1.95 -2.89
N PHE A 6 9.85 -2.00 -3.50
CA PHE A 6 9.74 -1.91 -4.92
C PHE A 6 8.56 -1.05 -5.34
N PRO A 7 8.74 -0.29 -6.40
CA PRO A 7 7.70 0.54 -6.94
C PRO A 7 6.78 -0.22 -7.89
N VAL A 8 5.53 -0.20 -7.59
CA VAL A 8 4.55 -0.77 -8.45
C VAL A 8 3.71 0.36 -8.92
N GLU A 9 3.87 0.76 -10.15
CA GLU A 9 3.08 1.83 -10.63
C GLU A 9 1.90 1.26 -11.28
N LEU A 10 0.86 1.21 -10.55
CA LEU A 10 -0.31 0.59 -11.02
C LEU A 10 -1.09 1.61 -11.79
N GLU A 11 -1.93 1.17 -12.63
CA GLU A 11 -2.75 2.06 -13.39
C GLU A 11 -4.17 1.68 -13.15
N LYS A 12 -4.78 2.41 -12.28
CA LYS A 12 -6.13 2.21 -11.92
C LYS A 12 -7.06 3.17 -12.60
N ASP A 13 -8.26 3.13 -12.12
CA ASP A 13 -9.30 4.01 -12.50
C ASP A 13 -9.01 5.32 -11.85
N GLU A 14 -9.54 6.37 -12.40
CA GLU A 14 -9.38 7.70 -11.81
C GLU A 14 -10.22 7.80 -10.53
N ASP A 15 -11.06 6.80 -10.31
CA ASP A 15 -11.87 6.70 -9.11
C ASP A 15 -10.97 6.35 -7.94
N GLY A 16 -9.99 5.48 -8.20
CA GLY A 16 -9.07 5.09 -7.19
C GLY A 16 -8.80 3.62 -7.23
N LEU A 17 -8.62 3.03 -6.08
CA LEU A 17 -8.30 1.63 -5.99
C LEU A 17 -9.50 0.86 -5.55
N GLY A 18 -10.14 1.40 -4.53
CA GLY A 18 -11.26 0.76 -3.94
C GLY A 18 -10.80 -0.30 -2.96
N ILE A 19 -9.64 -0.10 -2.35
CA ILE A 19 -9.12 -1.12 -1.44
C ILE A 19 -9.32 -0.73 0.04
N SER A 20 -8.76 -1.54 0.92
CA SER A 20 -8.85 -1.35 2.34
C SER A 20 -7.47 -1.60 2.94
N ILE A 21 -7.20 -0.98 4.07
CA ILE A 21 -5.90 -1.06 4.73
C ILE A 21 -6.11 -1.49 6.17
N ILE A 22 -5.08 -1.91 6.83
CA ILE A 22 -5.17 -2.23 8.22
C ILE A 22 -3.99 -1.65 8.98
N GLY A 23 -4.28 -0.96 10.06
CA GLY A 23 -3.26 -0.34 10.83
C GLY A 23 -2.71 -1.25 11.88
N MET A 24 -1.52 -1.71 11.66
CA MET A 24 -0.84 -2.59 12.60
C MET A 24 0.46 -1.93 13.00
N GLY A 25 1.16 -2.50 13.92
CA GLY A 25 2.40 -1.92 14.32
C GLY A 25 3.54 -2.88 14.20
N VAL A 26 4.29 -2.76 13.14
CA VAL A 26 5.46 -3.59 12.96
C VAL A 26 6.74 -2.82 13.41
N GLY A 27 7.07 -3.03 14.66
CA GLY A 27 8.14 -2.31 15.25
C GLY A 27 9.40 -3.10 15.45
N ALA A 28 9.78 -3.27 16.70
CA ALA A 28 11.05 -3.85 17.10
C ALA A 28 11.14 -5.35 16.82
N ASP A 29 10.00 -6.00 16.75
CA ASP A 29 9.96 -7.47 16.53
C ASP A 29 10.51 -7.84 15.16
N ALA A 30 10.36 -6.93 14.22
CA ALA A 30 10.89 -7.14 12.90
C ALA A 30 12.17 -6.33 12.70
N GLY A 31 12.31 -5.29 13.50
CA GLY A 31 13.46 -4.43 13.38
C GLY A 31 13.20 -3.29 12.45
N LEU A 32 11.94 -2.91 12.34
CA LEU A 32 11.59 -1.93 11.39
C LEU A 32 11.20 -0.61 12.05
N GLU A 33 10.11 -0.62 12.83
CA GLU A 33 9.60 0.59 13.51
C GLU A 33 9.10 1.63 12.52
N LYS A 34 8.54 1.14 11.45
CA LYS A 34 7.92 1.98 10.46
C LYS A 34 6.42 1.74 10.51
N LEU A 35 5.75 2.14 9.47
CA LEU A 35 4.34 1.97 9.31
C LEU A 35 3.99 0.49 9.40
N GLY A 36 2.86 0.19 9.95
CA GLY A 36 2.40 -1.16 9.96
C GLY A 36 1.14 -1.27 9.18
N ILE A 37 1.03 -0.49 8.15
CA ILE A 37 -0.17 -0.45 7.35
C ILE A 37 -0.12 -1.54 6.30
N PHE A 38 -0.88 -2.55 6.52
CA PHE A 38 -0.97 -3.63 5.60
C PHE A 38 -2.21 -3.45 4.78
N VAL A 39 -2.29 -4.13 3.69
CA VAL A 39 -3.47 -4.09 2.86
C VAL A 39 -4.50 -5.00 3.52
N LYS A 40 -5.68 -4.50 3.75
CA LYS A 40 -6.69 -5.30 4.41
C LYS A 40 -7.53 -6.03 3.40
N THR A 41 -7.83 -5.40 2.32
CA THR A 41 -8.63 -6.01 1.29
C THR A 41 -8.37 -5.24 0.03
N VAL A 42 -8.68 -5.82 -1.07
CA VAL A 42 -8.57 -5.17 -2.32
C VAL A 42 -10.00 -5.13 -2.87
N THR A 43 -10.23 -4.35 -3.91
CA THR A 43 -11.52 -4.25 -4.55
C THR A 43 -11.87 -5.59 -5.27
N GLU A 44 -13.03 -5.62 -5.91
CA GLU A 44 -13.53 -6.79 -6.63
C GLU A 44 -12.50 -7.37 -7.59
N GLY A 45 -12.14 -6.62 -8.59
CA GLY A 45 -11.18 -7.13 -9.49
C GLY A 45 -11.02 -6.31 -10.72
N GLY A 46 -10.81 -5.03 -10.54
CA GLY A 46 -10.46 -4.21 -11.62
C GLY A 46 -8.97 -4.24 -11.78
N ALA A 47 -8.41 -3.17 -12.24
CA ALA A 47 -6.98 -3.09 -12.62
C ALA A 47 -6.00 -3.43 -11.48
N ALA A 48 -6.46 -3.46 -10.23
CA ALA A 48 -5.56 -3.79 -9.11
C ALA A 48 -5.35 -5.28 -9.06
N GLN A 49 -6.43 -6.03 -8.85
CA GLN A 49 -6.36 -7.48 -8.87
C GLN A 49 -6.17 -8.05 -10.29
N ARG A 50 -6.40 -7.21 -11.30
CA ARG A 50 -6.10 -7.61 -12.67
C ARG A 50 -4.63 -7.43 -12.95
N ASP A 51 -4.00 -6.50 -12.21
CA ASP A 51 -2.55 -6.27 -12.37
C ASP A 51 -1.76 -7.55 -12.17
N GLY A 52 -1.93 -8.17 -11.02
CA GLY A 52 -1.30 -9.44 -10.79
C GLY A 52 -0.06 -9.38 -9.91
N ARG A 53 0.47 -8.19 -9.67
CA ARG A 53 1.62 -8.07 -8.79
C ARG A 53 1.12 -7.76 -7.40
N ILE A 54 0.41 -6.65 -7.26
CA ILE A 54 -0.05 -6.20 -5.95
C ILE A 54 -1.05 -7.21 -5.35
N GLN A 55 -0.99 -7.39 -4.07
CA GLN A 55 -1.83 -8.33 -3.40
C GLN A 55 -2.28 -7.81 -2.03
N VAL A 56 -3.19 -8.55 -1.40
CA VAL A 56 -3.76 -8.15 -0.10
C VAL A 56 -2.76 -8.43 1.03
N ASN A 57 -1.71 -9.11 0.70
CA ASN A 57 -0.73 -9.52 1.69
C ASN A 57 0.38 -8.47 1.80
N ASP A 58 0.29 -7.46 0.97
CA ASP A 58 1.33 -6.45 0.91
C ASP A 58 1.16 -5.39 2.00
N GLN A 59 2.13 -4.51 2.05
CA GLN A 59 2.16 -3.42 2.97
C GLN A 59 2.42 -2.15 2.18
N ILE A 60 1.55 -1.17 2.34
CA ILE A 60 1.69 0.08 1.62
C ILE A 60 2.79 0.92 2.27
N VAL A 61 3.93 0.99 1.65
CA VAL A 61 5.05 1.69 2.24
C VAL A 61 5.02 3.18 1.85
N GLU A 62 4.82 3.44 0.61
CA GLU A 62 4.73 4.78 0.11
C GLU A 62 3.86 4.76 -1.12
N VAL A 63 2.85 5.57 -1.14
CA VAL A 63 2.02 5.69 -2.30
C VAL A 63 2.13 7.06 -2.89
N ASP A 64 2.40 7.09 -4.18
CA ASP A 64 2.43 8.32 -5.01
C ASP A 64 3.66 9.20 -4.73
N GLY A 65 4.35 8.83 -3.70
CA GLY A 65 5.47 9.59 -3.22
C GLY A 65 5.09 10.39 -2.00
N ILE A 66 3.90 10.10 -1.44
CA ILE A 66 3.37 10.83 -0.29
C ILE A 66 4.16 10.50 0.99
N SER A 67 4.85 9.35 0.97
CA SER A 67 5.62 8.81 2.09
C SER A 67 4.81 8.76 3.38
N LEU A 68 4.11 7.67 3.57
CA LEU A 68 3.22 7.52 4.71
C LEU A 68 3.89 6.69 5.81
N VAL A 69 5.18 6.60 5.69
CA VAL A 69 6.01 5.90 6.65
C VAL A 69 5.89 6.51 8.06
N GLY A 70 5.06 5.88 8.88
CA GLY A 70 4.89 6.32 10.26
C GLY A 70 3.50 6.89 10.52
N VAL A 71 2.60 6.72 9.56
CA VAL A 71 1.26 7.24 9.73
C VAL A 71 0.31 6.17 10.25
N THR A 72 -0.90 6.58 10.54
CA THR A 72 -1.93 5.70 10.99
C THR A 72 -2.77 5.25 9.84
N GLN A 73 -3.68 4.37 10.14
CA GLN A 73 -4.58 3.80 9.20
C GLN A 73 -5.43 4.88 8.52
N ASN A 74 -5.78 5.91 9.25
CA ASN A 74 -6.62 6.96 8.74
C ASN A 74 -5.90 7.80 7.71
N PHE A 75 -4.61 8.03 7.93
CA PHE A 75 -3.83 8.78 6.96
C PHE A 75 -3.64 7.93 5.73
N ALA A 76 -3.22 6.69 5.95
CA ALA A 76 -2.99 5.76 4.87
C ALA A 76 -4.26 5.53 4.05
N ALA A 77 -5.38 5.31 4.73
CA ALA A 77 -6.67 5.10 4.07
C ALA A 77 -6.98 6.26 3.14
N THR A 78 -6.71 7.46 3.63
CA THR A 78 -6.90 8.68 2.87
C THR A 78 -6.01 8.69 1.61
N VAL A 79 -4.77 8.25 1.75
CA VAL A 79 -3.84 8.17 0.63
C VAL A 79 -4.37 7.19 -0.43
N LEU A 80 -4.70 5.98 0.02
CA LEU A 80 -5.23 4.92 -0.87
C LEU A 80 -6.64 5.27 -1.39
N ARG A 81 -7.17 6.36 -0.91
CA ARG A 81 -8.45 6.90 -1.34
C ARG A 81 -8.26 8.09 -2.29
N ASN A 82 -7.10 8.73 -2.20
CA ASN A 82 -6.76 9.87 -3.08
C ASN A 82 -6.08 9.42 -4.34
N THR A 83 -5.92 8.14 -4.46
CA THR A 83 -5.33 7.52 -5.60
C THR A 83 -6.11 7.77 -6.89
N LYS A 84 -5.40 7.69 -7.98
CA LYS A 84 -5.92 7.87 -9.30
C LYS A 84 -5.36 6.77 -10.20
N GLY A 85 -5.33 6.99 -11.50
CA GLY A 85 -4.77 6.02 -12.43
C GLY A 85 -3.36 5.55 -12.08
N ASN A 86 -2.36 6.32 -12.44
CA ASN A 86 -0.95 5.92 -12.21
C ASN A 86 -0.54 6.09 -10.77
N VAL A 87 -0.51 5.01 -10.05
CA VAL A 87 -0.17 5.04 -8.65
C VAL A 87 1.11 4.30 -8.39
N ARG A 88 2.09 4.97 -7.87
CA ARG A 88 3.30 4.31 -7.47
C ARG A 88 3.16 3.77 -6.09
N PHE A 89 2.98 2.50 -6.02
CA PHE A 89 2.93 1.82 -4.77
C PHE A 89 4.31 1.34 -4.49
N VAL A 90 5.00 2.01 -3.65
CA VAL A 90 6.29 1.56 -3.28
C VAL A 90 6.09 0.71 -2.07
N ILE A 91 5.80 -0.51 -2.34
CA ILE A 91 5.55 -1.52 -1.38
C ILE A 91 6.77 -2.40 -1.28
N GLY A 92 6.94 -3.03 -0.17
CA GLY A 92 8.03 -3.90 -0.02
C GLY A 92 7.57 -5.24 0.47
N ARG A 93 8.33 -6.26 0.19
CA ARG A 93 7.97 -7.59 0.59
C ARG A 93 9.11 -8.31 1.25
N GLU A 94 8.71 -9.22 2.09
CA GLU A 94 9.52 -10.16 2.80
C GLU A 94 8.72 -11.43 2.84
N GLY A 1 18.64 -6.52 1.04
CA GLY A 1 18.52 -5.62 2.19
C GLY A 1 17.33 -5.98 3.02
N HIS A 2 17.15 -5.29 4.13
CA HIS A 2 16.02 -5.54 5.02
C HIS A 2 14.74 -5.06 4.37
N MET A 3 13.96 -6.01 3.83
CA MET A 3 12.70 -5.76 3.14
C MET A 3 12.94 -5.11 1.78
N GLU A 4 12.53 -5.77 0.74
CA GLU A 4 12.73 -5.27 -0.60
C GLU A 4 11.63 -4.33 -0.96
N LEU A 5 11.92 -3.05 -0.98
CA LEU A 5 10.96 -2.07 -1.38
C LEU A 5 10.99 -1.95 -2.89
N PHE A 6 9.85 -2.00 -3.50
CA PHE A 6 9.74 -1.91 -4.92
C PHE A 6 8.56 -1.05 -5.34
N PRO A 7 8.74 -0.29 -6.40
CA PRO A 7 7.70 0.54 -6.94
C PRO A 7 6.78 -0.22 -7.89
N VAL A 8 5.53 -0.20 -7.59
CA VAL A 8 4.55 -0.77 -8.45
C VAL A 8 3.71 0.36 -8.92
N GLU A 9 3.87 0.76 -10.15
CA GLU A 9 3.08 1.83 -10.63
C GLU A 9 1.90 1.26 -11.28
N LEU A 10 0.86 1.21 -10.55
CA LEU A 10 -0.31 0.59 -11.02
C LEU A 10 -1.09 1.61 -11.79
N GLU A 11 -1.93 1.17 -12.63
CA GLU A 11 -2.75 2.06 -13.39
C GLU A 11 -4.17 1.68 -13.15
N LYS A 12 -4.78 2.41 -12.28
CA LYS A 12 -6.13 2.21 -11.92
C LYS A 12 -7.06 3.17 -12.60
N ASP A 13 -8.26 3.13 -12.12
CA ASP A 13 -9.30 4.01 -12.50
C ASP A 13 -9.01 5.32 -11.85
N GLU A 14 -9.54 6.37 -12.40
CA GLU A 14 -9.38 7.70 -11.81
C GLU A 14 -10.22 7.80 -10.53
N ASP A 15 -11.06 6.80 -10.31
CA ASP A 15 -11.87 6.70 -9.11
C ASP A 15 -10.97 6.35 -7.94
N GLY A 16 -9.99 5.48 -8.20
CA GLY A 16 -9.07 5.09 -7.19
C GLY A 16 -8.80 3.62 -7.23
N LEU A 17 -8.62 3.03 -6.08
CA LEU A 17 -8.30 1.63 -5.99
C LEU A 17 -9.50 0.86 -5.55
N GLY A 18 -10.14 1.40 -4.53
CA GLY A 18 -11.26 0.76 -3.94
C GLY A 18 -10.80 -0.30 -2.96
N ILE A 19 -9.64 -0.10 -2.35
CA ILE A 19 -9.12 -1.12 -1.44
C ILE A 19 -9.32 -0.73 0.04
N SER A 20 -8.76 -1.54 0.92
CA SER A 20 -8.85 -1.35 2.34
C SER A 20 -7.47 -1.60 2.94
N ILE A 21 -7.20 -0.98 4.07
CA ILE A 21 -5.90 -1.06 4.73
C ILE A 21 -6.11 -1.49 6.17
N ILE A 22 -5.08 -1.91 6.83
CA ILE A 22 -5.17 -2.23 8.22
C ILE A 22 -3.99 -1.65 8.98
N GLY A 23 -4.28 -0.96 10.06
CA GLY A 23 -3.26 -0.34 10.83
C GLY A 23 -2.71 -1.25 11.88
N MET A 24 -1.52 -1.71 11.66
CA MET A 24 -0.84 -2.59 12.60
C MET A 24 0.46 -1.93 13.00
N GLY A 25 1.16 -2.50 13.92
CA GLY A 25 2.40 -1.92 14.32
C GLY A 25 3.54 -2.88 14.20
N VAL A 26 4.29 -2.76 13.14
CA VAL A 26 5.46 -3.59 12.96
C VAL A 26 6.74 -2.82 13.41
N GLY A 27 7.07 -3.03 14.66
CA GLY A 27 8.14 -2.31 15.25
C GLY A 27 9.40 -3.10 15.45
N ALA A 28 9.78 -3.27 16.70
CA ALA A 28 11.05 -3.85 17.10
C ALA A 28 11.14 -5.35 16.82
N ASP A 29 10.00 -6.00 16.75
CA ASP A 29 9.96 -7.47 16.53
C ASP A 29 10.51 -7.84 15.16
N ALA A 30 10.36 -6.93 14.22
CA ALA A 30 10.89 -7.14 12.90
C ALA A 30 12.17 -6.33 12.70
N GLY A 31 12.31 -5.29 13.50
CA GLY A 31 13.46 -4.43 13.38
C GLY A 31 13.20 -3.29 12.45
N LEU A 32 11.94 -2.91 12.34
CA LEU A 32 11.59 -1.93 11.39
C LEU A 32 11.20 -0.61 12.05
N GLU A 33 10.11 -0.62 12.83
CA GLU A 33 9.60 0.59 13.51
C GLU A 33 9.10 1.63 12.52
N LYS A 34 8.54 1.14 11.45
CA LYS A 34 7.92 1.98 10.46
C LYS A 34 6.42 1.74 10.51
N LEU A 35 5.75 2.14 9.47
CA LEU A 35 4.34 1.97 9.31
C LEU A 35 3.99 0.49 9.40
N GLY A 36 2.86 0.19 9.95
CA GLY A 36 2.40 -1.16 9.96
C GLY A 36 1.14 -1.27 9.18
N ILE A 37 1.03 -0.49 8.15
CA ILE A 37 -0.17 -0.45 7.35
C ILE A 37 -0.12 -1.54 6.30
N PHE A 38 -0.88 -2.55 6.52
CA PHE A 38 -0.97 -3.63 5.60
C PHE A 38 -2.21 -3.45 4.78
N VAL A 39 -2.29 -4.13 3.69
CA VAL A 39 -3.47 -4.09 2.86
C VAL A 39 -4.50 -5.00 3.52
N LYS A 40 -5.68 -4.50 3.75
CA LYS A 40 -6.69 -5.30 4.41
C LYS A 40 -7.53 -6.03 3.40
N THR A 41 -7.83 -5.40 2.32
CA THR A 41 -8.63 -6.01 1.29
C THR A 41 -8.37 -5.24 0.03
N VAL A 42 -8.68 -5.82 -1.07
CA VAL A 42 -8.57 -5.17 -2.32
C VAL A 42 -10.00 -5.13 -2.87
N THR A 43 -10.23 -4.35 -3.91
CA THR A 43 -11.52 -4.25 -4.55
C THR A 43 -11.87 -5.59 -5.27
N GLU A 44 -13.03 -5.62 -5.91
CA GLU A 44 -13.53 -6.79 -6.63
C GLU A 44 -12.50 -7.37 -7.59
N GLY A 45 -12.14 -6.62 -8.59
CA GLY A 45 -11.18 -7.13 -9.49
C GLY A 45 -11.02 -6.31 -10.72
N GLY A 46 -10.81 -5.03 -10.54
CA GLY A 46 -10.46 -4.21 -11.62
C GLY A 46 -8.97 -4.24 -11.78
N ALA A 47 -8.41 -3.17 -12.24
CA ALA A 47 -6.98 -3.09 -12.62
C ALA A 47 -6.00 -3.43 -11.48
N ALA A 48 -6.46 -3.46 -10.23
CA ALA A 48 -5.56 -3.79 -9.11
C ALA A 48 -5.35 -5.28 -9.06
N GLN A 49 -6.43 -6.03 -8.85
CA GLN A 49 -6.36 -7.48 -8.87
C GLN A 49 -6.17 -8.05 -10.29
N ARG A 50 -6.40 -7.21 -11.30
CA ARG A 50 -6.10 -7.61 -12.67
C ARG A 50 -4.63 -7.43 -12.95
N ASP A 51 -4.00 -6.50 -12.21
CA ASP A 51 -2.55 -6.27 -12.37
C ASP A 51 -1.76 -7.55 -12.17
N GLY A 52 -1.93 -8.17 -11.02
CA GLY A 52 -1.30 -9.44 -10.79
C GLY A 52 -0.06 -9.38 -9.91
N ARG A 53 0.47 -8.19 -9.67
CA ARG A 53 1.62 -8.07 -8.79
C ARG A 53 1.12 -7.76 -7.40
N ILE A 54 0.41 -6.65 -7.26
CA ILE A 54 -0.05 -6.20 -5.95
C ILE A 54 -1.05 -7.21 -5.35
N GLN A 55 -0.99 -7.39 -4.07
CA GLN A 55 -1.83 -8.33 -3.40
C GLN A 55 -2.28 -7.81 -2.03
N VAL A 56 -3.19 -8.55 -1.40
CA VAL A 56 -3.76 -8.15 -0.10
C VAL A 56 -2.76 -8.43 1.03
N ASN A 57 -1.71 -9.11 0.70
CA ASN A 57 -0.73 -9.52 1.69
C ASN A 57 0.38 -8.47 1.80
N ASP A 58 0.29 -7.46 0.97
CA ASP A 58 1.33 -6.45 0.91
C ASP A 58 1.16 -5.39 2.00
N GLN A 59 2.13 -4.51 2.05
CA GLN A 59 2.16 -3.42 2.97
C GLN A 59 2.42 -2.15 2.18
N ILE A 60 1.55 -1.17 2.34
CA ILE A 60 1.69 0.08 1.62
C ILE A 60 2.79 0.92 2.27
N VAL A 61 3.93 0.99 1.65
CA VAL A 61 5.05 1.69 2.24
C VAL A 61 5.02 3.18 1.85
N GLU A 62 4.82 3.44 0.61
CA GLU A 62 4.73 4.78 0.11
C GLU A 62 3.86 4.76 -1.12
N VAL A 63 2.85 5.57 -1.14
CA VAL A 63 2.02 5.69 -2.30
C VAL A 63 2.13 7.06 -2.89
N ASP A 64 2.40 7.09 -4.18
CA ASP A 64 2.43 8.32 -5.01
C ASP A 64 3.66 9.20 -4.73
N GLY A 65 4.35 8.83 -3.70
CA GLY A 65 5.47 9.59 -3.22
C GLY A 65 5.09 10.39 -2.00
N ILE A 66 3.90 10.10 -1.44
CA ILE A 66 3.37 10.83 -0.29
C ILE A 66 4.16 10.50 0.99
N SER A 67 4.85 9.35 0.97
CA SER A 67 5.62 8.81 2.09
C SER A 67 4.81 8.76 3.38
N LEU A 68 4.11 7.67 3.57
CA LEU A 68 3.22 7.52 4.71
C LEU A 68 3.89 6.69 5.81
N VAL A 69 5.18 6.60 5.69
CA VAL A 69 6.01 5.90 6.65
C VAL A 69 5.89 6.51 8.06
N GLY A 70 5.06 5.88 8.88
CA GLY A 70 4.89 6.32 10.26
C GLY A 70 3.50 6.89 10.52
N VAL A 71 2.60 6.72 9.56
CA VAL A 71 1.26 7.24 9.73
C VAL A 71 0.31 6.17 10.25
N THR A 72 -0.90 6.58 10.54
CA THR A 72 -1.93 5.70 10.99
C THR A 72 -2.77 5.25 9.84
N GLN A 73 -3.68 4.37 10.14
CA GLN A 73 -4.58 3.80 9.20
C GLN A 73 -5.43 4.88 8.52
N ASN A 74 -5.78 5.91 9.25
CA ASN A 74 -6.62 6.96 8.74
C ASN A 74 -5.90 7.80 7.71
N PHE A 75 -4.61 8.03 7.93
CA PHE A 75 -3.83 8.78 6.96
C PHE A 75 -3.64 7.93 5.73
N ALA A 76 -3.22 6.69 5.95
CA ALA A 76 -2.99 5.76 4.87
C ALA A 76 -4.26 5.53 4.05
N ALA A 77 -5.38 5.31 4.73
CA ALA A 77 -6.67 5.10 4.07
C ALA A 77 -6.98 6.26 3.14
N THR A 78 -6.71 7.46 3.63
CA THR A 78 -6.90 8.68 2.87
C THR A 78 -6.01 8.69 1.61
N VAL A 79 -4.77 8.25 1.75
CA VAL A 79 -3.84 8.17 0.63
C VAL A 79 -4.37 7.19 -0.43
N LEU A 80 -4.70 5.98 0.02
CA LEU A 80 -5.23 4.92 -0.87
C LEU A 80 -6.64 5.27 -1.39
N ARG A 81 -7.17 6.36 -0.91
CA ARG A 81 -8.45 6.90 -1.34
C ARG A 81 -8.26 8.09 -2.29
N ASN A 82 -7.10 8.73 -2.20
CA ASN A 82 -6.76 9.87 -3.08
C ASN A 82 -6.08 9.42 -4.34
N THR A 83 -5.92 8.14 -4.46
CA THR A 83 -5.33 7.52 -5.60
C THR A 83 -6.11 7.77 -6.89
N LYS A 84 -5.40 7.69 -7.98
CA LYS A 84 -5.92 7.87 -9.30
C LYS A 84 -5.36 6.77 -10.20
N GLY A 85 -5.33 6.99 -11.50
CA GLY A 85 -4.77 6.02 -12.43
C GLY A 85 -3.36 5.55 -12.08
N ASN A 86 -2.36 6.32 -12.44
CA ASN A 86 -0.95 5.92 -12.21
C ASN A 86 -0.54 6.09 -10.77
N VAL A 87 -0.51 5.01 -10.05
CA VAL A 87 -0.17 5.04 -8.65
C VAL A 87 1.11 4.30 -8.39
N ARG A 88 2.09 4.97 -7.87
CA ARG A 88 3.30 4.31 -7.47
C ARG A 88 3.16 3.77 -6.09
N PHE A 89 2.98 2.50 -6.02
CA PHE A 89 2.93 1.82 -4.77
C PHE A 89 4.31 1.34 -4.49
N VAL A 90 5.00 2.01 -3.65
CA VAL A 90 6.29 1.56 -3.28
C VAL A 90 6.09 0.71 -2.07
N ILE A 91 5.80 -0.51 -2.34
CA ILE A 91 5.55 -1.52 -1.38
C ILE A 91 6.77 -2.40 -1.28
N GLY A 92 6.94 -3.03 -0.17
CA GLY A 92 8.03 -3.90 -0.02
C GLY A 92 7.57 -5.24 0.47
N ARG A 93 8.33 -6.26 0.19
CA ARG A 93 7.97 -7.59 0.59
C ARG A 93 9.11 -8.31 1.25
N GLU A 94 8.71 -9.22 2.09
CA GLU A 94 9.52 -10.16 2.80
C GLU A 94 8.72 -11.43 2.84
N GLY A 1 15.61 -5.44 8.94
CA GLY A 1 14.55 -6.06 8.15
C GLY A 1 14.89 -6.05 6.70
N HIS A 2 14.93 -7.21 6.09
CA HIS A 2 15.23 -7.33 4.67
C HIS A 2 13.95 -7.21 3.89
N MET A 3 13.91 -6.30 2.97
CA MET A 3 12.71 -6.05 2.19
C MET A 3 13.15 -5.53 0.83
N GLU A 4 12.44 -5.91 -0.20
CA GLU A 4 12.74 -5.39 -1.52
C GLU A 4 11.68 -4.38 -1.88
N LEU A 5 12.05 -3.12 -1.87
CA LEU A 5 11.12 -2.06 -2.12
C LEU A 5 11.02 -1.80 -3.60
N PHE A 6 9.82 -1.77 -4.11
CA PHE A 6 9.63 -1.56 -5.51
C PHE A 6 8.39 -0.72 -5.81
N PRO A 7 8.49 0.15 -6.81
CA PRO A 7 7.39 0.97 -7.26
C PRO A 7 6.46 0.20 -8.17
N VAL A 8 5.25 0.13 -7.81
CA VAL A 8 4.26 -0.45 -8.61
C VAL A 8 3.48 0.66 -9.24
N GLU A 9 3.78 0.95 -10.47
CA GLU A 9 3.01 1.91 -11.21
C GLU A 9 1.80 1.16 -11.72
N LEU A 10 0.69 1.36 -11.07
CA LEU A 10 -0.51 0.66 -11.37
C LEU A 10 -1.39 1.62 -12.12
N GLU A 11 -1.98 1.19 -13.18
CA GLU A 11 -2.92 2.01 -13.89
C GLU A 11 -4.33 1.55 -13.55
N LYS A 12 -4.93 2.23 -12.62
CA LYS A 12 -6.23 1.90 -12.12
C LYS A 12 -7.39 2.46 -12.93
N ASP A 13 -8.56 2.09 -12.46
CA ASP A 13 -9.85 2.37 -13.07
C ASP A 13 -10.31 3.77 -12.72
N GLU A 14 -11.53 4.09 -13.12
CA GLU A 14 -12.13 5.38 -12.81
C GLU A 14 -12.51 5.47 -11.34
N ASP A 15 -12.74 4.30 -10.73
CA ASP A 15 -13.09 4.20 -9.30
C ASP A 15 -11.99 4.78 -8.43
N GLY A 16 -10.77 4.49 -8.81
CA GLY A 16 -9.65 4.89 -8.07
C GLY A 16 -8.91 3.67 -7.65
N LEU A 17 -8.88 3.41 -6.39
CA LEU A 17 -8.16 2.26 -5.91
C LEU A 17 -9.13 1.28 -5.32
N GLY A 18 -9.79 1.68 -4.26
CA GLY A 18 -10.80 0.86 -3.64
C GLY A 18 -10.22 -0.21 -2.76
N ILE A 19 -9.06 0.05 -2.19
CA ILE A 19 -8.46 -0.94 -1.32
C ILE A 19 -8.59 -0.55 0.14
N SER A 20 -8.23 -1.46 1.00
CA SER A 20 -8.30 -1.24 2.42
C SER A 20 -6.95 -1.46 3.04
N ILE A 21 -6.69 -0.73 4.08
CA ILE A 21 -5.44 -0.77 4.77
C ILE A 21 -5.69 -1.24 6.18
N ILE A 22 -4.68 -1.67 6.84
CA ILE A 22 -4.80 -2.01 8.22
C ILE A 22 -3.72 -1.33 9.01
N GLY A 23 -4.11 -0.72 10.09
CA GLY A 23 -3.18 0.00 10.89
C GLY A 23 -2.61 -0.85 11.99
N MET A 24 -1.38 -1.21 11.82
CA MET A 24 -0.67 -1.99 12.81
C MET A 24 0.46 -1.14 13.32
N GLY A 25 0.92 -1.41 14.49
CA GLY A 25 2.05 -0.69 15.00
C GLY A 25 3.23 -1.61 15.10
N VAL A 26 3.83 -1.90 13.97
CA VAL A 26 4.93 -2.82 13.92
C VAL A 26 6.26 -2.15 14.25
N GLY A 27 6.64 -2.25 15.49
CA GLY A 27 7.86 -1.68 15.94
C GLY A 27 8.97 -2.70 15.90
N ALA A 28 9.63 -2.88 17.01
CA ALA A 28 10.70 -3.83 17.09
C ALA A 28 10.17 -5.16 17.58
N ASP A 29 9.96 -6.05 16.65
CA ASP A 29 9.46 -7.37 16.97
C ASP A 29 10.16 -8.39 16.10
N ALA A 30 10.05 -8.20 14.80
CA ALA A 30 10.76 -9.02 13.84
C ALA A 30 11.99 -8.30 13.34
N GLY A 31 11.85 -7.00 13.11
CA GLY A 31 12.97 -6.21 12.66
C GLY A 31 12.57 -5.16 11.65
N LEU A 32 11.35 -4.69 11.72
CA LEU A 32 10.87 -3.75 10.75
C LEU A 32 11.01 -2.31 11.24
N GLU A 33 10.37 -2.01 12.38
CA GLU A 33 10.43 -0.68 13.01
C GLU A 33 10.01 0.41 12.04
N LYS A 34 8.75 0.45 11.71
CA LYS A 34 8.24 1.39 10.75
C LYS A 34 6.75 1.42 10.85
N LEU A 35 6.11 2.00 9.85
CA LEU A 35 4.66 2.01 9.75
C LEU A 35 4.14 0.58 9.79
N GLY A 36 2.95 0.41 10.23
CA GLY A 36 2.37 -0.89 10.17
C GLY A 36 1.16 -0.88 9.29
N ILE A 37 1.18 -0.09 8.26
CA ILE A 37 0.07 -0.05 7.37
C ILE A 37 0.20 -1.12 6.32
N PHE A 38 -0.47 -2.18 6.53
CA PHE A 38 -0.44 -3.29 5.63
C PHE A 38 -1.63 -3.22 4.72
N VAL A 39 -1.53 -3.90 3.60
CA VAL A 39 -2.64 -3.96 2.70
C VAL A 39 -3.60 -4.94 3.26
N LYS A 40 -4.74 -4.46 3.61
CA LYS A 40 -5.73 -5.25 4.27
C LYS A 40 -6.59 -5.97 3.26
N THR A 41 -7.11 -5.22 2.34
CA THR A 41 -7.97 -5.78 1.34
C THR A 41 -7.66 -5.05 0.05
N VAL A 42 -7.97 -5.64 -1.04
CA VAL A 42 -7.80 -5.02 -2.31
C VAL A 42 -9.14 -5.14 -3.00
N THR A 43 -9.46 -4.21 -3.86
CA THR A 43 -10.68 -4.24 -4.61
C THR A 43 -10.69 -5.46 -5.54
N GLU A 44 -11.84 -6.01 -5.68
CA GLU A 44 -12.08 -7.14 -6.49
C GLU A 44 -12.20 -6.67 -7.95
N GLY A 45 -12.64 -5.42 -8.09
CA GLY A 45 -12.93 -4.89 -9.38
C GLY A 45 -12.17 -3.67 -9.63
N GLY A 46 -10.93 -3.85 -9.71
CA GLY A 46 -10.07 -2.86 -10.02
C GLY A 46 -8.89 -3.47 -10.61
N ALA A 47 -8.22 -2.71 -11.38
CA ALA A 47 -7.01 -3.12 -12.09
C ALA A 47 -5.86 -3.54 -11.16
N ALA A 48 -6.06 -3.48 -9.85
CA ALA A 48 -5.03 -3.85 -8.90
C ALA A 48 -4.90 -5.36 -8.88
N GLN A 49 -6.03 -6.04 -8.66
CA GLN A 49 -6.03 -7.48 -8.71
C GLN A 49 -6.01 -8.01 -10.15
N ARG A 50 -6.11 -7.09 -11.10
CA ARG A 50 -5.96 -7.44 -12.49
C ARG A 50 -4.49 -7.37 -12.85
N ASP A 51 -3.80 -6.38 -12.29
CA ASP A 51 -2.34 -6.26 -12.50
C ASP A 51 -1.65 -7.45 -11.85
N GLY A 52 -2.06 -7.75 -10.62
CA GLY A 52 -1.59 -8.97 -9.93
C GLY A 52 -0.21 -8.84 -9.29
N ARG A 53 0.53 -7.83 -9.72
CA ARG A 53 1.86 -7.52 -9.21
C ARG A 53 1.81 -7.16 -7.76
N ILE A 54 0.79 -6.40 -7.44
CA ILE A 54 0.59 -5.92 -6.10
C ILE A 54 -0.10 -7.03 -5.31
N GLN A 55 -0.08 -6.97 -4.02
CA GLN A 55 -0.69 -8.02 -3.26
C GLN A 55 -1.70 -7.46 -2.28
N VAL A 56 -2.18 -8.34 -1.43
CA VAL A 56 -3.04 -8.00 -0.32
C VAL A 56 -2.36 -8.52 0.95
N ASN A 57 -1.09 -8.80 0.82
CA ASN A 57 -0.31 -9.41 1.91
C ASN A 57 1.02 -8.71 2.04
N ASP A 58 1.06 -7.58 1.46
CA ASP A 58 2.20 -6.72 1.42
C ASP A 58 1.93 -5.45 2.21
N GLN A 59 2.81 -4.48 2.10
CA GLN A 59 2.72 -3.31 2.90
C GLN A 59 2.87 -2.07 2.05
N ILE A 60 1.98 -1.10 2.24
CA ILE A 60 2.07 0.15 1.53
C ILE A 60 3.21 0.95 2.13
N VAL A 61 4.31 1.02 1.45
CA VAL A 61 5.47 1.71 1.98
C VAL A 61 5.40 3.21 1.65
N GLU A 62 5.14 3.52 0.41
CA GLU A 62 5.05 4.89 -0.03
C GLU A 62 4.16 4.99 -1.26
N VAL A 63 3.06 5.69 -1.14
CA VAL A 63 2.19 5.88 -2.27
C VAL A 63 2.24 7.31 -2.76
N ASP A 64 2.43 7.44 -4.08
CA ASP A 64 2.40 8.74 -4.80
C ASP A 64 3.51 9.70 -4.30
N GLY A 65 4.48 9.13 -3.62
CA GLY A 65 5.57 9.89 -3.05
C GLY A 65 5.18 10.60 -1.77
N ILE A 66 4.02 10.26 -1.22
CA ILE A 66 3.50 10.93 -0.04
C ILE A 66 4.27 10.50 1.22
N SER A 67 5.02 9.41 1.09
CA SER A 67 5.79 8.78 2.16
C SER A 67 5.02 8.69 3.48
N LEU A 68 4.16 7.70 3.55
CA LEU A 68 3.26 7.54 4.68
C LEU A 68 3.90 6.67 5.75
N VAL A 69 5.18 6.47 5.62
CA VAL A 69 5.98 5.77 6.60
C VAL A 69 5.88 6.50 7.95
N GLY A 70 5.02 6.01 8.80
CA GLY A 70 4.89 6.56 10.12
C GLY A 70 3.54 7.23 10.33
N VAL A 71 2.56 6.91 9.49
CA VAL A 71 1.22 7.48 9.65
C VAL A 71 0.26 6.44 10.20
N THR A 72 -0.95 6.86 10.46
CA THR A 72 -1.97 5.99 10.97
C THR A 72 -2.80 5.46 9.85
N GLN A 73 -3.74 4.65 10.19
CA GLN A 73 -4.62 4.04 9.26
C GLN A 73 -5.50 5.09 8.58
N ASN A 74 -5.88 6.10 9.32
CA ASN A 74 -6.76 7.13 8.80
C ASN A 74 -6.06 8.00 7.78
N PHE A 75 -4.76 8.11 7.89
CA PHE A 75 -4.01 8.84 6.91
C PHE A 75 -3.89 7.97 5.67
N ALA A 76 -3.45 6.74 5.87
CA ALA A 76 -3.27 5.79 4.78
C ALA A 76 -4.58 5.53 4.02
N ALA A 77 -5.67 5.33 4.75
CA ALA A 77 -7.01 5.08 4.16
C ALA A 77 -7.52 6.27 3.38
N THR A 78 -6.84 7.37 3.52
CA THR A 78 -7.14 8.53 2.76
C THR A 78 -6.29 8.55 1.49
N VAL A 79 -4.98 8.35 1.63
CA VAL A 79 -4.09 8.35 0.47
C VAL A 79 -4.49 7.27 -0.53
N LEU A 80 -4.64 6.04 -0.03
CA LEU A 80 -5.03 4.87 -0.85
C LEU A 80 -6.49 4.96 -1.35
N ARG A 81 -7.12 6.05 -1.04
CA ARG A 81 -8.45 6.34 -1.49
C ARG A 81 -8.40 7.47 -2.52
N ASN A 82 -7.55 8.44 -2.22
CA ASN A 82 -7.42 9.67 -3.00
C ASN A 82 -6.56 9.48 -4.24
N THR A 83 -6.01 8.30 -4.37
CA THR A 83 -5.20 7.91 -5.50
C THR A 83 -5.99 7.96 -6.81
N LYS A 84 -5.30 8.27 -7.87
CA LYS A 84 -5.88 8.30 -9.19
C LYS A 84 -5.39 7.10 -10.00
N GLY A 85 -5.73 7.07 -11.30
CA GLY A 85 -5.35 6.01 -12.23
C GLY A 85 -3.95 5.46 -12.04
N ASN A 86 -2.93 6.22 -12.44
CA ASN A 86 -1.56 5.72 -12.29
C ASN A 86 -1.04 5.98 -10.90
N VAL A 87 -0.97 4.94 -10.14
CA VAL A 87 -0.53 5.03 -8.79
C VAL A 87 0.87 4.50 -8.70
N ARG A 88 1.66 5.10 -7.89
CA ARG A 88 2.98 4.62 -7.61
C ARG A 88 2.99 4.05 -6.22
N PHE A 89 2.86 2.76 -6.15
CA PHE A 89 2.90 2.08 -4.88
C PHE A 89 4.29 1.61 -4.64
N VAL A 90 5.01 2.25 -3.80
CA VAL A 90 6.27 1.73 -3.45
C VAL A 90 6.01 0.80 -2.31
N ILE A 91 5.87 -0.41 -2.64
CA ILE A 91 5.66 -1.47 -1.71
C ILE A 91 6.86 -2.37 -1.76
N GLY A 92 7.11 -3.04 -0.70
CA GLY A 92 8.17 -3.94 -0.69
C GLY A 92 7.68 -5.34 -0.45
N ARG A 93 8.45 -6.28 -0.86
CA ARG A 93 8.13 -7.68 -0.68
C ARG A 93 9.32 -8.36 -0.06
N GLU A 94 9.10 -9.00 1.06
CA GLU A 94 10.10 -9.84 1.64
C GLU A 94 9.98 -11.17 0.94
N GLY A 1 15.99 -11.61 3.25
CA GLY A 1 16.40 -10.45 2.45
C GLY A 1 16.36 -9.20 3.28
N HIS A 2 16.36 -8.06 2.62
CA HIS A 2 16.34 -6.76 3.31
C HIS A 2 15.04 -6.03 3.04
N MET A 3 14.03 -6.79 2.58
CA MET A 3 12.74 -6.28 2.11
C MET A 3 12.91 -5.58 0.78
N GLU A 4 12.29 -6.11 -0.22
CA GLU A 4 12.40 -5.57 -1.54
C GLU A 4 11.37 -4.48 -1.73
N LEU A 5 11.82 -3.25 -1.76
CA LEU A 5 10.93 -2.14 -2.00
C LEU A 5 10.86 -1.89 -3.47
N PHE A 6 9.69 -1.99 -4.01
CA PHE A 6 9.49 -1.89 -5.43
C PHE A 6 8.35 -0.94 -5.79
N PRO A 7 8.52 -0.21 -6.88
CA PRO A 7 7.49 0.67 -7.39
C PRO A 7 6.48 -0.07 -8.26
N VAL A 8 5.24 0.09 -7.96
CA VAL A 8 4.19 -0.45 -8.77
C VAL A 8 3.38 0.70 -9.29
N GLU A 9 3.55 1.02 -10.53
CA GLU A 9 2.78 2.08 -11.11
C GLU A 9 1.53 1.50 -11.72
N LEU A 10 0.45 1.67 -11.01
CA LEU A 10 -0.80 1.09 -11.35
C LEU A 10 -1.54 2.08 -12.22
N GLU A 11 -2.28 1.59 -13.17
CA GLU A 11 -3.17 2.41 -13.92
C GLU A 11 -4.59 1.97 -13.59
N LYS A 12 -5.10 2.50 -12.50
CA LYS A 12 -6.39 2.20 -12.03
C LYS A 12 -7.52 2.77 -12.88
N ASP A 13 -8.69 2.26 -12.62
CA ASP A 13 -9.90 2.56 -13.32
C ASP A 13 -10.56 3.81 -12.74
N GLU A 14 -11.74 4.13 -13.24
CA GLU A 14 -12.39 5.38 -12.87
C GLU A 14 -13.06 5.34 -11.51
N ASP A 15 -13.15 4.18 -10.90
CA ASP A 15 -13.70 4.08 -9.56
C ASP A 15 -12.67 4.53 -8.57
N GLY A 16 -11.48 4.05 -8.77
CA GLY A 16 -10.42 4.33 -7.88
C GLY A 16 -9.79 3.04 -7.47
N LEU A 17 -9.07 3.03 -6.38
CA LEU A 17 -8.38 1.82 -5.99
C LEU A 17 -9.35 0.85 -5.41
N GLY A 18 -10.13 1.34 -4.47
CA GLY A 18 -11.08 0.53 -3.77
C GLY A 18 -10.36 -0.47 -2.89
N ILE A 19 -9.16 -0.10 -2.45
CA ILE A 19 -8.38 -0.99 -1.64
C ILE A 19 -8.51 -0.60 -0.18
N SER A 20 -8.00 -1.43 0.69
CA SER A 20 -8.11 -1.21 2.11
C SER A 20 -6.76 -1.44 2.75
N ILE A 21 -6.49 -0.72 3.81
CA ILE A 21 -5.26 -0.84 4.55
C ILE A 21 -5.57 -1.33 5.94
N ILE A 22 -4.57 -1.85 6.62
CA ILE A 22 -4.76 -2.24 7.99
C ILE A 22 -3.68 -1.63 8.85
N GLY A 23 -4.09 -1.03 9.96
CA GLY A 23 -3.15 -0.38 10.83
C GLY A 23 -2.62 -1.30 11.87
N MET A 24 -1.47 -1.84 11.62
CA MET A 24 -0.79 -2.74 12.54
C MET A 24 0.44 -2.05 13.06
N GLY A 25 1.19 -2.76 13.83
CA GLY A 25 2.47 -2.27 14.30
C GLY A 25 3.46 -3.40 14.29
N VAL A 26 4.08 -3.60 13.17
CA VAL A 26 4.98 -4.72 13.02
C VAL A 26 6.41 -4.36 13.42
N GLY A 27 6.89 -5.08 14.40
CA GLY A 27 8.25 -4.94 14.84
C GLY A 27 8.52 -3.65 15.57
N ALA A 28 7.48 -3.03 16.08
CA ALA A 28 7.59 -1.76 16.77
C ALA A 28 8.42 -1.91 18.04
N ASP A 29 8.21 -3.00 18.71
CA ASP A 29 8.93 -3.27 19.95
C ASP A 29 9.84 -4.46 19.77
N ALA A 30 10.03 -4.87 18.53
CA ALA A 30 10.82 -6.05 18.22
C ALA A 30 12.16 -5.70 17.57
N GLY A 31 12.46 -4.41 17.51
CA GLY A 31 13.73 -4.01 16.96
C GLY A 31 13.66 -3.52 15.52
N LEU A 32 12.48 -3.31 15.02
CA LEU A 32 12.32 -2.86 13.64
C LEU A 32 11.91 -1.41 13.59
N GLU A 33 10.72 -1.14 14.14
CA GLU A 33 10.06 0.17 14.05
C GLU A 33 9.86 0.59 12.62
N LYS A 34 8.80 0.14 12.06
CA LYS A 34 8.44 0.49 10.75
C LYS A 34 6.95 0.59 10.72
N LEU A 35 6.44 1.01 9.62
CA LEU A 35 5.03 1.11 9.38
C LEU A 35 4.33 -0.24 9.61
N GLY A 36 3.16 -0.21 10.11
CA GLY A 36 2.40 -1.39 10.25
C GLY A 36 1.25 -1.41 9.31
N ILE A 37 1.32 -0.60 8.29
CA ILE A 37 0.23 -0.51 7.35
C ILE A 37 0.36 -1.57 6.29
N PHE A 38 -0.43 -2.56 6.41
CA PHE A 38 -0.44 -3.63 5.45
C PHE A 38 -1.60 -3.46 4.53
N VAL A 39 -1.57 -4.14 3.41
CA VAL A 39 -2.67 -4.11 2.51
C VAL A 39 -3.73 -5.03 3.08
N LYS A 40 -4.85 -4.47 3.42
CA LYS A 40 -5.92 -5.22 4.03
C LYS A 40 -6.73 -5.90 2.95
N THR A 41 -6.93 -5.21 1.87
CA THR A 41 -7.68 -5.71 0.76
C THR A 41 -7.24 -4.92 -0.45
N VAL A 42 -7.44 -5.45 -1.60
CA VAL A 42 -7.09 -4.77 -2.81
C VAL A 42 -8.17 -4.92 -3.87
N THR A 43 -9.00 -3.90 -3.95
CA THR A 43 -10.12 -3.73 -4.89
C THR A 43 -11.12 -4.94 -4.94
N GLU A 44 -12.24 -4.75 -5.57
CA GLU A 44 -13.18 -5.82 -5.80
C GLU A 44 -12.61 -6.72 -6.88
N GLY A 45 -11.83 -6.11 -7.73
CA GLY A 45 -11.21 -6.80 -8.81
C GLY A 45 -11.15 -5.93 -10.02
N GLY A 46 -10.89 -4.64 -9.80
CA GLY A 46 -10.71 -3.77 -10.89
C GLY A 46 -9.28 -3.82 -11.34
N ALA A 47 -8.81 -2.75 -11.89
CA ALA A 47 -7.49 -2.69 -12.52
C ALA A 47 -6.29 -2.98 -11.59
N ALA A 48 -6.53 -3.04 -10.28
CA ALA A 48 -5.45 -3.32 -9.32
C ALA A 48 -5.19 -4.81 -9.27
N GLN A 49 -6.22 -5.60 -8.95
CA GLN A 49 -6.07 -7.06 -9.03
C GLN A 49 -5.80 -7.53 -10.45
N ARG A 50 -6.32 -6.80 -11.44
CA ARG A 50 -6.06 -7.15 -12.84
C ARG A 50 -4.60 -6.94 -13.18
N ASP A 51 -3.99 -5.93 -12.57
CA ASP A 51 -2.55 -5.64 -12.73
C ASP A 51 -1.71 -6.86 -12.36
N GLY A 52 -1.96 -7.39 -11.19
CA GLY A 52 -1.34 -8.63 -10.77
C GLY A 52 0.05 -8.48 -10.18
N ARG A 53 0.61 -7.29 -10.21
CA ARG A 53 1.92 -7.10 -9.63
C ARG A 53 1.71 -6.80 -8.16
N ILE A 54 0.74 -5.94 -7.88
CA ILE A 54 0.39 -5.59 -6.51
C ILE A 54 -0.45 -6.74 -5.92
N GLN A 55 -0.40 -6.91 -4.63
CA GLN A 55 -1.15 -7.97 -4.00
C GLN A 55 -1.73 -7.47 -2.68
N VAL A 56 -2.59 -8.29 -2.10
CA VAL A 56 -3.17 -8.04 -0.79
C VAL A 56 -2.19 -8.51 0.28
N ASN A 57 -1.21 -9.23 -0.18
CA ASN A 57 -0.28 -9.91 0.68
C ASN A 57 0.92 -9.00 1.01
N ASP A 58 0.86 -7.79 0.55
CA ASP A 58 1.98 -6.89 0.70
C ASP A 58 1.69 -5.75 1.69
N GLN A 59 2.54 -4.73 1.68
CA GLN A 59 2.46 -3.60 2.59
C GLN A 59 2.66 -2.27 1.86
N ILE A 60 1.77 -1.30 2.08
CA ILE A 60 1.85 0.01 1.42
C ILE A 60 2.97 0.81 2.06
N VAL A 61 4.05 1.00 1.36
CA VAL A 61 5.19 1.72 1.91
C VAL A 61 5.11 3.21 1.53
N GLU A 62 4.89 3.48 0.27
CA GLU A 62 4.78 4.82 -0.22
C GLU A 62 3.79 4.83 -1.34
N VAL A 63 2.84 5.70 -1.26
CA VAL A 63 1.91 5.87 -2.32
C VAL A 63 2.00 7.25 -2.90
N ASP A 64 2.19 7.30 -4.20
CA ASP A 64 2.18 8.53 -5.03
C ASP A 64 3.43 9.40 -4.81
N GLY A 65 4.13 9.09 -3.78
CA GLY A 65 5.28 9.83 -3.37
C GLY A 65 5.02 10.56 -2.08
N ILE A 66 3.91 10.22 -1.44
CA ILE A 66 3.53 10.85 -0.18
C ILE A 66 4.40 10.33 0.97
N SER A 67 5.04 9.17 0.73
CA SER A 67 5.84 8.44 1.69
C SER A 67 5.11 8.27 3.02
N LEU A 68 4.34 7.22 3.12
CA LEU A 68 3.53 6.97 4.29
C LEU A 68 4.17 5.88 5.12
N VAL A 69 5.40 5.63 4.82
CA VAL A 69 6.25 4.69 5.53
C VAL A 69 6.47 5.14 7.02
N GLY A 70 5.48 4.85 7.82
CA GLY A 70 5.48 5.19 9.20
C GLY A 70 4.35 6.14 9.54
N VAL A 71 3.14 5.80 9.10
CA VAL A 71 1.95 6.60 9.40
C VAL A 71 0.89 5.70 10.02
N THR A 72 -0.21 6.27 10.38
CA THR A 72 -1.30 5.53 10.96
C THR A 72 -2.26 5.05 9.90
N GLN A 73 -3.24 4.26 10.34
CA GLN A 73 -4.22 3.72 9.44
C GLN A 73 -5.06 4.84 8.83
N ASN A 74 -5.33 5.87 9.64
CA ASN A 74 -6.15 6.96 9.19
C ASN A 74 -5.44 7.79 8.14
N PHE A 75 -4.12 7.86 8.24
CA PHE A 75 -3.34 8.58 7.26
C PHE A 75 -3.35 7.80 5.96
N ALA A 76 -2.95 6.54 6.06
CA ALA A 76 -2.86 5.67 4.90
C ALA A 76 -4.20 5.55 4.17
N ALA A 77 -5.27 5.29 4.91
CA ALA A 77 -6.61 5.13 4.34
C ALA A 77 -7.06 6.39 3.60
N THR A 78 -6.52 7.53 4.00
CA THR A 78 -6.80 8.78 3.35
C THR A 78 -6.03 8.89 2.02
N VAL A 79 -4.77 8.49 2.02
CA VAL A 79 -3.94 8.52 0.82
C VAL A 79 -4.53 7.59 -0.24
N LEU A 80 -4.79 6.35 0.16
CA LEU A 80 -5.35 5.33 -0.75
C LEU A 80 -6.81 5.64 -1.17
N ARG A 81 -7.37 6.70 -0.62
CA ARG A 81 -8.69 7.17 -0.99
C ARG A 81 -8.54 8.28 -2.04
N ASN A 82 -7.53 9.11 -1.82
CA ASN A 82 -7.30 10.34 -2.57
C ASN A 82 -6.42 10.13 -3.79
N THR A 83 -6.14 8.92 -4.09
CA THR A 83 -5.35 8.54 -5.23
C THR A 83 -6.13 8.65 -6.55
N LYS A 84 -5.39 8.84 -7.63
CA LYS A 84 -5.96 8.91 -8.96
C LYS A 84 -5.52 7.68 -9.77
N GLY A 85 -5.79 7.67 -11.08
CA GLY A 85 -5.49 6.52 -11.95
C GLY A 85 -4.07 5.98 -11.85
N ASN A 86 -3.09 6.78 -12.20
CA ASN A 86 -1.69 6.33 -12.14
C ASN A 86 -1.15 6.44 -10.73
N VAL A 87 -1.05 5.32 -10.07
CA VAL A 87 -0.61 5.30 -8.70
C VAL A 87 0.72 4.63 -8.59
N ARG A 88 1.65 5.26 -7.95
CA ARG A 88 2.88 4.59 -7.63
C ARG A 88 2.79 4.02 -6.26
N PHE A 89 2.62 2.74 -6.21
CA PHE A 89 2.64 2.04 -4.98
C PHE A 89 4.03 1.53 -4.78
N VAL A 90 4.80 2.19 -4.01
CA VAL A 90 6.11 1.72 -3.75
C VAL A 90 6.01 0.88 -2.51
N ILE A 91 5.64 -0.31 -2.75
CA ILE A 91 5.44 -1.31 -1.76
C ILE A 91 6.66 -2.19 -1.67
N GLY A 92 6.82 -2.84 -0.58
CA GLY A 92 7.89 -3.71 -0.45
C GLY A 92 7.45 -5.01 0.12
N ARG A 93 8.10 -6.06 -0.28
CA ARG A 93 7.78 -7.37 0.18
C ARG A 93 8.94 -7.94 0.97
N GLU A 94 8.70 -8.24 2.22
CA GLU A 94 9.64 -8.89 3.03
C GLU A 94 9.19 -10.31 3.26
N GLY A 1 15.05 -11.37 6.90
CA GLY A 1 14.27 -11.03 5.70
C GLY A 1 14.51 -9.61 5.28
N HIS A 2 15.30 -9.45 4.25
CA HIS A 2 15.59 -8.13 3.70
C HIS A 2 14.45 -7.73 2.81
N MET A 3 13.73 -6.71 3.23
CA MET A 3 12.58 -6.26 2.48
C MET A 3 12.99 -5.49 1.26
N GLU A 4 12.70 -6.05 0.11
CA GLU A 4 12.99 -5.43 -1.15
C GLU A 4 11.89 -4.46 -1.48
N LEU A 5 12.18 -3.20 -1.45
CA LEU A 5 11.20 -2.19 -1.77
C LEU A 5 11.18 -1.98 -3.25
N PHE A 6 10.02 -2.01 -3.83
CA PHE A 6 9.87 -1.83 -5.23
C PHE A 6 8.66 -0.95 -5.57
N PRO A 7 8.83 -0.09 -6.54
CA PRO A 7 7.76 0.77 -7.01
C PRO A 7 6.85 0.08 -8.01
N VAL A 8 5.60 0.02 -7.70
CA VAL A 8 4.64 -0.53 -8.59
C VAL A 8 3.76 0.57 -9.07
N GLU A 9 3.94 0.98 -10.29
CA GLU A 9 3.06 1.94 -10.85
C GLU A 9 1.89 1.20 -11.42
N LEU A 10 0.81 1.29 -10.73
CA LEU A 10 -0.36 0.59 -11.10
C LEU A 10 -1.19 1.55 -11.89
N GLU A 11 -1.98 1.06 -12.78
CA GLU A 11 -2.84 1.90 -13.53
C GLU A 11 -4.26 1.56 -13.19
N LYS A 12 -4.80 2.24 -12.25
CA LYS A 12 -6.14 2.04 -11.84
C LYS A 12 -7.15 2.79 -12.68
N ASP A 13 -8.36 2.55 -12.35
CA ASP A 13 -9.53 3.11 -12.93
C ASP A 13 -9.88 4.40 -12.24
N GLU A 14 -10.84 5.11 -12.80
CA GLU A 14 -11.23 6.44 -12.31
C GLU A 14 -11.79 6.45 -10.89
N ASP A 15 -12.22 5.29 -10.41
CA ASP A 15 -12.77 5.15 -9.06
C ASP A 15 -11.67 5.35 -8.04
N GLY A 16 -10.50 4.94 -8.41
CA GLY A 16 -9.37 5.06 -7.55
C GLY A 16 -8.83 3.72 -7.28
N LEU A 17 -8.71 3.34 -6.04
CA LEU A 17 -8.21 2.01 -5.75
C LEU A 17 -9.33 1.16 -5.36
N GLY A 18 -10.07 1.62 -4.38
CA GLY A 18 -11.13 0.85 -3.82
C GLY A 18 -10.57 -0.31 -3.02
N ILE A 19 -9.34 -0.15 -2.54
CA ILE A 19 -8.73 -1.21 -1.74
C ILE A 19 -8.81 -0.83 -0.27
N SER A 20 -8.38 -1.70 0.59
CA SER A 20 -8.47 -1.50 2.01
C SER A 20 -7.14 -1.81 2.66
N ILE A 21 -6.85 -1.12 3.73
CA ILE A 21 -5.61 -1.28 4.47
C ILE A 21 -5.93 -1.70 5.87
N ILE A 22 -4.94 -2.14 6.58
CA ILE A 22 -5.14 -2.51 7.95
C ILE A 22 -4.05 -1.91 8.83
N GLY A 23 -4.46 -1.30 9.92
CA GLY A 23 -3.54 -0.65 10.82
C GLY A 23 -3.00 -1.59 11.85
N MET A 24 -1.79 -2.02 11.65
CA MET A 24 -1.10 -2.89 12.58
C MET A 24 0.09 -2.14 13.11
N GLY A 25 0.76 -2.70 14.06
CA GLY A 25 1.93 -2.05 14.60
C GLY A 25 3.16 -2.92 14.53
N VAL A 26 3.82 -2.90 13.41
CA VAL A 26 5.02 -3.67 13.20
C VAL A 26 6.15 -2.70 12.82
N GLY A 27 7.37 -3.08 13.08
CA GLY A 27 8.47 -2.25 12.73
C GLY A 27 9.26 -1.85 13.92
N ALA A 28 8.58 -1.59 15.01
CA ALA A 28 9.24 -1.20 16.25
C ALA A 28 9.89 -2.41 16.86
N ASP A 29 9.28 -3.55 16.61
CA ASP A 29 9.79 -4.85 17.02
C ASP A 29 11.06 -5.14 16.23
N ALA A 30 11.01 -4.78 14.95
CA ALA A 30 12.10 -4.96 14.01
C ALA A 30 13.26 -4.01 14.29
N GLY A 31 12.96 -2.89 14.93
CA GLY A 31 13.98 -1.92 15.26
C GLY A 31 14.14 -0.88 14.16
N LEU A 32 13.27 -0.92 13.17
CA LEU A 32 13.32 0.02 12.07
C LEU A 32 12.27 1.11 12.26
N GLU A 33 11.20 0.72 12.96
CA GLU A 33 10.02 1.57 13.20
C GLU A 33 9.41 2.07 11.90
N LYS A 34 8.51 1.30 11.38
CA LYS A 34 7.86 1.66 10.17
C LYS A 34 6.38 1.56 10.39
N LEU A 35 5.66 1.72 9.35
CA LEU A 35 4.23 1.61 9.35
C LEU A 35 3.84 0.14 9.51
N GLY A 36 2.73 -0.10 10.11
CA GLY A 36 2.22 -1.43 10.16
C GLY A 36 1.00 -1.53 9.32
N ILE A 37 0.93 -0.70 8.32
CA ILE A 37 -0.21 -0.67 7.45
C ILE A 37 -0.06 -1.72 6.37
N PHE A 38 -0.76 -2.78 6.54
CA PHE A 38 -0.77 -3.84 5.57
C PHE A 38 -1.96 -3.67 4.67
N VAL A 39 -2.01 -4.41 3.61
CA VAL A 39 -3.15 -4.38 2.75
C VAL A 39 -4.19 -5.32 3.34
N LYS A 40 -5.38 -4.84 3.49
CA LYS A 40 -6.45 -5.59 4.09
C LYS A 40 -7.26 -6.29 3.02
N THR A 41 -7.58 -5.57 1.99
CA THR A 41 -8.36 -6.11 0.91
C THR A 41 -7.96 -5.32 -0.32
N VAL A 42 -8.25 -5.86 -1.47
CA VAL A 42 -7.98 -5.23 -2.71
C VAL A 42 -9.21 -5.49 -3.53
N THR A 43 -9.63 -4.55 -4.31
CA THR A 43 -10.82 -4.73 -5.07
C THR A 43 -10.50 -5.49 -6.37
N GLU A 44 -11.45 -6.24 -6.83
CA GLU A 44 -11.34 -6.92 -8.10
C GLU A 44 -11.98 -6.01 -9.15
N GLY A 45 -12.79 -5.11 -8.64
CA GLY A 45 -13.49 -4.13 -9.46
C GLY A 45 -12.63 -2.98 -9.89
N GLY A 46 -11.37 -3.23 -9.95
CA GLY A 46 -10.47 -2.30 -10.33
C GLY A 46 -9.26 -2.98 -10.84
N ALA A 47 -8.51 -2.27 -11.59
CA ALA A 47 -7.29 -2.73 -12.28
C ALA A 47 -6.11 -3.06 -11.31
N ALA A 48 -6.42 -3.49 -10.11
CA ALA A 48 -5.40 -3.83 -9.12
C ALA A 48 -5.18 -5.32 -9.13
N GLN A 49 -6.22 -6.06 -8.80
CA GLN A 49 -6.15 -7.51 -8.84
C GLN A 49 -6.24 -7.98 -10.27
N ARG A 50 -6.93 -7.18 -11.06
CA ARG A 50 -7.00 -7.35 -12.49
C ARG A 50 -5.61 -7.19 -13.10
N ASP A 51 -4.79 -6.33 -12.50
CA ASP A 51 -3.40 -6.19 -12.91
C ASP A 51 -2.64 -7.44 -12.50
N GLY A 52 -2.57 -7.66 -11.20
CA GLY A 52 -1.98 -8.87 -10.70
C GLY A 52 -0.62 -8.71 -10.07
N ARG A 53 0.08 -7.61 -10.33
CA ARG A 53 1.43 -7.45 -9.76
C ARG A 53 1.32 -7.03 -8.29
N ILE A 54 0.23 -6.40 -7.97
CA ILE A 54 0.01 -5.94 -6.63
C ILE A 54 -0.80 -7.02 -5.90
N GLN A 55 -0.64 -7.13 -4.60
CA GLN A 55 -1.30 -8.18 -3.87
C GLN A 55 -1.89 -7.66 -2.56
N VAL A 56 -2.75 -8.47 -1.98
CA VAL A 56 -3.40 -8.16 -0.71
C VAL A 56 -2.51 -8.62 0.45
N ASN A 57 -1.50 -9.40 0.11
CA ASN A 57 -0.62 -10.01 1.11
C ASN A 57 0.61 -9.14 1.35
N ASP A 58 0.63 -8.00 0.71
CA ASP A 58 1.76 -7.12 0.82
C ASP A 58 1.49 -5.96 1.75
N GLN A 59 2.43 -5.04 1.83
CA GLN A 59 2.36 -3.92 2.73
C GLN A 59 2.62 -2.62 1.97
N ILE A 60 1.77 -1.62 2.18
CA ILE A 60 1.94 -0.34 1.50
C ILE A 60 3.09 0.42 2.15
N VAL A 61 4.21 0.50 1.50
CA VAL A 61 5.38 1.15 2.07
C VAL A 61 5.38 2.66 1.78
N GLU A 62 5.08 3.03 0.57
CA GLU A 62 5.01 4.42 0.17
C GLU A 62 4.12 4.59 -1.05
N VAL A 63 3.08 5.37 -0.92
CA VAL A 63 2.21 5.65 -2.04
C VAL A 63 2.31 7.12 -2.46
N ASP A 64 2.53 7.30 -3.76
CA ASP A 64 2.55 8.64 -4.46
C ASP A 64 3.75 9.48 -4.00
N GLY A 65 4.61 8.88 -3.22
CA GLY A 65 5.72 9.56 -2.64
C GLY A 65 5.33 10.30 -1.38
N ILE A 66 4.22 9.89 -0.78
CA ILE A 66 3.73 10.53 0.44
C ILE A 66 4.52 10.02 1.65
N SER A 67 5.10 8.83 1.49
CA SER A 67 5.83 8.10 2.53
C SER A 67 5.04 8.01 3.83
N LEU A 68 4.14 7.09 3.89
CA LEU A 68 3.25 6.94 5.02
C LEU A 68 3.89 6.05 6.11
N VAL A 69 5.19 6.11 6.18
CA VAL A 69 5.95 5.34 7.13
C VAL A 69 5.81 5.96 8.51
N GLY A 70 5.00 5.32 9.33
CA GLY A 70 4.79 5.78 10.67
C GLY A 70 3.45 6.48 10.82
N VAL A 71 2.50 6.11 9.98
CA VAL A 71 1.18 6.71 10.08
C VAL A 71 0.17 5.66 10.50
N THR A 72 -1.01 6.10 10.82
CA THR A 72 -2.08 5.26 11.25
C THR A 72 -2.95 4.85 10.10
N GLN A 73 -3.88 3.94 10.38
CA GLN A 73 -4.77 3.44 9.35
C GLN A 73 -5.62 4.55 8.76
N ASN A 74 -5.90 5.59 9.54
CA ASN A 74 -6.75 6.68 9.04
C ASN A 74 -5.99 7.53 8.04
N PHE A 75 -4.68 7.72 8.27
CA PHE A 75 -3.86 8.48 7.35
C PHE A 75 -3.70 7.66 6.09
N ALA A 76 -3.32 6.41 6.27
CA ALA A 76 -3.08 5.52 5.17
C ALA A 76 -4.32 5.34 4.30
N ALA A 77 -5.47 5.11 4.93
CA ALA A 77 -6.72 4.93 4.19
C ALA A 77 -7.04 6.16 3.37
N THR A 78 -6.68 7.32 3.90
CA THR A 78 -6.85 8.57 3.22
C THR A 78 -5.95 8.63 1.95
N VAL A 79 -4.70 8.21 2.08
CA VAL A 79 -3.77 8.19 0.94
C VAL A 79 -4.29 7.26 -0.13
N LEU A 80 -4.58 6.02 0.26
CA LEU A 80 -5.10 4.99 -0.65
C LEU A 80 -6.55 5.32 -1.16
N ARG A 81 -7.09 6.41 -0.67
CA ARG A 81 -8.39 6.93 -1.11
C ARG A 81 -8.19 8.05 -2.12
N ASN A 82 -7.12 8.81 -1.93
CA ASN A 82 -6.82 9.99 -2.74
C ASN A 82 -6.14 9.64 -4.04
N THR A 83 -5.68 8.43 -4.11
CA THR A 83 -4.98 7.92 -5.26
C THR A 83 -5.85 7.94 -6.52
N LYS A 84 -5.19 8.14 -7.62
CA LYS A 84 -5.82 8.19 -8.91
C LYS A 84 -5.38 6.98 -9.74
N GLY A 85 -5.54 7.04 -11.04
CA GLY A 85 -5.14 5.96 -11.93
C GLY A 85 -3.71 5.45 -11.76
N ASN A 86 -2.73 6.20 -12.22
CA ASN A 86 -1.32 5.73 -12.12
C ASN A 86 -0.73 5.99 -10.77
N VAL A 87 -0.69 4.98 -9.96
CA VAL A 87 -0.23 5.09 -8.61
C VAL A 87 1.10 4.43 -8.46
N ARG A 88 2.01 5.07 -7.79
CA ARG A 88 3.26 4.46 -7.45
C ARG A 88 3.17 3.87 -6.07
N PHE A 89 2.99 2.58 -6.04
CA PHE A 89 2.96 1.85 -4.81
C PHE A 89 4.32 1.33 -4.54
N VAL A 90 5.00 1.92 -3.66
CA VAL A 90 6.26 1.39 -3.29
C VAL A 90 5.98 0.43 -2.18
N ILE A 91 5.81 -0.76 -2.54
CA ILE A 91 5.62 -1.84 -1.65
C ILE A 91 6.88 -2.68 -1.63
N GLY A 92 7.11 -3.38 -0.58
CA GLY A 92 8.28 -4.15 -0.50
C GLY A 92 7.99 -5.56 -0.11
N ARG A 93 8.80 -6.45 -0.57
CA ARG A 93 8.61 -7.84 -0.30
C ARG A 93 9.86 -8.43 0.35
N GLU A 94 9.74 -8.87 1.58
CA GLU A 94 10.83 -9.56 2.23
C GLU A 94 10.66 -11.06 2.05
N GLY A 1 13.32 -11.34 5.20
CA GLY A 1 14.68 -11.27 4.66
C GLY A 1 14.96 -9.91 4.08
N HIS A 2 15.27 -9.87 2.80
CA HIS A 2 15.54 -8.64 2.10
C HIS A 2 14.24 -8.09 1.54
N MET A 3 13.79 -6.97 2.08
CA MET A 3 12.59 -6.36 1.59
C MET A 3 12.95 -5.51 0.39
N GLU A 4 12.47 -5.89 -0.74
CA GLU A 4 12.79 -5.18 -1.95
C GLU A 4 11.71 -4.15 -2.19
N LEU A 5 12.06 -2.89 -2.06
CA LEU A 5 11.11 -1.81 -2.25
C LEU A 5 11.05 -1.43 -3.70
N PHE A 6 9.88 -1.44 -4.26
CA PHE A 6 9.71 -1.15 -5.65
C PHE A 6 8.48 -0.30 -5.94
N PRO A 7 8.57 0.56 -6.93
CA PRO A 7 7.46 1.36 -7.37
C PRO A 7 6.54 0.60 -8.32
N VAL A 8 5.30 0.56 -7.98
CA VAL A 8 4.33 -0.03 -8.82
C VAL A 8 3.45 1.06 -9.34
N GLU A 9 3.64 1.46 -10.57
CA GLU A 9 2.77 2.42 -11.17
C GLU A 9 1.58 1.67 -11.66
N LEU A 10 0.48 1.86 -11.01
CA LEU A 10 -0.70 1.18 -11.35
C LEU A 10 -1.57 2.16 -12.07
N GLU A 11 -2.18 1.76 -13.14
CA GLU A 11 -3.15 2.62 -13.76
C GLU A 11 -4.51 2.04 -13.47
N LYS A 12 -5.14 2.57 -12.47
CA LYS A 12 -6.41 2.12 -12.02
C LYS A 12 -7.57 2.69 -12.79
N ASP A 13 -8.70 2.17 -12.46
CA ASP A 13 -9.97 2.48 -13.02
C ASP A 13 -10.59 3.65 -12.29
N GLU A 14 -11.68 4.13 -12.82
CA GLU A 14 -12.35 5.34 -12.34
C GLU A 14 -12.97 5.20 -10.94
N ASP A 15 -13.01 4.00 -10.42
CA ASP A 15 -13.48 3.78 -9.07
C ASP A 15 -12.44 4.28 -8.10
N GLY A 16 -11.20 4.12 -8.50
CA GLY A 16 -10.10 4.50 -7.68
C GLY A 16 -9.30 3.29 -7.45
N LEU A 17 -9.01 2.97 -6.22
CA LEU A 17 -8.32 1.73 -5.96
C LEU A 17 -9.32 0.73 -5.53
N GLY A 18 -10.14 1.14 -4.60
CA GLY A 18 -11.12 0.28 -4.04
C GLY A 18 -10.46 -0.70 -3.12
N ILE A 19 -9.36 -0.29 -2.49
CA ILE A 19 -8.64 -1.19 -1.61
C ILE A 19 -8.78 -0.75 -0.15
N SER A 20 -8.21 -1.50 0.73
CA SER A 20 -8.28 -1.22 2.15
C SER A 20 -6.93 -1.50 2.78
N ILE A 21 -6.64 -0.85 3.88
CA ILE A 21 -5.37 -0.99 4.57
C ILE A 21 -5.61 -1.35 6.01
N ILE A 22 -4.58 -1.78 6.69
CA ILE A 22 -4.72 -2.09 8.07
C ILE A 22 -3.50 -1.62 8.85
N GLY A 23 -3.75 -1.00 9.98
CA GLY A 23 -2.68 -0.50 10.78
C GLY A 23 -2.26 -1.48 11.81
N MET A 24 -1.12 -2.06 11.61
CA MET A 24 -0.56 -3.03 12.53
C MET A 24 0.79 -2.53 12.96
N GLY A 25 0.85 -1.91 14.11
CA GLY A 25 2.09 -1.31 14.57
C GLY A 25 3.18 -2.32 14.86
N VAL A 26 4.08 -2.44 13.93
CA VAL A 26 5.22 -3.34 14.01
C VAL A 26 6.49 -2.46 13.91
N GLY A 27 6.30 -1.26 14.38
CA GLY A 27 7.26 -0.21 14.18
C GLY A 27 8.31 -0.03 15.24
N ALA A 28 8.11 -0.54 16.43
CA ALA A 28 9.08 -0.27 17.47
C ALA A 28 9.53 -1.51 18.21
N ASP A 29 8.68 -1.99 19.08
CA ASP A 29 8.99 -3.14 19.97
C ASP A 29 9.27 -4.41 19.18
N ALA A 30 8.63 -4.52 18.03
CA ALA A 30 8.78 -5.67 17.16
C ALA A 30 10.20 -5.82 16.63
N GLY A 31 10.93 -4.72 16.55
CA GLY A 31 12.31 -4.79 16.10
C GLY A 31 12.47 -4.61 14.59
N LEU A 32 11.37 -4.48 13.91
CA LEU A 32 11.40 -4.30 12.47
C LEU A 32 11.60 -2.84 12.12
N GLU A 33 10.96 -1.98 12.90
CA GLU A 33 11.01 -0.53 12.76
C GLU A 33 10.64 -0.06 11.37
N LYS A 34 9.36 -0.07 11.10
CA LYS A 34 8.82 0.30 9.85
C LYS A 34 7.35 0.57 10.08
N LEU A 35 6.71 1.15 9.11
CA LEU A 35 5.29 1.34 9.11
C LEU A 35 4.60 -0.03 9.21
N GLY A 36 3.44 -0.06 9.79
CA GLY A 36 2.75 -1.31 9.86
C GLY A 36 1.48 -1.28 9.08
N ILE A 37 1.47 -0.56 8.02
CA ILE A 37 0.29 -0.45 7.22
C ILE A 37 0.28 -1.52 6.16
N PHE A 38 -0.42 -2.54 6.43
CA PHE A 38 -0.53 -3.64 5.53
C PHE A 38 -1.74 -3.45 4.66
N VAL A 39 -1.79 -4.15 3.58
CA VAL A 39 -2.95 -4.12 2.75
C VAL A 39 -3.99 -5.03 3.39
N LYS A 40 -5.15 -4.51 3.60
CA LYS A 40 -6.22 -5.23 4.25
C LYS A 40 -7.02 -5.99 3.24
N THR A 41 -7.43 -5.30 2.21
CA THR A 41 -8.23 -5.87 1.18
C THR A 41 -7.93 -5.13 -0.11
N VAL A 42 -8.29 -5.71 -1.19
CA VAL A 42 -8.15 -5.10 -2.48
C VAL A 42 -9.53 -5.20 -3.14
N THR A 43 -9.79 -4.37 -4.14
CA THR A 43 -10.98 -4.46 -4.96
C THR A 43 -11.02 -5.86 -5.61
N GLU A 44 -12.20 -6.28 -6.10
CA GLU A 44 -12.39 -7.61 -6.68
C GLU A 44 -11.37 -7.88 -7.79
N GLY A 45 -11.04 -6.84 -8.53
CA GLY A 45 -10.05 -6.95 -9.55
C GLY A 45 -9.56 -5.59 -9.95
N GLY A 46 -10.50 -4.80 -10.39
CA GLY A 46 -10.31 -3.50 -10.97
C GLY A 46 -9.24 -3.50 -11.99
N ALA A 47 -8.15 -3.04 -11.56
CA ALA A 47 -6.94 -3.06 -12.33
C ALA A 47 -5.78 -3.40 -11.40
N ALA A 48 -6.11 -3.63 -10.13
CA ALA A 48 -5.10 -3.87 -9.11
C ALA A 48 -4.77 -5.33 -9.09
N GLN A 49 -5.78 -6.15 -8.92
CA GLN A 49 -5.52 -7.57 -8.97
C GLN A 49 -5.33 -8.03 -10.40
N ARG A 50 -5.86 -7.26 -11.35
CA ARG A 50 -5.58 -7.51 -12.76
C ARG A 50 -4.13 -7.20 -13.07
N ASP A 51 -3.54 -6.34 -12.25
CA ASP A 51 -2.11 -6.11 -12.31
C ASP A 51 -1.41 -7.35 -11.77
N GLY A 52 -1.61 -7.62 -10.49
CA GLY A 52 -1.09 -8.84 -9.88
C GLY A 52 0.34 -8.71 -9.38
N ARG A 53 0.95 -7.59 -9.64
CA ARG A 53 2.28 -7.31 -9.20
C ARG A 53 2.14 -6.77 -7.78
N ILE A 54 1.05 -6.06 -7.57
CA ILE A 54 0.63 -5.63 -6.26
C ILE A 54 -0.35 -6.70 -5.73
N GLN A 55 -0.31 -6.99 -4.46
CA GLN A 55 -1.19 -7.99 -3.89
C GLN A 55 -1.75 -7.55 -2.51
N VAL A 56 -2.61 -8.37 -1.89
CA VAL A 56 -3.24 -8.01 -0.61
C VAL A 56 -2.33 -8.35 0.56
N ASN A 57 -1.33 -9.16 0.31
CA ASN A 57 -0.43 -9.61 1.37
C ASN A 57 0.74 -8.65 1.49
N ASP A 58 0.63 -7.57 0.77
CA ASP A 58 1.64 -6.57 0.67
C ASP A 58 1.49 -5.53 1.76
N GLN A 59 2.31 -4.53 1.69
CA GLN A 59 2.34 -3.46 2.63
C GLN A 59 2.60 -2.17 1.90
N ILE A 60 1.77 -1.17 2.15
CA ILE A 60 1.91 0.11 1.49
C ILE A 60 3.05 0.87 2.14
N VAL A 61 4.16 0.94 1.48
CA VAL A 61 5.32 1.60 2.04
C VAL A 61 5.24 3.10 1.78
N GLU A 62 4.98 3.42 0.55
CA GLU A 62 4.84 4.76 0.12
C GLU A 62 3.89 4.81 -1.06
N VAL A 63 2.98 5.75 -1.03
CA VAL A 63 2.11 5.98 -2.15
C VAL A 63 2.27 7.39 -2.63
N ASP A 64 2.51 7.53 -3.92
CA ASP A 64 2.63 8.83 -4.64
C ASP A 64 3.93 9.59 -4.31
N GLY A 65 4.59 9.12 -3.33
CA GLY A 65 5.75 9.78 -2.83
C GLY A 65 5.42 10.56 -1.59
N ILE A 66 4.26 10.25 -1.00
CA ILE A 66 3.79 10.92 0.20
C ILE A 66 4.62 10.46 1.41
N SER A 67 5.24 9.30 1.25
CA SER A 67 6.01 8.59 2.26
C SER A 67 5.23 8.47 3.58
N LEU A 68 4.46 7.44 3.69
CA LEU A 68 3.61 7.21 4.84
C LEU A 68 4.30 6.26 5.80
N VAL A 69 5.58 6.17 5.64
CA VAL A 69 6.46 5.40 6.50
C VAL A 69 6.34 5.86 7.96
N GLY A 70 5.49 5.19 8.70
CA GLY A 70 5.34 5.45 10.11
C GLY A 70 4.03 6.15 10.43
N VAL A 71 3.02 5.94 9.61
CA VAL A 71 1.72 6.59 9.84
C VAL A 71 0.68 5.62 10.38
N THR A 72 -0.48 6.15 10.68
CA THR A 72 -1.59 5.39 11.18
C THR A 72 -2.49 4.96 10.05
N GLN A 73 -3.47 4.13 10.36
CA GLN A 73 -4.38 3.64 9.35
C GLN A 73 -5.23 4.78 8.79
N ASN A 74 -5.51 5.78 9.61
CA ASN A 74 -6.35 6.89 9.18
C ASN A 74 -5.60 7.79 8.23
N PHE A 75 -4.28 7.82 8.33
CA PHE A 75 -3.47 8.59 7.40
C PHE A 75 -3.43 7.84 6.09
N ALA A 76 -3.03 6.59 6.19
CA ALA A 76 -2.87 5.72 5.04
C ALA A 76 -4.15 5.61 4.23
N ALA A 77 -5.26 5.32 4.90
CA ALA A 77 -6.57 5.18 4.24
C ALA A 77 -6.90 6.44 3.44
N THR A 78 -6.52 7.59 3.98
CA THR A 78 -6.72 8.86 3.33
C THR A 78 -5.87 8.95 2.05
N VAL A 79 -4.62 8.54 2.12
CA VAL A 79 -3.73 8.56 0.95
C VAL A 79 -4.28 7.66 -0.13
N LEU A 80 -4.59 6.43 0.24
CA LEU A 80 -5.14 5.45 -0.69
C LEU A 80 -6.52 5.89 -1.22
N ARG A 81 -7.17 6.78 -0.50
CA ARG A 81 -8.46 7.33 -0.92
C ARG A 81 -8.27 8.56 -1.84
N ASN A 82 -7.14 9.21 -1.71
CA ASN A 82 -6.85 10.42 -2.52
C ASN A 82 -6.18 10.09 -3.82
N THR A 83 -6.04 8.84 -4.07
CA THR A 83 -5.46 8.36 -5.30
C THR A 83 -6.44 8.52 -6.50
N LYS A 84 -5.98 8.07 -7.63
CA LYS A 84 -6.69 8.12 -8.88
C LYS A 84 -6.05 7.08 -9.79
N GLY A 85 -6.33 7.14 -11.09
CA GLY A 85 -5.80 6.20 -12.08
C GLY A 85 -4.33 5.82 -11.88
N ASN A 86 -3.42 6.67 -12.26
CA ASN A 86 -2.00 6.34 -12.13
C ASN A 86 -1.50 6.58 -10.73
N VAL A 87 -1.12 5.51 -10.06
CA VAL A 87 -0.65 5.58 -8.70
C VAL A 87 0.71 4.95 -8.61
N ARG A 88 1.57 5.55 -7.85
CA ARG A 88 2.83 4.94 -7.54
C ARG A 88 2.81 4.30 -6.19
N PHE A 89 2.65 3.01 -6.18
CA PHE A 89 2.69 2.24 -4.97
C PHE A 89 4.08 1.76 -4.76
N VAL A 90 4.79 2.34 -3.87
CA VAL A 90 6.11 1.90 -3.62
C VAL A 90 6.01 0.97 -2.45
N ILE A 91 5.75 -0.24 -2.78
CA ILE A 91 5.62 -1.33 -1.87
C ILE A 91 6.86 -2.21 -1.94
N GLY A 92 7.09 -3.00 -0.94
CA GLY A 92 8.19 -3.88 -0.98
C GLY A 92 7.74 -5.30 -0.82
N ARG A 93 8.49 -6.21 -1.37
CA ARG A 93 8.11 -7.62 -1.34
C ARG A 93 8.76 -8.37 -0.20
N GLU A 94 7.92 -8.98 0.61
CA GLU A 94 8.34 -9.87 1.66
C GLU A 94 7.50 -11.12 1.54
N GLY A 1 15.31 -10.69 7.04
CA GLY A 1 14.29 -9.66 6.93
C GLY A 1 14.80 -8.44 6.21
N HIS A 2 15.12 -8.60 4.95
CA HIS A 2 15.55 -7.50 4.12
C HIS A 2 14.37 -7.16 3.27
N MET A 3 14.11 -5.91 3.08
CA MET A 3 12.94 -5.54 2.34
C MET A 3 13.36 -4.76 1.12
N GLU A 4 13.05 -5.29 -0.02
CA GLU A 4 13.35 -4.64 -1.27
C GLU A 4 12.18 -3.79 -1.67
N LEU A 5 12.33 -2.49 -1.59
CA LEU A 5 11.25 -1.58 -1.89
C LEU A 5 11.22 -1.29 -3.36
N PHE A 6 10.10 -1.54 -3.96
CA PHE A 6 9.93 -1.31 -5.36
C PHE A 6 8.64 -0.59 -5.66
N PRO A 7 8.65 0.27 -6.64
CA PRO A 7 7.48 0.99 -7.04
C PRO A 7 6.58 0.17 -7.94
N VAL A 8 5.37 0.07 -7.56
CA VAL A 8 4.38 -0.55 -8.36
C VAL A 8 3.50 0.55 -8.90
N GLU A 9 3.73 0.94 -10.12
CA GLU A 9 2.96 1.98 -10.71
C GLU A 9 1.75 1.37 -11.39
N LEU A 10 0.63 1.51 -10.74
CA LEU A 10 -0.57 0.88 -11.16
C LEU A 10 -1.41 1.90 -11.90
N GLU A 11 -2.01 1.51 -13.00
CA GLU A 11 -2.96 2.37 -13.66
C GLU A 11 -4.34 1.86 -13.26
N LYS A 12 -4.95 2.59 -12.38
CA LYS A 12 -6.23 2.22 -11.83
C LYS A 12 -7.40 2.91 -12.47
N ASP A 13 -8.56 2.46 -12.04
CA ASP A 13 -9.87 2.91 -12.44
C ASP A 13 -10.03 4.37 -12.04
N GLU A 14 -11.06 5.03 -12.55
CA GLU A 14 -11.35 6.42 -12.18
C GLU A 14 -11.71 6.49 -10.69
N ASP A 15 -12.18 5.36 -10.19
CA ASP A 15 -12.56 5.17 -8.81
C ASP A 15 -11.37 5.44 -7.91
N GLY A 16 -10.26 4.89 -8.28
CA GLY A 16 -9.09 5.00 -7.48
C GLY A 16 -8.61 3.64 -7.21
N LEU A 17 -8.56 3.24 -5.97
CA LEU A 17 -8.08 1.91 -5.66
C LEU A 17 -9.21 1.03 -5.30
N GLY A 18 -10.01 1.50 -4.38
CA GLY A 18 -11.07 0.71 -3.84
C GLY A 18 -10.52 -0.38 -2.97
N ILE A 19 -9.37 -0.11 -2.34
CA ILE A 19 -8.79 -1.11 -1.46
C ILE A 19 -8.96 -0.70 -0.02
N SER A 20 -8.62 -1.59 0.87
CA SER A 20 -8.76 -1.38 2.28
C SER A 20 -7.42 -1.58 2.96
N ILE A 21 -7.20 -0.89 4.05
CA ILE A 21 -5.93 -0.97 4.78
C ILE A 21 -6.19 -1.34 6.21
N ILE A 22 -5.20 -1.82 6.88
CA ILE A 22 -5.36 -2.14 8.27
C ILE A 22 -4.19 -1.58 9.05
N GLY A 23 -4.49 -0.82 10.07
CA GLY A 23 -3.47 -0.17 10.83
C GLY A 23 -2.99 -1.01 11.97
N MET A 24 -1.91 -1.70 11.74
CA MET A 24 -1.33 -2.57 12.72
C MET A 24 0.00 -2.02 13.10
N GLY A 25 -0.02 -0.98 13.92
CA GLY A 25 1.17 -0.28 14.32
C GLY A 25 2.26 -1.20 14.81
N VAL A 26 3.29 -1.32 14.02
CA VAL A 26 4.41 -2.16 14.33
C VAL A 26 5.62 -1.25 14.53
N GLY A 27 6.43 -1.55 15.50
CA GLY A 27 7.59 -0.76 15.75
C GLY A 27 8.80 -1.39 15.16
N ALA A 28 9.60 -1.97 15.99
CA ALA A 28 10.82 -2.64 15.55
C ALA A 28 10.62 -4.13 15.54
N ASP A 29 9.39 -4.51 15.76
CA ASP A 29 8.97 -5.89 15.97
C ASP A 29 9.31 -6.77 14.77
N ALA A 30 9.30 -6.20 13.59
CA ALA A 30 9.55 -6.96 12.38
C ALA A 30 10.95 -6.68 11.84
N GLY A 31 11.69 -5.85 12.56
CA GLY A 31 13.07 -5.55 12.20
C GLY A 31 13.24 -4.41 11.20
N LEU A 32 12.20 -4.09 10.46
CA LEU A 32 12.31 -3.06 9.43
C LEU A 32 12.10 -1.67 9.98
N GLU A 33 11.18 -1.54 10.92
CA GLU A 33 10.82 -0.26 11.56
C GLU A 33 10.18 0.71 10.57
N LYS A 34 8.87 0.67 10.47
CA LYS A 34 8.13 1.56 9.63
C LYS A 34 6.70 1.57 10.09
N LEU A 35 5.83 2.09 9.26
CA LEU A 35 4.39 2.09 9.49
C LEU A 35 3.90 0.64 9.66
N GLY A 36 2.76 0.49 10.27
CA GLY A 36 2.19 -0.82 10.39
C GLY A 36 0.95 -0.96 9.56
N ILE A 37 0.90 -0.26 8.47
CA ILE A 37 -0.27 -0.29 7.65
C ILE A 37 -0.16 -1.38 6.60
N PHE A 38 -0.97 -2.36 6.74
CA PHE A 38 -1.00 -3.46 5.84
C PHE A 38 -2.19 -3.36 4.94
N VAL A 39 -2.13 -4.04 3.84
CA VAL A 39 -3.25 -4.07 2.94
C VAL A 39 -4.29 -4.99 3.57
N LYS A 40 -5.45 -4.47 3.79
CA LYS A 40 -6.48 -5.22 4.42
C LYS A 40 -7.26 -6.02 3.40
N THR A 41 -7.64 -5.37 2.35
CA THR A 41 -8.40 -6.00 1.32
C THR A 41 -8.08 -5.26 0.04
N VAL A 42 -8.37 -5.84 -1.08
CA VAL A 42 -8.16 -5.18 -2.33
C VAL A 42 -9.47 -5.34 -3.12
N THR A 43 -9.74 -4.40 -3.99
CA THR A 43 -10.90 -4.46 -4.85
C THR A 43 -10.79 -5.72 -5.74
N GLU A 44 -11.94 -6.25 -6.12
CA GLU A 44 -12.07 -7.54 -6.81
C GLU A 44 -11.10 -7.71 -7.99
N GLY A 45 -11.21 -6.86 -8.97
CA GLY A 45 -10.32 -6.99 -10.07
C GLY A 45 -10.64 -6.08 -11.21
N GLY A 46 -10.66 -4.80 -10.97
CA GLY A 46 -10.84 -3.87 -12.06
C GLY A 46 -9.50 -3.48 -12.67
N ALA A 47 -8.47 -3.45 -11.83
CA ALA A 47 -7.13 -3.08 -12.26
C ALA A 47 -6.04 -3.53 -11.25
N ALA A 48 -6.30 -3.39 -9.92
CA ALA A 48 -5.23 -3.73 -8.90
C ALA A 48 -4.93 -5.19 -8.93
N GLN A 49 -5.95 -5.97 -8.68
CA GLN A 49 -5.82 -7.40 -8.73
C GLN A 49 -5.81 -7.95 -10.15
N ARG A 50 -5.80 -7.04 -11.11
CA ARG A 50 -5.62 -7.43 -12.47
C ARG A 50 -4.18 -7.29 -12.82
N ASP A 51 -3.50 -6.38 -12.12
CA ASP A 51 -2.06 -6.25 -12.27
C ASP A 51 -1.39 -7.51 -11.72
N GLY A 52 -1.96 -8.03 -10.64
CA GLY A 52 -1.55 -9.32 -10.10
C GLY A 52 -0.39 -9.24 -9.13
N ARG A 53 0.46 -8.28 -9.37
CA ARG A 53 1.68 -8.05 -8.62
C ARG A 53 1.39 -7.75 -7.17
N ILE A 54 0.56 -6.76 -6.97
CA ILE A 54 0.22 -6.29 -5.65
C ILE A 54 -0.93 -7.14 -5.11
N GLN A 55 -0.89 -7.45 -3.83
CA GLN A 55 -1.96 -8.24 -3.26
C GLN A 55 -2.30 -7.79 -1.84
N VAL A 56 -3.28 -8.48 -1.24
CA VAL A 56 -3.74 -8.24 0.13
C VAL A 56 -2.62 -8.50 1.13
N ASN A 57 -1.76 -9.42 0.79
CA ASN A 57 -0.70 -9.84 1.68
C ASN A 57 0.53 -8.94 1.64
N ASP A 58 0.36 -7.74 1.13
CA ASP A 58 1.47 -6.81 1.11
C ASP A 58 1.33 -5.75 2.16
N GLN A 59 2.33 -4.93 2.25
CA GLN A 59 2.34 -3.83 3.15
C GLN A 59 2.68 -2.57 2.36
N ILE A 60 1.96 -1.52 2.64
CA ILE A 60 2.20 -0.26 1.99
C ILE A 60 3.45 0.35 2.60
N VAL A 61 4.26 0.95 1.80
CA VAL A 61 5.45 1.60 2.30
C VAL A 61 5.40 3.10 1.96
N GLU A 62 5.21 3.39 0.70
CA GLU A 62 5.19 4.75 0.22
C GLU A 62 4.30 4.83 -1.01
N VAL A 63 3.11 5.34 -0.85
CA VAL A 63 2.22 5.47 -1.96
C VAL A 63 2.27 6.85 -2.55
N ASP A 64 2.47 6.90 -3.87
CA ASP A 64 2.43 8.12 -4.68
C ASP A 64 3.51 9.12 -4.24
N GLY A 65 4.50 8.60 -3.53
CA GLY A 65 5.57 9.41 -3.01
C GLY A 65 5.15 10.23 -1.82
N ILE A 66 4.06 9.85 -1.18
CA ILE A 66 3.56 10.59 -0.04
C ILE A 66 4.35 10.22 1.23
N SER A 67 5.09 9.09 1.13
CA SER A 67 5.89 8.50 2.20
C SER A 67 5.12 8.44 3.53
N LEU A 68 4.28 7.45 3.67
CA LEU A 68 3.42 7.35 4.84
C LEU A 68 4.08 6.53 5.95
N VAL A 69 5.36 6.41 5.85
CA VAL A 69 6.17 5.80 6.87
C VAL A 69 5.99 6.55 8.19
N GLY A 70 5.25 5.95 9.09
CA GLY A 70 5.03 6.56 10.38
C GLY A 70 3.66 7.22 10.48
N VAL A 71 2.68 6.71 9.75
CA VAL A 71 1.34 7.25 9.85
C VAL A 71 0.39 6.22 10.45
N THR A 72 -0.83 6.62 10.65
CA THR A 72 -1.87 5.78 11.17
C THR A 72 -2.82 5.37 10.05
N GLN A 73 -3.74 4.48 10.39
CA GLN A 73 -4.69 3.92 9.43
C GLN A 73 -5.53 5.02 8.79
N ASN A 74 -5.81 6.03 9.57
CA ASN A 74 -6.60 7.18 9.14
C ASN A 74 -5.90 7.99 8.06
N PHE A 75 -4.58 8.03 8.11
CA PHE A 75 -3.82 8.73 7.09
C PHE A 75 -3.75 7.85 5.87
N ALA A 76 -3.36 6.61 6.10
CA ALA A 76 -3.19 5.65 5.01
C ALA A 76 -4.49 5.42 4.24
N ALA A 77 -5.61 5.28 4.95
CA ALA A 77 -6.91 5.07 4.31
C ALA A 77 -7.31 6.26 3.47
N THR A 78 -6.73 7.39 3.78
CA THR A 78 -6.94 8.59 3.05
C THR A 78 -6.08 8.62 1.77
N VAL A 79 -4.80 8.27 1.90
CA VAL A 79 -3.90 8.23 0.74
C VAL A 79 -4.40 7.20 -0.25
N LEU A 80 -4.62 5.99 0.25
CA LEU A 80 -5.08 4.85 -0.56
C LEU A 80 -6.55 5.01 -1.02
N ARG A 81 -7.10 6.17 -0.76
CA ARG A 81 -8.42 6.54 -1.23
C ARG A 81 -8.25 7.60 -2.30
N ASN A 82 -7.43 8.58 -1.97
CA ASN A 82 -7.24 9.76 -2.77
C ASN A 82 -6.33 9.58 -3.96
N THR A 83 -5.65 8.45 -4.02
CA THR A 83 -4.79 8.14 -5.14
C THR A 83 -5.59 8.03 -6.42
N LYS A 84 -5.06 8.57 -7.48
CA LYS A 84 -5.77 8.59 -8.74
C LYS A 84 -4.97 8.12 -9.89
N GLY A 85 -5.63 7.25 -10.65
CA GLY A 85 -5.16 6.60 -11.86
C GLY A 85 -3.83 5.97 -11.75
N ASN A 86 -2.86 6.77 -11.73
CA ASN A 86 -1.49 6.34 -11.80
C ASN A 86 -0.88 6.39 -10.45
N VAL A 87 -0.82 5.25 -9.82
CA VAL A 87 -0.41 5.16 -8.46
C VAL A 87 0.88 4.43 -8.32
N ARG A 88 1.82 5.02 -7.65
CA ARG A 88 3.08 4.37 -7.39
C ARG A 88 3.08 3.83 -6.00
N PHE A 89 2.80 2.57 -5.90
CA PHE A 89 2.82 1.91 -4.64
C PHE A 89 4.20 1.42 -4.40
N VAL A 90 4.94 2.11 -3.61
CA VAL A 90 6.24 1.63 -3.30
C VAL A 90 6.06 0.69 -2.13
N ILE A 91 5.93 -0.54 -2.46
CA ILE A 91 5.83 -1.61 -1.54
C ILE A 91 7.08 -2.46 -1.66
N GLY A 92 7.38 -3.21 -0.67
CA GLY A 92 8.55 -3.99 -0.73
C GLY A 92 8.28 -5.45 -0.59
N ARG A 93 9.26 -6.25 -0.89
CA ARG A 93 9.18 -7.69 -0.74
C ARG A 93 10.16 -8.08 0.34
N GLU A 94 9.68 -8.82 1.30
CA GLU A 94 10.50 -9.31 2.37
C GLU A 94 10.81 -10.76 2.12
N GLY A 1 17.18 -11.44 6.52
CA GLY A 1 16.19 -10.92 5.60
C GLY A 1 16.27 -9.43 5.54
N HIS A 2 15.48 -8.84 4.69
CA HIS A 2 15.47 -7.41 4.49
C HIS A 2 14.16 -7.04 3.83
N MET A 3 13.90 -5.77 3.68
CA MET A 3 12.71 -5.32 3.03
C MET A 3 13.11 -4.54 1.80
N GLU A 4 12.72 -5.02 0.64
CA GLU A 4 13.04 -4.36 -0.60
C GLU A 4 11.92 -3.41 -0.93
N LEU A 5 12.20 -2.15 -0.91
CA LEU A 5 11.20 -1.15 -1.20
C LEU A 5 11.15 -0.89 -2.70
N PHE A 6 10.03 -1.18 -3.29
CA PHE A 6 9.90 -1.04 -4.70
C PHE A 6 8.62 -0.29 -5.11
N PRO A 7 8.74 0.56 -6.12
CA PRO A 7 7.60 1.29 -6.65
C PRO A 7 6.74 0.41 -7.55
N VAL A 8 5.50 0.33 -7.23
CA VAL A 8 4.56 -0.38 -8.05
C VAL A 8 3.63 0.62 -8.66
N GLU A 9 3.91 1.00 -9.87
CA GLU A 9 3.08 1.93 -10.56
C GLU A 9 1.89 1.17 -11.10
N LEU A 10 0.79 1.34 -10.45
CA LEU A 10 -0.40 0.65 -10.82
C LEU A 10 -1.20 1.62 -11.64
N GLU A 11 -1.85 1.15 -12.66
CA GLU A 11 -2.74 1.99 -13.36
C GLU A 11 -4.16 1.49 -13.16
N LYS A 12 -4.73 1.91 -12.07
CA LYS A 12 -6.03 1.55 -11.67
C LYS A 12 -7.13 2.11 -12.56
N ASP A 13 -8.32 1.59 -12.34
CA ASP A 13 -9.52 1.92 -13.05
C ASP A 13 -9.88 3.35 -12.70
N GLU A 14 -10.75 3.96 -13.46
CA GLU A 14 -11.11 5.36 -13.24
C GLU A 14 -11.92 5.54 -11.94
N ASP A 15 -12.38 4.43 -11.40
CA ASP A 15 -13.07 4.40 -10.13
C ASP A 15 -12.11 4.73 -9.00
N GLY A 16 -10.94 4.14 -9.08
CA GLY A 16 -9.96 4.30 -8.05
C GLY A 16 -9.42 2.96 -7.68
N LEU A 17 -8.96 2.79 -6.47
CA LEU A 17 -8.36 1.54 -6.08
C LEU A 17 -9.41 0.62 -5.55
N GLY A 18 -10.20 1.16 -4.65
CA GLY A 18 -11.18 0.38 -3.96
C GLY A 18 -10.53 -0.54 -2.96
N ILE A 19 -9.34 -0.19 -2.50
CA ILE A 19 -8.65 -1.03 -1.54
C ILE A 19 -8.80 -0.44 -0.14
N SER A 20 -8.26 -1.10 0.84
CA SER A 20 -8.36 -0.65 2.21
C SER A 20 -7.08 -0.99 2.94
N ILE A 21 -6.81 -0.28 4.00
CA ILE A 21 -5.59 -0.44 4.76
C ILE A 21 -5.89 -0.90 6.17
N ILE A 22 -4.92 -1.41 6.84
CA ILE A 22 -5.06 -1.77 8.21
C ILE A 22 -3.89 -1.24 9.01
N GLY A 23 -4.20 -0.50 10.03
CA GLY A 23 -3.19 0.08 10.84
C GLY A 23 -2.78 -0.82 11.94
N MET A 24 -1.68 -1.45 11.76
CA MET A 24 -1.10 -2.33 12.76
C MET A 24 0.09 -1.62 13.32
N GLY A 25 0.58 -2.08 14.42
CA GLY A 25 1.72 -1.42 14.99
C GLY A 25 2.88 -2.33 15.10
N VAL A 26 3.74 -2.31 14.11
CA VAL A 26 4.92 -3.14 14.13
C VAL A 26 6.08 -2.35 14.72
N GLY A 27 6.51 -2.78 15.87
CA GLY A 27 7.62 -2.15 16.53
C GLY A 27 8.93 -2.69 16.04
N ALA A 28 9.34 -3.81 16.58
CA ALA A 28 10.58 -4.44 16.22
C ALA A 28 10.45 -5.92 16.35
N ASP A 29 10.34 -6.59 15.21
CA ASP A 29 10.16 -8.05 15.20
C ASP A 29 10.21 -8.61 13.81
N ALA A 30 9.57 -7.93 12.89
CA ALA A 30 9.36 -8.47 11.56
C ALA A 30 10.49 -8.16 10.58
N GLY A 31 11.27 -7.16 10.84
CA GLY A 31 12.32 -6.77 9.90
C GLY A 31 11.90 -5.56 9.13
N LEU A 32 10.65 -5.19 9.32
CA LEU A 32 10.05 -4.05 8.68
C LEU A 32 10.33 -2.81 9.51
N GLU A 33 10.07 -2.92 10.82
CA GLU A 33 10.34 -1.87 11.82
C GLU A 33 9.99 -0.46 11.36
N LYS A 34 8.79 -0.32 10.88
CA LYS A 34 8.28 0.92 10.37
C LYS A 34 6.78 0.91 10.58
N LEU A 35 6.09 1.67 9.78
CA LEU A 35 4.63 1.72 9.75
C LEU A 35 4.04 0.30 9.72
N GLY A 36 2.93 0.12 10.36
CA GLY A 36 2.28 -1.16 10.32
C GLY A 36 1.06 -1.12 9.46
N ILE A 37 1.08 -0.27 8.47
CA ILE A 37 -0.06 -0.14 7.58
C ILE A 37 -0.01 -1.21 6.52
N PHE A 38 -0.77 -2.22 6.71
CA PHE A 38 -0.84 -3.30 5.78
C PHE A 38 -2.05 -3.13 4.90
N VAL A 39 -2.11 -3.88 3.85
CA VAL A 39 -3.24 -3.84 2.96
C VAL A 39 -4.34 -4.73 3.53
N LYS A 40 -5.42 -4.11 3.94
CA LYS A 40 -6.53 -4.77 4.57
C LYS A 40 -7.36 -5.52 3.54
N THR A 41 -7.65 -4.86 2.46
CA THR A 41 -8.50 -5.40 1.44
C THR A 41 -8.09 -4.78 0.13
N VAL A 42 -8.50 -5.37 -0.93
CA VAL A 42 -8.24 -4.90 -2.25
C VAL A 42 -9.54 -4.98 -3.04
N THR A 43 -9.64 -4.19 -4.12
CA THR A 43 -10.72 -4.27 -5.08
C THR A 43 -10.88 -5.75 -5.51
N GLU A 44 -12.09 -6.15 -5.75
CA GLU A 44 -12.42 -7.53 -6.05
C GLU A 44 -11.67 -8.07 -7.27
N GLY A 45 -11.52 -7.24 -8.28
CA GLY A 45 -10.79 -7.65 -9.44
C GLY A 45 -10.64 -6.57 -10.42
N GLY A 46 -10.31 -5.40 -9.92
CA GLY A 46 -10.02 -4.35 -10.75
C GLY A 46 -8.57 -4.38 -11.06
N ALA A 47 -8.08 -3.34 -11.60
CA ALA A 47 -6.71 -3.26 -12.12
C ALA A 47 -5.60 -3.62 -11.10
N ALA A 48 -5.93 -3.61 -9.80
CA ALA A 48 -4.95 -3.92 -8.76
C ALA A 48 -4.69 -5.41 -8.75
N GLN A 49 -5.74 -6.20 -8.54
CA GLN A 49 -5.58 -7.64 -8.62
C GLN A 49 -5.34 -8.11 -10.07
N ARG A 50 -5.78 -7.33 -11.04
CA ARG A 50 -5.49 -7.61 -12.44
C ARG A 50 -4.01 -7.47 -12.70
N ASP A 51 -3.39 -6.47 -12.04
CA ASP A 51 -1.94 -6.26 -12.17
C ASP A 51 -1.20 -7.52 -11.79
N GLY A 52 -1.39 -7.94 -10.56
CA GLY A 52 -0.82 -9.19 -10.14
C GLY A 52 0.36 -9.06 -9.21
N ARG A 53 1.01 -7.91 -9.21
CA ARG A 53 2.14 -7.71 -8.32
C ARG A 53 1.61 -7.46 -6.95
N ILE A 54 0.85 -6.39 -6.83
CA ILE A 54 0.32 -5.95 -5.55
C ILE A 54 -0.71 -6.95 -5.02
N GLN A 55 -0.68 -7.19 -3.74
CA GLN A 55 -1.61 -8.09 -3.14
C GLN A 55 -2.15 -7.56 -1.84
N VAL A 56 -3.12 -8.28 -1.28
CA VAL A 56 -3.80 -7.91 -0.04
C VAL A 56 -2.94 -8.37 1.19
N ASN A 57 -1.67 -8.51 0.98
CA ASN A 57 -0.79 -8.96 2.05
C ASN A 57 0.47 -8.09 2.05
N ASP A 58 0.38 -6.99 1.34
CA ASP A 58 1.49 -6.05 1.24
C ASP A 58 1.38 -4.98 2.31
N GLN A 59 2.30 -4.05 2.27
CA GLN A 59 2.35 -2.94 3.18
C GLN A 59 2.61 -1.66 2.41
N ILE A 60 1.75 -0.67 2.56
CA ILE A 60 1.88 0.58 1.82
C ILE A 60 2.96 1.44 2.44
N VAL A 61 4.03 1.67 1.73
CA VAL A 61 5.14 2.44 2.27
C VAL A 61 5.06 3.92 1.80
N GLU A 62 4.88 4.12 0.53
CA GLU A 62 4.80 5.44 -0.06
C GLU A 62 3.88 5.40 -1.27
N VAL A 63 2.78 6.10 -1.21
CA VAL A 63 1.92 6.16 -2.35
C VAL A 63 1.95 7.53 -2.98
N ASP A 64 2.23 7.55 -4.29
CA ASP A 64 2.19 8.77 -5.15
C ASP A 64 3.34 9.73 -4.82
N GLY A 65 4.15 9.35 -3.89
CA GLY A 65 5.21 10.18 -3.43
C GLY A 65 4.81 10.94 -2.19
N ILE A 66 3.74 10.50 -1.53
CA ILE A 66 3.30 11.16 -0.32
C ILE A 66 4.25 10.83 0.85
N SER A 67 4.78 9.59 0.81
CA SER A 67 5.65 9.02 1.84
C SER A 67 4.91 9.01 3.19
N LEU A 68 4.28 7.91 3.47
CA LEU A 68 3.46 7.80 4.66
C LEU A 68 4.16 6.96 5.70
N VAL A 69 5.44 6.89 5.54
CA VAL A 69 6.31 6.16 6.44
C VAL A 69 6.17 6.64 7.91
N GLY A 70 5.36 5.92 8.66
CA GLY A 70 5.18 6.19 10.07
C GLY A 70 3.85 6.80 10.43
N VAL A 71 2.95 6.89 9.46
CA VAL A 71 1.64 7.51 9.70
C VAL A 71 0.65 6.53 10.32
N THR A 72 -0.56 6.98 10.51
CA THR A 72 -1.63 6.18 11.02
C THR A 72 -2.47 5.68 9.89
N GLN A 73 -3.39 4.84 10.24
CA GLN A 73 -4.31 4.26 9.32
C GLN A 73 -5.17 5.32 8.64
N ASN A 74 -5.51 6.36 9.37
CA ASN A 74 -6.35 7.40 8.82
C ASN A 74 -5.61 8.22 7.79
N PHE A 75 -4.31 8.39 7.97
CA PHE A 75 -3.52 9.10 6.99
C PHE A 75 -3.42 8.23 5.75
N ALA A 76 -3.10 6.97 5.96
CA ALA A 76 -2.98 6.02 4.88
C ALA A 76 -4.31 5.87 4.14
N ALA A 77 -5.40 5.79 4.88
CA ALA A 77 -6.73 5.71 4.28
C ALA A 77 -6.98 6.93 3.42
N THR A 78 -6.50 8.08 3.89
CA THR A 78 -6.63 9.31 3.18
C THR A 78 -5.84 9.27 1.85
N VAL A 79 -4.55 8.89 1.90
CA VAL A 79 -3.76 8.80 0.69
C VAL A 79 -4.28 7.73 -0.29
N LEU A 80 -4.61 6.55 0.22
CA LEU A 80 -5.12 5.46 -0.63
C LEU A 80 -6.49 5.76 -1.21
N ARG A 81 -7.24 6.61 -0.55
CA ARG A 81 -8.54 7.03 -1.03
C ARG A 81 -8.43 8.22 -1.99
N ASN A 82 -7.36 8.98 -1.88
CA ASN A 82 -7.12 10.15 -2.76
C ASN A 82 -6.44 9.78 -4.03
N THR A 83 -6.26 8.52 -4.24
CA THR A 83 -5.61 8.00 -5.41
C THR A 83 -6.47 8.17 -6.67
N LYS A 84 -5.91 7.76 -7.76
CA LYS A 84 -6.50 7.81 -9.07
C LYS A 84 -5.92 6.68 -9.90
N GLY A 85 -5.99 6.78 -11.22
CA GLY A 85 -5.48 5.72 -12.09
C GLY A 85 -4.02 5.37 -11.86
N ASN A 86 -3.12 6.20 -12.33
CA ASN A 86 -1.69 5.93 -12.20
C ASN A 86 -1.21 6.26 -10.81
N VAL A 87 -0.84 5.24 -10.08
CA VAL A 87 -0.40 5.38 -8.73
C VAL A 87 0.88 4.62 -8.48
N ARG A 88 1.90 5.27 -7.94
CA ARG A 88 3.08 4.55 -7.54
C ARG A 88 2.94 4.10 -6.12
N PHE A 89 2.75 2.83 -5.94
CA PHE A 89 2.71 2.25 -4.64
C PHE A 89 4.09 1.77 -4.30
N VAL A 90 4.80 2.50 -3.57
CA VAL A 90 6.08 2.07 -3.15
C VAL A 90 5.86 1.24 -1.94
N ILE A 91 5.81 0.00 -2.17
CA ILE A 91 5.66 -1.00 -1.19
C ILE A 91 6.93 -1.82 -1.13
N GLY A 92 7.19 -2.39 -0.02
CA GLY A 92 8.33 -3.19 0.10
C GLY A 92 7.93 -4.58 0.46
N ARG A 93 8.73 -5.53 0.11
CA ARG A 93 8.40 -6.91 0.35
C ARG A 93 9.64 -7.61 0.91
N GLU A 94 9.39 -8.65 1.70
CA GLU A 94 10.44 -9.47 2.27
C GLU A 94 11.23 -10.20 1.17
#